data_6WA8
#
_entry.id   6WA8
#
_cell.length_a   161.745
_cell.length_b   101.902
_cell.length_c   184.016
_cell.angle_alpha   90.000
_cell.angle_beta   107.770
_cell.angle_gamma   90.000
#
_symmetry.space_group_name_H-M   'C 1 2 1'
#
loop_
_entity.id
_entity.type
_entity.pdbx_description
1 polymer 'Transcription termination factor Rho'
2 non-polymer "ADENOSINE-5'-TRIPHOSPHATE"
#
_entity_poly.entity_id   1
_entity_poly.type   'polypeptide(L)'
_entity_poly.pdbx_seq_one_letter_code
;MNLTELKNTPVSELITLGENMGLENLARMRKQDIIFAILKQHAKSGEDIFGDGVLEILQDGFGFLRSADSSYLAGPDDIY
VSPSQIRRFNLRTGDTISGKIRPPKEGERYFALLKVNEVNFDKPENARNKILFENLTPLHANSRLRMERGNGSTEDLTAR
VLDLASPIGRGQRGLIVAPPKAGKTMLLQNIAQSIAYNHPDCVLMVLLIDERPEEVTEMQRLVKGEVVASTFDEPASRHV
QVAEMVIEKAKRLVEHKKDVIILLDSITRLARAYNTVVPASGKVLTGGVDANALHRPKRFFGAARNVEEGGSLTIIATAL
IDTGSKMDEVIYEEFKGTGNMELHLSRKIAEKRVFPAIDYNRSGTRKEELLTTQEELQKMWILRKIIHPMGEIDAMEFLI
NKLAMTKTNDDFFEMMKRS
;
_entity_poly.pdbx_strand_id   A,B,C,D,E,F
#
loop_
_chem_comp.id
_chem_comp.type
_chem_comp.name
_chem_comp.formula
ATP non-polymer ADENOSINE-5'-TRIPHOSPHATE 'C10 H16 N5 O13 P3'
#
# COMPACT_ATOMS: atom_id res chain seq x y z
N MET A 1 22.17 45.11 -48.20
CA MET A 1 20.83 44.71 -48.61
C MET A 1 20.45 43.37 -48.01
N ASN A 2 20.57 43.27 -46.69
CA ASN A 2 20.33 42.03 -45.99
C ASN A 2 18.84 41.77 -45.87
N LEU A 3 18.41 40.58 -46.31
CA LEU A 3 16.99 40.23 -46.31
C LEU A 3 16.35 40.39 -44.93
N THR A 4 17.11 40.14 -43.86
CA THR A 4 16.57 40.25 -42.52
C THR A 4 16.11 41.68 -42.23
N GLU A 5 16.89 42.68 -42.64
CA GLU A 5 16.53 44.07 -42.37
C GLU A 5 15.19 44.43 -43.00
N LEU A 6 14.93 43.93 -44.21
CA LEU A 6 13.69 44.27 -44.90
C LEU A 6 12.48 43.63 -44.22
N LYS A 7 12.68 42.48 -43.56
CA LYS A 7 11.55 41.79 -42.95
C LYS A 7 11.00 42.53 -41.75
N ASN A 8 11.88 43.16 -40.96
CA ASN A 8 11.45 43.83 -39.74
C ASN A 8 11.02 45.27 -39.97
N THR A 9 11.57 45.95 -40.97
CA THR A 9 11.20 47.33 -41.23
C THR A 9 9.73 47.42 -41.62
N PRO A 10 9.05 48.51 -41.25
CA PRO A 10 7.62 48.63 -41.57
C PRO A 10 7.38 48.79 -43.06
N VAL A 11 6.16 48.48 -43.47
CA VAL A 11 5.81 48.52 -44.89
C VAL A 11 5.78 49.95 -45.41
N SER A 12 5.43 50.91 -44.54
CA SER A 12 5.36 52.30 -44.97
C SER A 12 6.74 52.82 -45.39
N GLU A 13 7.78 52.49 -44.61
CA GLU A 13 9.13 52.89 -44.96
C GLU A 13 9.76 51.97 -45.99
N LEU A 14 9.30 50.72 -46.08
CA LEU A 14 9.86 49.79 -47.06
C LEU A 14 9.62 50.25 -48.49
N ILE A 15 8.56 51.01 -48.73
CA ILE A 15 8.23 51.46 -50.07
C ILE A 15 8.86 52.82 -50.36
N THR A 16 8.75 53.77 -49.43
CA THR A 16 9.34 55.08 -49.63
C THR A 16 10.85 55.03 -49.79
N LEU A 17 11.50 53.98 -49.27
CA LEU A 17 12.93 53.79 -49.41
C LEU A 17 13.27 52.61 -50.33
N GLY A 18 12.33 52.17 -51.14
CA GLY A 18 12.56 51.08 -52.08
C GLY A 18 11.98 51.37 -53.44
N GLU A 19 11.30 52.50 -53.58
CA GLU A 19 10.66 52.90 -54.83
C GLU A 19 11.53 53.83 -55.67
N ASN A 20 12.56 54.45 -55.07
CA ASN A 20 13.35 55.45 -55.78
C ASN A 20 13.99 54.89 -57.04
N MET A 21 14.24 53.58 -57.08
CA MET A 21 14.80 52.92 -58.26
C MET A 21 13.83 52.00 -58.96
N GLY A 22 12.90 51.39 -58.23
CA GLY A 22 11.93 50.50 -58.83
C GLY A 22 10.86 51.26 -59.59
N LEU A 23 9.81 50.53 -59.94
CA LEU A 23 8.69 51.07 -60.69
C LEU A 23 7.50 51.29 -59.76
N GLU A 24 6.85 52.44 -59.88
CA GLU A 24 5.65 52.72 -59.09
C GLU A 24 4.50 51.80 -59.46
N ASN A 25 4.50 51.27 -60.68
CA ASN A 25 3.41 50.39 -61.10
C ASN A 25 3.33 49.15 -60.23
N LEU A 26 4.47 48.63 -59.79
CA LEU A 26 4.51 47.45 -58.94
C LEU A 26 4.81 47.77 -57.49
N ALA A 27 5.09 49.03 -57.16
CA ALA A 27 5.37 49.39 -55.77
C ALA A 27 4.09 49.43 -54.95
N ARG A 28 3.01 49.97 -55.51
CA ARG A 28 1.73 50.05 -54.81
C ARG A 28 0.83 48.86 -55.10
N MET A 29 0.96 48.23 -56.27
CA MET A 29 0.10 47.11 -56.61
C MET A 29 0.41 45.88 -55.75
N ARG A 30 1.68 45.68 -55.41
CA ARG A 30 2.09 44.50 -54.65
C ARG A 30 1.74 44.59 -53.18
N LYS A 31 1.23 45.73 -52.71
CA LYS A 31 0.95 45.88 -51.28
C LYS A 31 -0.23 45.01 -50.85
N GLN A 32 -1.24 44.87 -51.70
CA GLN A 32 -2.45 44.16 -51.32
C GLN A 32 -2.29 42.64 -51.37
N ASP A 33 -1.31 42.13 -52.10
CA ASP A 33 -1.17 40.68 -52.23
C ASP A 33 -0.43 40.09 -51.04
N ILE A 34 0.85 40.46 -50.87
CA ILE A 34 1.68 39.92 -49.80
C ILE A 34 2.94 40.77 -49.66
N ILE A 35 3.41 40.96 -48.43
CA ILE A 35 4.61 41.76 -48.19
C ILE A 35 5.86 41.03 -48.67
N PHE A 36 5.82 39.70 -48.71
CA PHE A 36 6.98 38.96 -49.23
C PHE A 36 7.21 39.26 -50.70
N ALA A 37 6.14 39.51 -51.46
CA ALA A 37 6.30 39.91 -52.85
C ALA A 37 7.00 41.26 -52.96
N ILE A 38 6.67 42.19 -52.06
CA ILE A 38 7.37 43.48 -52.03
C ILE A 38 8.83 43.28 -51.68
N LEU A 39 9.11 42.42 -50.70
CA LEU A 39 10.49 42.17 -50.30
C LEU A 39 11.30 41.59 -51.44
N LYS A 40 10.70 40.67 -52.21
CA LYS A 40 11.42 40.09 -53.34
C LYS A 40 11.50 41.06 -54.52
N GLN A 41 10.54 41.97 -54.64
CA GLN A 41 10.61 43.02 -55.66
C GLN A 41 11.75 43.98 -55.38
N HIS A 42 11.94 44.35 -54.12
CA HIS A 42 13.03 45.24 -53.76
C HIS A 42 14.37 44.54 -53.85
N ALA A 43 14.40 43.21 -53.83
CA ALA A 43 15.64 42.45 -53.91
C ALA A 43 15.97 41.94 -55.30
N LYS A 44 15.01 41.94 -56.22
CA LYS A 44 15.29 41.46 -57.57
C LYS A 44 16.13 42.45 -58.36
N SER A 45 16.06 43.74 -58.02
CA SER A 45 16.82 44.76 -58.73
C SER A 45 18.17 45.04 -58.09
N GLY A 46 18.26 44.94 -56.76
CA GLY A 46 19.51 45.21 -56.09
C GLY A 46 20.58 44.18 -56.44
N GLU A 47 21.83 44.63 -56.41
CA GLU A 47 22.97 43.79 -56.72
C GLU A 47 23.67 43.36 -55.44
N ASP A 48 24.09 42.09 -55.40
CA ASP A 48 24.78 41.51 -54.25
C ASP A 48 23.93 41.60 -52.98
N ILE A 49 22.75 40.99 -53.04
CA ILE A 49 21.87 40.94 -51.89
C ILE A 49 22.38 39.89 -50.91
N PHE A 50 22.17 40.13 -49.62
CA PHE A 50 22.71 39.29 -48.57
C PHE A 50 21.58 38.56 -47.83
N GLY A 51 21.97 37.73 -46.87
CA GLY A 51 21.02 36.98 -46.08
C GLY A 51 21.74 36.27 -44.95
N ASP A 52 20.95 35.82 -43.98
CA ASP A 52 21.51 35.16 -42.81
C ASP A 52 20.45 34.33 -42.11
N GLY A 53 20.91 33.37 -41.33
CA GLY A 53 20.01 32.53 -40.57
C GLY A 53 20.74 31.34 -39.98
N VAL A 54 20.04 30.64 -39.09
CA VAL A 54 20.58 29.45 -38.45
C VAL A 54 20.27 28.24 -39.34
N LEU A 55 21.30 27.43 -39.62
CA LEU A 55 21.16 26.35 -40.57
C LEU A 55 20.40 25.17 -39.96
N GLU A 56 19.42 24.67 -40.70
CA GLU A 56 18.67 23.46 -40.34
C GLU A 56 18.75 22.50 -41.52
N ILE A 57 19.45 21.39 -41.35
CA ILE A 57 19.63 20.41 -42.41
C ILE A 57 18.51 19.39 -42.33
N LEU A 58 17.88 19.11 -43.46
CA LEU A 58 16.74 18.20 -43.52
C LEU A 58 17.22 16.78 -43.78
N GLN A 59 16.26 15.86 -43.93
CA GLN A 59 16.58 14.45 -44.12
C GLN A 59 17.21 14.20 -45.48
N ASP A 60 16.71 14.87 -46.52
CA ASP A 60 17.15 14.60 -47.88
C ASP A 60 18.54 15.15 -48.19
N GLY A 61 19.19 15.84 -47.25
CA GLY A 61 20.53 16.33 -47.48
C GLY A 61 20.64 17.84 -47.54
N PHE A 62 19.67 18.49 -48.16
CA PHE A 62 19.67 19.94 -48.22
C PHE A 62 19.10 20.53 -46.94
N GLY A 63 19.25 21.83 -46.77
CA GLY A 63 18.80 22.51 -45.58
C GLY A 63 18.26 23.89 -45.89
N PHE A 64 17.88 24.60 -44.82
CA PHE A 64 17.34 25.95 -44.90
C PHE A 64 17.98 26.81 -43.82
N LEU A 65 17.67 28.10 -43.87
CA LEU A 65 18.17 29.08 -42.90
C LEU A 65 16.98 29.63 -42.13
N ARG A 66 16.71 29.05 -40.95
CA ARG A 66 15.63 29.50 -40.11
C ARG A 66 15.98 30.81 -39.41
N SER A 67 14.96 31.61 -39.14
CA SER A 67 15.13 32.91 -38.49
C SER A 67 14.84 32.79 -37.01
N ALA A 68 15.74 33.34 -36.19
CA ALA A 68 15.55 33.31 -34.74
C ALA A 68 14.38 34.16 -34.29
N ASP A 69 13.97 35.16 -35.09
CA ASP A 69 12.83 35.98 -34.72
C ASP A 69 11.54 35.15 -34.68
N SER A 70 11.35 34.28 -35.68
CA SER A 70 10.20 33.41 -35.74
C SER A 70 10.36 32.13 -34.93
N SER A 71 11.34 32.10 -34.02
CA SER A 71 11.64 30.91 -33.22
C SER A 71 11.92 29.70 -34.11
N TYR A 72 12.63 29.93 -35.21
CA TYR A 72 13.04 28.88 -36.14
C TYR A 72 11.82 28.16 -36.72
N LEU A 73 10.87 28.94 -37.22
CA LEU A 73 9.67 28.43 -37.87
C LEU A 73 9.84 28.46 -39.38
N ALA A 74 9.37 27.41 -40.05
CA ALA A 74 9.46 27.33 -41.49
C ALA A 74 8.58 28.39 -42.14
N GLY A 75 9.16 29.19 -43.01
CA GLY A 75 8.45 30.24 -43.69
C GLY A 75 8.95 30.47 -45.10
N PRO A 76 8.18 31.20 -45.90
CA PRO A 76 8.61 31.46 -47.29
C PRO A 76 9.87 32.30 -47.38
N ASP A 77 10.14 33.14 -46.38
CA ASP A 77 11.31 34.01 -46.38
C ASP A 77 12.58 33.29 -45.94
N ASP A 78 12.55 31.97 -45.79
CA ASP A 78 13.74 31.23 -45.43
C ASP A 78 14.63 31.03 -46.66
N ILE A 79 15.92 30.85 -46.42
CA ILE A 79 16.92 30.75 -47.47
C ILE A 79 17.28 29.28 -47.68
N TYR A 80 17.20 28.83 -48.92
CA TYR A 80 17.55 27.46 -49.26
C TYR A 80 19.06 27.30 -49.36
N VAL A 81 19.56 26.17 -48.89
CA VAL A 81 20.99 25.86 -48.89
C VAL A 81 21.18 24.56 -49.68
N SER A 82 21.93 24.65 -50.78
CA SER A 82 22.19 23.47 -51.59
C SER A 82 23.17 22.55 -50.89
N PRO A 83 23.04 21.23 -51.09
CA PRO A 83 24.00 20.29 -50.48
C PRO A 83 25.42 20.50 -50.94
N SER A 84 25.62 20.96 -52.18
CA SER A 84 26.97 21.21 -52.68
C SER A 84 27.71 22.19 -51.79
N GLN A 85 27.04 23.25 -51.35
CA GLN A 85 27.65 24.19 -50.42
C GLN A 85 28.04 23.49 -49.12
N ILE A 86 27.16 22.61 -48.63
CA ILE A 86 27.47 21.83 -47.43
C ILE A 86 28.68 20.93 -47.66
N ARG A 87 28.99 20.62 -48.93
CA ARG A 87 30.22 19.90 -49.23
C ARG A 87 31.44 20.82 -49.23
N ARG A 88 31.27 22.06 -49.66
CA ARG A 88 32.40 22.99 -49.70
C ARG A 88 32.82 23.40 -48.29
N PHE A 89 31.88 23.91 -47.51
CA PHE A 89 32.11 24.25 -46.11
C PHE A 89 31.44 23.19 -45.24
N ASN A 90 32.17 22.71 -44.24
CA ASN A 90 31.61 21.69 -43.36
C ASN A 90 30.55 22.32 -42.48
N LEU A 91 29.30 22.28 -42.94
CA LEU A 91 28.18 22.94 -42.28
C LEU A 91 27.27 21.89 -41.67
N ARG A 92 27.06 21.97 -40.37
CA ARG A 92 26.14 21.10 -39.65
C ARG A 92 24.94 21.89 -39.16
N THR A 93 23.94 21.18 -38.67
CA THR A 93 22.72 21.82 -38.20
C THR A 93 23.03 22.69 -36.98
N GLY A 94 22.51 23.92 -37.00
CA GLY A 94 22.74 24.86 -35.92
C GLY A 94 23.74 25.95 -36.23
N ASP A 95 24.40 25.91 -37.39
CA ASP A 95 25.40 26.91 -37.73
C ASP A 95 24.72 28.21 -38.14
N THR A 96 25.24 29.33 -37.62
CA THR A 96 24.76 30.65 -38.01
C THR A 96 25.47 31.06 -39.29
N ILE A 97 24.77 31.01 -40.42
CA ILE A 97 25.34 31.27 -41.73
C ILE A 97 24.85 32.62 -42.21
N SER A 98 25.79 33.48 -42.62
CA SER A 98 25.51 34.74 -43.28
C SER A 98 26.32 34.81 -44.56
N GLY A 99 25.72 35.37 -45.61
CA GLY A 99 26.41 35.44 -46.88
C GLY A 99 25.53 36.01 -47.96
N LYS A 100 26.05 35.96 -49.19
CA LYS A 100 25.36 36.51 -50.35
C LYS A 100 24.40 35.49 -50.92
N ILE A 101 23.19 35.93 -51.25
CA ILE A 101 22.19 35.11 -51.92
C ILE A 101 22.04 35.62 -53.34
N ARG A 102 21.71 34.72 -54.26
CA ARG A 102 21.61 35.12 -55.65
C ARG A 102 20.28 35.82 -55.92
N PRO A 103 20.26 36.76 -56.87
CA PRO A 103 19.02 37.50 -57.15
C PRO A 103 17.95 36.59 -57.69
N PRO A 104 16.69 36.78 -57.27
CA PRO A 104 15.60 35.92 -57.76
C PRO A 104 15.20 36.25 -59.19
N LYS A 105 14.22 35.51 -59.71
CA LYS A 105 13.67 35.75 -61.03
C LYS A 105 12.14 35.85 -60.91
N GLU A 106 11.48 36.05 -62.05
CA GLU A 106 10.03 36.15 -62.04
C GLU A 106 9.38 34.82 -61.68
N GLY A 107 9.97 33.71 -62.12
CA GLY A 107 9.46 32.39 -61.83
C GLY A 107 9.85 31.81 -60.50
N GLU A 108 10.67 32.52 -59.71
CA GLU A 108 11.10 32.02 -58.42
C GLU A 108 10.17 32.50 -57.31
N ARG A 109 10.16 31.75 -56.21
CA ARG A 109 9.33 32.08 -55.07
C ARG A 109 10.07 32.02 -53.74
N TYR A 110 11.36 31.70 -53.74
CA TYR A 110 12.15 31.65 -52.51
C TYR A 110 13.56 32.11 -52.82
N PHE A 111 14.39 32.15 -51.78
CA PHE A 111 15.77 32.60 -51.90
C PHE A 111 16.73 31.44 -51.70
N ALA A 112 17.86 31.52 -52.40
CA ALA A 112 18.90 30.50 -52.33
C ALA A 112 20.24 31.15 -52.08
N LEU A 113 21.08 30.49 -51.27
CA LEU A 113 22.36 31.03 -50.88
C LEU A 113 23.39 30.84 -51.98
N LEU A 114 24.15 31.90 -52.27
CA LEU A 114 25.21 31.85 -53.27
C LEU A 114 26.59 31.69 -52.66
N LYS A 115 26.97 32.59 -51.75
CA LYS A 115 28.24 32.52 -51.06
C LYS A 115 28.01 32.47 -49.55
N VAL A 116 28.90 31.77 -48.86
CA VAL A 116 28.88 31.67 -47.41
C VAL A 116 29.96 32.60 -46.87
N ASN A 117 29.54 33.74 -46.32
CA ASN A 117 30.50 34.74 -45.85
C ASN A 117 31.05 34.37 -44.49
N GLU A 118 30.18 34.01 -43.55
CA GLU A 118 30.60 33.69 -42.19
C GLU A 118 29.89 32.45 -41.70
N VAL A 119 30.59 31.67 -40.87
CA VAL A 119 30.05 30.47 -40.24
C VAL A 119 30.24 30.63 -38.74
N ASN A 120 29.12 30.76 -38.01
CA ASN A 120 29.14 30.97 -36.56
C ASN A 120 29.94 32.22 -36.20
N PHE A 121 29.56 33.34 -36.80
CA PHE A 121 30.19 34.65 -36.57
C PHE A 121 31.68 34.61 -36.86
N ASP A 122 32.09 33.80 -37.84
CA ASP A 122 33.50 33.66 -38.18
C ASP A 122 33.60 33.12 -39.60
N LYS A 123 34.63 33.56 -40.30
CA LYS A 123 34.91 33.05 -41.63
C LYS A 123 35.40 31.60 -41.53
N PRO A 124 35.31 30.84 -42.63
CA PRO A 124 35.84 29.47 -42.60
C PRO A 124 37.34 29.43 -42.44
N GLU A 125 37.80 29.05 -41.24
CA GLU A 125 39.22 29.06 -40.93
C GLU A 125 39.69 27.80 -40.23
N ASN A 126 38.82 26.81 -40.01
CA ASN A 126 39.15 25.59 -39.29
C ASN A 126 39.67 25.89 -37.88
N ALA A 127 39.17 26.95 -37.27
CA ALA A 127 39.38 27.20 -35.84
C ALA A 127 38.39 26.44 -34.98
N ARG A 128 37.60 25.55 -35.59
CA ARG A 128 36.56 24.75 -34.93
C ARG A 128 36.81 23.30 -35.34
N ASN A 129 37.72 22.64 -34.63
CA ASN A 129 38.15 21.31 -35.05
C ASN A 129 37.18 20.23 -34.57
N LYS A 130 37.07 20.06 -33.26
CA LYS A 130 36.28 18.96 -32.74
C LYS A 130 34.84 19.37 -32.49
N ILE A 131 33.96 18.38 -32.48
CA ILE A 131 32.55 18.59 -32.22
C ILE A 131 32.26 18.12 -30.80
N LEU A 132 31.04 18.39 -30.33
CA LEU A 132 30.66 17.99 -28.96
C LEU A 132 30.83 16.49 -28.74
N PHE A 133 30.80 15.70 -29.80
CA PHE A 133 31.03 14.26 -29.65
C PHE A 133 32.45 13.95 -29.21
N GLU A 134 33.42 14.75 -29.66
CA GLU A 134 34.84 14.47 -29.43
C GLU A 134 35.43 15.30 -28.29
N ASN A 135 34.70 16.27 -27.76
CA ASN A 135 35.24 17.11 -26.70
C ASN A 135 35.31 16.35 -25.39
N LEU A 136 36.43 16.50 -24.67
CA LEU A 136 36.56 15.90 -23.35
C LEU A 136 35.63 16.60 -22.37
N THR A 137 35.21 15.85 -21.35
CA THR A 137 34.20 16.32 -20.40
C THR A 137 34.77 16.30 -18.98
N PRO A 138 35.46 17.37 -18.55
CA PRO A 138 35.84 17.47 -17.14
C PRO A 138 34.64 17.81 -16.27
N LEU A 139 34.86 17.91 -14.96
CA LEU A 139 33.77 18.25 -14.06
C LEU A 139 33.38 19.72 -14.23
N HIS A 140 32.14 20.03 -13.84
CA HIS A 140 31.53 21.34 -14.06
C HIS A 140 32.03 22.37 -13.05
N ALA A 141 33.35 22.55 -13.01
CA ALA A 141 33.94 23.39 -11.98
C ALA A 141 35.07 24.26 -12.52
N ASN A 142 34.99 24.68 -13.78
CA ASN A 142 36.01 25.59 -14.30
C ASN A 142 35.88 26.97 -13.67
N SER A 143 34.66 27.48 -13.56
CA SER A 143 34.41 28.78 -12.95
C SER A 143 32.97 28.81 -12.45
N ARG A 144 32.75 29.53 -11.35
CA ARG A 144 31.44 29.59 -10.73
C ARG A 144 30.64 30.75 -11.32
N LEU A 145 29.50 30.42 -11.92
CA LEU A 145 28.54 31.44 -12.36
C LEU A 145 27.76 31.90 -11.13
N ARG A 146 28.25 32.96 -10.49
CA ARG A 146 27.67 33.45 -9.27
C ARG A 146 26.56 34.44 -9.61
N MET A 147 25.32 34.06 -9.33
CA MET A 147 24.16 34.94 -9.56
C MET A 147 24.10 36.09 -8.57
N GLU A 148 25.05 36.18 -7.64
CA GLU A 148 25.03 37.22 -6.62
C GLU A 148 25.29 38.58 -7.24
N ARG A 149 24.39 39.53 -6.97
CA ARG A 149 24.52 40.90 -7.42
C ARG A 149 24.77 41.80 -6.20
N GLY A 150 25.92 42.47 -6.18
CA GLY A 150 26.28 43.31 -5.06
C GLY A 150 25.55 44.63 -5.01
N ASN A 151 24.22 44.59 -5.05
CA ASN A 151 23.40 45.78 -4.99
C ASN A 151 22.43 45.81 -3.82
N GLY A 152 22.22 44.68 -3.14
CA GLY A 152 21.32 44.64 -2.01
C GLY A 152 19.85 44.84 -2.34
N SER A 153 19.47 44.76 -3.61
CA SER A 153 18.09 44.96 -4.00
C SER A 153 17.26 43.71 -3.69
N THR A 154 15.94 43.86 -3.81
CA THR A 154 15.05 42.73 -3.59
C THR A 154 15.26 41.62 -4.62
N GLU A 155 15.65 41.99 -5.84
CA GLU A 155 15.88 41.00 -6.89
C GLU A 155 17.05 40.09 -6.55
N ASP A 156 18.05 40.58 -5.81
CA ASP A 156 19.21 39.79 -5.46
C ASP A 156 18.94 38.80 -4.34
N LEU A 157 17.83 38.98 -3.61
CA LEU A 157 17.53 38.09 -2.48
C LEU A 157 17.44 36.63 -2.94
N THR A 158 16.59 36.37 -3.94
CA THR A 158 16.49 35.01 -4.47
C THR A 158 17.81 34.56 -5.07
N ALA A 159 18.50 35.45 -5.79
CA ALA A 159 19.80 35.10 -6.35
C ALA A 159 20.81 34.79 -5.26
N ARG A 160 20.77 35.55 -4.15
CA ARG A 160 21.72 35.29 -3.07
C ARG A 160 21.43 33.97 -2.39
N VAL A 161 20.16 33.65 -2.12
CA VAL A 161 19.86 32.37 -1.50
C VAL A 161 20.14 31.22 -2.46
N LEU A 162 20.06 31.47 -3.78
CA LEU A 162 20.43 30.45 -4.74
C LEU A 162 21.93 30.19 -4.72
N ASP A 163 22.72 31.26 -4.70
CA ASP A 163 24.17 31.09 -4.61
C ASP A 163 24.59 30.44 -3.30
N LEU A 164 23.85 30.70 -2.22
CA LEU A 164 24.19 30.08 -0.94
C LEU A 164 23.78 28.61 -0.91
N ALA A 165 22.66 28.26 -1.53
CA ALA A 165 22.17 26.89 -1.48
C ALA A 165 22.88 26.01 -2.49
N SER A 166 22.77 26.35 -3.78
CA SER A 166 23.31 25.54 -4.86
C SER A 166 24.01 26.43 -5.87
N PRO A 167 25.35 26.47 -5.86
CA PRO A 167 26.07 27.31 -6.84
C PRO A 167 25.89 26.80 -8.26
N ILE A 168 26.31 27.63 -9.20
CA ILE A 168 26.23 27.33 -10.63
C ILE A 168 27.63 27.48 -11.22
N GLY A 169 28.03 26.49 -12.04
CA GLY A 169 29.32 26.51 -12.69
C GLY A 169 29.17 26.48 -14.21
N ARG A 170 30.32 26.63 -14.88
CA ARG A 170 30.34 26.60 -16.33
C ARG A 170 30.16 25.17 -16.82
N GLY A 171 29.14 24.94 -17.64
CA GLY A 171 28.88 23.61 -18.17
C GLY A 171 28.28 22.67 -17.15
N GLN A 172 27.19 23.09 -16.52
CA GLN A 172 26.56 22.34 -15.44
C GLN A 172 25.14 21.96 -15.83
N ARG A 173 24.70 20.80 -15.35
CA ARG A 173 23.35 20.29 -15.59
C ARG A 173 22.47 20.69 -14.42
N GLY A 174 21.64 21.72 -14.63
CA GLY A 174 20.71 22.15 -13.61
C GLY A 174 19.36 21.47 -13.71
N LEU A 175 18.74 21.27 -12.56
CA LEU A 175 17.42 20.63 -12.48
C LEU A 175 16.61 21.35 -11.43
N ILE A 176 15.60 22.12 -11.86
CA ILE A 176 14.75 22.88 -10.96
C ILE A 176 13.45 22.09 -10.79
N VAL A 177 13.30 21.45 -9.64
CA VAL A 177 12.07 20.75 -9.30
C VAL A 177 11.06 21.77 -8.79
N ALA A 178 9.89 21.81 -9.40
CA ALA A 178 8.91 22.84 -9.06
C ALA A 178 7.48 22.30 -9.15
N PRO A 179 6.71 22.39 -8.07
CA PRO A 179 5.29 22.04 -8.12
C PRO A 179 4.53 23.07 -8.95
N PRO A 180 3.30 22.76 -9.36
CA PRO A 180 2.51 23.76 -10.09
C PRO A 180 2.11 24.90 -9.16
N LYS A 181 2.27 26.13 -9.65
CA LYS A 181 1.98 27.34 -8.89
C LYS A 181 2.83 27.41 -7.63
N ALA A 182 4.15 27.46 -7.84
CA ALA A 182 5.12 27.50 -6.76
C ALA A 182 6.18 28.58 -6.89
N GLY A 183 6.42 29.13 -8.08
CA GLY A 183 7.40 30.19 -8.24
C GLY A 183 8.52 29.94 -9.23
N LYS A 184 8.31 29.03 -10.17
CA LYS A 184 9.35 28.72 -11.15
C LYS A 184 9.47 29.77 -12.25
N THR A 185 8.41 30.53 -12.51
CA THR A 185 8.45 31.50 -13.61
C THR A 185 9.31 32.71 -13.24
N MET A 186 9.08 33.27 -12.06
CA MET A 186 9.87 34.44 -11.64
C MET A 186 11.29 34.04 -11.29
N LEU A 187 11.50 32.80 -10.84
CA LEU A 187 12.85 32.35 -10.49
C LEU A 187 13.76 32.41 -11.71
N LEU A 188 13.29 31.91 -12.86
CA LEU A 188 14.10 31.94 -14.08
C LEU A 188 14.33 33.38 -14.54
N GLN A 189 13.32 34.24 -14.43
CA GLN A 189 13.47 35.63 -14.83
C GLN A 189 14.52 36.34 -13.98
N ASN A 190 14.58 36.00 -12.69
CA ASN A 190 15.60 36.58 -11.82
C ASN A 190 16.98 36.06 -12.15
N ILE A 191 17.08 34.81 -12.60
CA ILE A 191 18.37 34.25 -12.98
C ILE A 191 18.81 34.77 -14.35
N ALA A 192 17.87 34.88 -15.30
CA ALA A 192 18.20 35.35 -16.64
C ALA A 192 18.73 36.77 -16.60
N GLN A 193 18.14 37.63 -15.77
CA GLN A 193 18.65 38.99 -15.63
C GLN A 193 20.03 38.98 -14.97
N SER A 194 20.25 38.06 -14.03
CA SER A 194 21.53 38.00 -13.35
C SER A 194 22.65 37.52 -14.27
N ILE A 195 22.31 36.76 -15.31
CA ILE A 195 23.32 36.30 -16.25
C ILE A 195 23.86 37.48 -17.08
N ALA A 196 22.95 38.19 -17.75
CA ALA A 196 23.36 39.29 -18.62
C ALA A 196 24.05 40.42 -17.87
N TYR A 197 23.80 40.55 -16.56
CA TYR A 197 24.41 41.60 -15.78
C TYR A 197 25.77 41.19 -15.22
N ASN A 198 25.90 39.93 -14.78
CA ASN A 198 27.15 39.45 -14.21
C ASN A 198 28.08 38.83 -15.25
N HIS A 199 27.52 38.12 -16.23
CA HIS A 199 28.29 37.41 -17.25
C HIS A 199 27.70 37.72 -18.63
N PRO A 200 28.09 38.85 -19.22
CA PRO A 200 27.55 39.21 -20.54
C PRO A 200 28.25 38.50 -21.70
N ASP A 201 29.41 37.88 -21.47
CA ASP A 201 30.11 37.19 -22.54
C ASP A 201 29.45 35.87 -22.90
N CYS A 202 28.64 35.31 -22.00
CA CYS A 202 28.00 34.02 -22.26
C CYS A 202 26.81 34.18 -23.18
N VAL A 203 26.64 33.22 -24.09
CA VAL A 203 25.51 33.20 -25.00
C VAL A 203 24.35 32.51 -24.28
N LEU A 204 23.34 33.27 -23.89
CA LEU A 204 22.22 32.75 -23.11
C LEU A 204 21.00 32.56 -24.01
N MET A 205 20.36 31.40 -23.87
CA MET A 205 19.15 31.07 -24.61
C MET A 205 18.11 30.55 -23.65
N VAL A 206 16.94 31.17 -23.65
CA VAL A 206 15.83 30.78 -22.80
C VAL A 206 14.82 30.04 -23.67
N LEU A 207 14.72 28.73 -23.46
CA LEU A 207 13.81 27.88 -24.22
C LEU A 207 12.55 27.64 -23.38
N LEU A 208 11.39 27.93 -23.98
CA LEU A 208 10.10 27.74 -23.34
C LEU A 208 9.32 26.71 -24.15
N ILE A 209 9.08 25.55 -23.56
CA ILE A 209 8.39 24.45 -24.22
C ILE A 209 6.95 24.40 -23.72
N ASP A 210 6.00 24.55 -24.64
CA ASP A 210 4.57 24.44 -24.35
C ASP A 210 4.15 25.44 -23.27
N GLU A 211 4.33 26.73 -23.59
CA GLU A 211 4.01 27.81 -22.68
C GLU A 211 2.96 28.71 -23.32
N ARG A 212 2.12 29.32 -22.48
CA ARG A 212 1.09 30.21 -22.97
C ARG A 212 1.70 31.46 -23.59
N PRO A 213 1.05 32.04 -24.60
CA PRO A 213 1.70 33.14 -25.35
C PRO A 213 1.98 34.38 -24.52
N GLU A 214 1.09 34.74 -23.60
CA GLU A 214 1.32 35.96 -22.82
C GLU A 214 2.56 35.83 -21.94
N GLU A 215 2.77 34.66 -21.35
CA GLU A 215 3.98 34.45 -20.56
C GLU A 215 5.23 34.42 -21.43
N VAL A 216 5.11 33.89 -22.65
CA VAL A 216 6.24 33.91 -23.58
C VAL A 216 6.62 35.36 -23.92
N THR A 217 5.62 36.20 -24.19
CA THR A 217 5.90 37.60 -24.47
C THR A 217 6.46 38.32 -23.25
N GLU A 218 6.00 37.95 -22.05
CA GLU A 218 6.58 38.52 -20.84
C GLU A 218 8.05 38.13 -20.70
N MET A 219 8.38 36.88 -21.03
CA MET A 219 9.75 36.41 -20.87
C MET A 219 10.68 37.03 -21.91
N GLN A 220 10.23 37.12 -23.17
CA GLN A 220 11.09 37.60 -24.24
C GLN A 220 11.30 39.11 -24.21
N ARG A 221 10.57 39.84 -23.37
CA ARG A 221 10.72 41.29 -23.29
C ARG A 221 11.60 41.72 -22.12
N LEU A 222 12.06 40.79 -21.29
CA LEU A 222 12.87 41.12 -20.12
C LEU A 222 14.21 40.38 -20.11
N VAL A 223 14.46 39.49 -21.06
CA VAL A 223 15.68 38.69 -21.11
C VAL A 223 16.51 39.18 -22.28
N LYS A 224 17.74 39.60 -22.00
CA LYS A 224 18.65 40.11 -23.02
C LYS A 224 19.33 39.01 -23.82
N GLY A 225 18.88 37.76 -23.68
CA GLY A 225 19.40 36.66 -24.46
C GLY A 225 18.50 36.33 -25.63
N GLU A 226 18.61 35.08 -26.09
CA GLU A 226 17.79 34.57 -27.18
C GLU A 226 16.63 33.78 -26.59
N VAL A 227 15.44 34.35 -26.63
CA VAL A 227 14.26 33.72 -26.05
C VAL A 227 13.50 33.02 -27.18
N VAL A 228 13.47 31.70 -27.14
CA VAL A 228 12.80 30.89 -28.14
C VAL A 228 11.72 30.07 -27.45
N ALA A 229 10.59 29.89 -28.14
CA ALA A 229 9.47 29.18 -27.54
C ALA A 229 8.58 28.62 -28.64
N SER A 230 7.72 27.70 -28.23
CA SER A 230 6.69 27.14 -29.11
C SER A 230 5.41 27.03 -28.28
N THR A 231 4.41 27.83 -28.63
CA THR A 231 3.20 27.92 -27.82
C THR A 231 2.44 26.60 -27.83
N PHE A 232 1.49 26.48 -26.89
CA PHE A 232 0.81 25.21 -26.67
C PHE A 232 -0.17 24.86 -27.79
N ASP A 233 -0.55 25.82 -28.64
CA ASP A 233 -1.43 25.56 -29.75
C ASP A 233 -0.69 25.05 -30.99
N GLU A 234 0.53 24.53 -30.80
CA GLU A 234 1.33 23.94 -31.86
C GLU A 234 1.59 22.48 -31.56
N PRO A 235 1.76 21.64 -32.59
CA PRO A 235 1.94 20.20 -32.36
C PRO A 235 3.25 19.92 -31.63
N ALA A 236 3.36 18.68 -31.15
CA ALA A 236 4.56 18.26 -30.43
C ALA A 236 5.80 18.27 -31.33
N SER A 237 5.60 18.04 -32.63
CA SER A 237 6.72 18.12 -33.56
C SER A 237 7.35 19.50 -33.56
N ARG A 238 6.56 20.55 -33.34
CA ARG A 238 7.10 21.90 -33.25
C ARG A 238 8.02 22.05 -32.04
N HIS A 239 7.58 21.54 -30.89
CA HIS A 239 8.42 21.59 -29.70
C HIS A 239 9.71 20.81 -29.90
N VAL A 240 9.60 19.62 -30.50
CA VAL A 240 10.79 18.81 -30.77
C VAL A 240 11.75 19.56 -31.69
N GLN A 241 11.23 20.16 -32.75
CA GLN A 241 12.07 20.89 -33.69
C GLN A 241 12.77 22.06 -33.01
N VAL A 242 12.02 22.82 -32.20
CA VAL A 242 12.62 23.98 -31.54
C VAL A 242 13.71 23.54 -30.57
N ALA A 243 13.44 22.49 -29.78
CA ALA A 243 14.43 22.01 -28.83
C ALA A 243 15.68 21.52 -29.54
N GLU A 244 15.51 20.77 -30.63
CA GLU A 244 16.68 20.25 -31.34
C GLU A 244 17.48 21.37 -32.00
N MET A 245 16.79 22.37 -32.57
CA MET A 245 17.49 23.50 -33.15
C MET A 245 18.29 24.25 -32.09
N VAL A 246 17.70 24.47 -30.91
CA VAL A 246 18.39 25.18 -29.86
C VAL A 246 19.61 24.39 -29.38
N ILE A 247 19.45 23.08 -29.20
CA ILE A 247 20.57 22.30 -28.69
C ILE A 247 21.69 22.20 -29.72
N GLU A 248 21.34 22.12 -31.01
CA GLU A 248 22.38 22.07 -32.04
C GLU A 248 23.10 23.40 -32.16
N LYS A 249 22.36 24.51 -32.07
CA LYS A 249 23.02 25.82 -32.06
C LYS A 249 23.95 25.95 -30.86
N ALA A 250 23.51 25.44 -29.70
CA ALA A 250 24.37 25.48 -28.51
C ALA A 250 25.63 24.66 -28.72
N LYS A 251 25.51 23.47 -29.32
CA LYS A 251 26.70 22.66 -29.61
C LYS A 251 27.64 23.38 -30.56
N ARG A 252 27.10 23.98 -31.63
CA ARG A 252 27.95 24.65 -32.60
C ARG A 252 28.62 25.88 -32.01
N LEU A 253 27.96 26.56 -31.06
CA LEU A 253 28.58 27.70 -30.41
C LEU A 253 29.63 27.28 -29.38
N VAL A 254 29.39 26.16 -28.67
CA VAL A 254 30.39 25.65 -27.74
C VAL A 254 31.63 25.18 -28.49
N GLU A 255 31.45 24.65 -29.71
CA GLU A 255 32.60 24.25 -30.52
C GLU A 255 33.55 25.41 -30.79
N HIS A 256 33.10 26.66 -30.64
CA HIS A 256 33.94 27.83 -30.84
C HIS A 256 34.49 28.38 -29.52
N LYS A 257 34.70 27.51 -28.53
CA LYS A 257 35.27 27.89 -27.24
C LYS A 257 34.42 28.93 -26.51
N LYS A 258 33.12 28.94 -26.77
CA LYS A 258 32.21 29.88 -26.15
C LYS A 258 31.47 29.25 -24.98
N ASP A 259 31.05 30.08 -24.03
CA ASP A 259 30.27 29.65 -22.88
C ASP A 259 28.80 29.89 -23.17
N VAL A 260 28.05 28.81 -23.35
CA VAL A 260 26.64 28.87 -23.70
C VAL A 260 25.81 28.40 -22.52
N ILE A 261 24.73 29.11 -22.23
CA ILE A 261 23.81 28.79 -21.15
C ILE A 261 22.42 28.60 -21.75
N ILE A 262 21.73 27.56 -21.29
CA ILE A 262 20.38 27.25 -21.76
C ILE A 262 19.47 27.14 -20.53
N LEU A 263 18.46 27.99 -20.48
CA LEU A 263 17.43 27.93 -19.45
C LEU A 263 16.19 27.29 -20.07
N LEU A 264 16.01 26.00 -19.80
CA LEU A 264 14.91 25.22 -20.38
C LEU A 264 13.74 25.19 -19.40
N ASP A 265 12.54 25.44 -19.92
CA ASP A 265 11.33 25.42 -19.12
C ASP A 265 10.49 24.21 -19.49
N SER A 266 10.01 23.50 -18.47
CA SER A 266 9.12 22.34 -18.64
C SER A 266 9.80 21.26 -19.50
N ILE A 267 10.89 20.71 -18.96
CA ILE A 267 11.53 19.57 -19.60
C ILE A 267 10.58 18.37 -19.63
N THR A 268 9.68 18.28 -18.65
CA THR A 268 8.70 17.21 -18.65
C THR A 268 7.79 17.30 -19.86
N ARG A 269 7.36 18.51 -20.22
CA ARG A 269 6.51 18.67 -21.40
C ARG A 269 7.28 18.39 -22.68
N LEU A 270 8.58 18.69 -22.71
CA LEU A 270 9.40 18.30 -23.86
C LEU A 270 9.48 16.78 -23.98
N ALA A 271 9.63 16.09 -22.85
CA ALA A 271 9.63 14.64 -22.88
C ALA A 271 8.28 14.08 -23.31
N ARG A 272 7.19 14.75 -22.92
CA ARG A 272 5.87 14.34 -23.38
C ARG A 272 5.74 14.52 -24.89
N ALA A 273 6.24 15.65 -25.41
CA ALA A 273 6.24 15.87 -26.86
C ALA A 273 7.03 14.79 -27.58
N TYR A 274 8.20 14.43 -27.03
CA TYR A 274 8.99 13.36 -27.64
C TYR A 274 8.25 12.03 -27.61
N ASN A 275 7.63 11.70 -26.48
CA ASN A 275 6.85 10.46 -26.38
C ASN A 275 5.70 10.46 -27.38
N THR A 276 5.13 11.63 -27.66
CA THR A 276 4.05 11.70 -28.64
C THR A 276 4.59 11.54 -30.06
N VAL A 277 5.78 12.07 -30.34
CA VAL A 277 6.31 12.04 -31.70
C VAL A 277 7.02 10.71 -31.98
N VAL A 278 7.76 10.20 -30.99
CA VAL A 278 8.52 8.95 -31.21
C VAL A 278 7.56 7.80 -31.45
N PRO A 279 7.76 6.98 -32.48
CA PRO A 279 6.84 5.87 -32.74
C PRO A 279 6.85 4.84 -31.63
N ALA A 280 5.82 4.01 -31.62
CA ALA A 280 5.68 2.96 -30.60
C ALA A 280 6.77 1.92 -30.80
N SER A 281 7.68 1.80 -29.83
CA SER A 281 8.79 0.86 -29.88
C SER A 281 8.45 -0.33 -28.98
N GLY A 282 7.90 -1.38 -29.58
CA GLY A 282 7.55 -2.58 -28.85
C GLY A 282 6.42 -2.42 -27.85
N LYS A 283 5.77 -1.25 -27.80
CA LYS A 283 4.68 -0.98 -26.87
C LYS A 283 5.09 -1.24 -25.42
N VAL A 284 6.35 -1.02 -25.10
CA VAL A 284 6.86 -1.20 -23.74
C VAL A 284 6.70 0.14 -23.03
N LEU A 285 5.53 0.35 -22.44
CA LEU A 285 5.21 1.60 -21.76
C LEU A 285 5.01 1.32 -20.27
N THR A 286 5.57 2.19 -19.44
CA THR A 286 5.47 2.09 -17.99
C THR A 286 4.91 3.41 -17.46
N GLY A 287 3.70 3.36 -16.92
CA GLY A 287 3.03 4.55 -16.44
C GLY A 287 2.44 5.44 -17.51
N GLY A 288 2.42 4.98 -18.76
CA GLY A 288 1.85 5.74 -19.86
C GLY A 288 2.87 6.31 -20.82
N VAL A 289 4.17 6.17 -20.55
CA VAL A 289 5.22 6.71 -21.41
C VAL A 289 6.05 5.55 -21.95
N ASP A 290 6.55 5.73 -23.17
CA ASP A 290 7.45 4.76 -23.76
C ASP A 290 8.88 5.02 -23.28
N ALA A 291 9.55 3.96 -22.84
CA ALA A 291 10.90 4.12 -22.30
C ALA A 291 11.87 4.58 -23.37
N ASN A 292 11.89 3.89 -24.52
CA ASN A 292 12.81 4.23 -25.60
C ASN A 292 12.62 5.65 -26.10
N ALA A 293 11.45 6.25 -25.87
CA ALA A 293 11.25 7.64 -26.25
C ALA A 293 12.08 8.57 -25.37
N LEU A 294 12.12 8.31 -24.06
CA LEU A 294 12.85 9.17 -23.13
C LEU A 294 14.33 9.24 -23.42
N HIS A 295 14.86 8.38 -24.29
CA HIS A 295 16.24 8.50 -24.71
C HIS A 295 16.51 9.82 -25.42
N ARG A 296 15.52 10.33 -26.17
CA ARG A 296 15.75 11.57 -26.92
C ARG A 296 15.84 12.79 -26.02
N PRO A 297 14.95 13.01 -25.05
CA PRO A 297 15.15 14.17 -24.14
C PRO A 297 16.44 14.10 -23.35
N LYS A 298 16.79 12.90 -22.86
CA LYS A 298 17.99 12.75 -22.04
C LYS A 298 19.23 13.29 -22.76
N ARG A 299 19.38 12.95 -24.04
CA ARG A 299 20.52 13.45 -24.81
C ARG A 299 20.58 14.97 -24.77
N PHE A 300 19.43 15.63 -24.90
CA PHE A 300 19.36 17.08 -24.70
C PHE A 300 20.00 17.44 -23.37
N PHE A 301 19.45 16.89 -22.28
CA PHE A 301 20.04 17.11 -20.96
C PHE A 301 21.48 16.61 -20.92
N GLY A 302 21.78 15.55 -21.67
CA GLY A 302 23.13 15.04 -21.72
C GLY A 302 24.11 15.92 -22.46
N ALA A 303 23.62 16.89 -23.24
CA ALA A 303 24.52 17.75 -23.99
C ALA A 303 25.26 18.72 -23.08
N ALA A 304 24.64 19.14 -21.98
CA ALA A 304 25.28 20.07 -21.07
C ALA A 304 26.51 19.45 -20.42
N ARG A 305 27.64 20.13 -20.55
CA ARG A 305 28.91 19.61 -20.06
C ARG A 305 29.95 20.73 -20.10
N ASN A 306 31.07 20.49 -19.44
CA ASN A 306 32.22 21.37 -19.51
C ASN A 306 33.22 20.78 -20.50
N VAL A 307 33.92 21.67 -21.20
CA VAL A 307 34.84 21.29 -22.27
C VAL A 307 36.27 21.57 -21.81
N GLU A 308 37.14 20.56 -21.93
CA GLU A 308 38.53 20.73 -21.54
C GLU A 308 39.26 21.65 -22.51
N GLU A 309 38.91 21.58 -23.81
CA GLU A 309 39.59 22.40 -24.79
C GLU A 309 39.22 23.87 -24.66
N GLY A 310 38.05 24.16 -24.13
CA GLY A 310 37.58 25.52 -23.94
C GLY A 310 36.09 25.63 -24.20
N GLY A 311 35.44 26.55 -23.49
CA GLY A 311 34.01 26.71 -23.58
C GLY A 311 33.26 25.81 -22.62
N SER A 312 31.95 26.04 -22.55
CA SER A 312 31.09 25.27 -21.65
C SER A 312 29.66 25.36 -22.15
N LEU A 313 28.86 24.37 -21.76
CA LEU A 313 27.44 24.30 -22.11
C LEU A 313 26.66 24.02 -20.83
N THR A 314 26.02 25.06 -20.30
CA THR A 314 25.22 24.95 -19.08
C THR A 314 23.75 24.91 -19.43
N ILE A 315 23.04 23.92 -18.90
CA ILE A 315 21.61 23.74 -19.14
C ILE A 315 20.93 23.55 -17.80
N ILE A 316 19.95 24.41 -17.51
CA ILE A 316 19.17 24.34 -16.28
C ILE A 316 17.72 24.17 -16.68
N ALA A 317 17.21 22.94 -16.58
CA ALA A 317 15.86 22.61 -16.97
C ALA A 317 14.96 22.50 -15.74
N THR A 318 13.71 22.94 -15.88
CA THR A 318 12.74 22.89 -14.80
C THR A 318 11.92 21.61 -14.92
N ALA A 319 12.01 20.75 -13.91
CA ALA A 319 11.28 19.49 -13.88
C ALA A 319 9.96 19.69 -13.14
N LEU A 320 8.85 19.45 -13.83
CA LEU A 320 7.53 19.62 -13.24
C LEU A 320 7.17 18.39 -12.42
N ILE A 321 6.69 18.62 -11.19
CA ILE A 321 6.29 17.55 -10.29
C ILE A 321 4.97 17.94 -9.64
N ASP A 322 4.28 16.94 -9.08
CA ASP A 322 2.99 17.12 -8.41
C ASP A 322 1.96 17.72 -9.37
N THR A 323 1.94 17.20 -10.60
CA THR A 323 0.99 17.66 -11.61
C THR A 323 -0.27 16.82 -11.68
N GLY A 324 -0.27 15.64 -11.05
CA GLY A 324 -1.40 14.75 -11.05
C GLY A 324 -1.36 13.67 -12.10
N SER A 325 -0.50 13.81 -13.11
CA SER A 325 -0.37 12.82 -14.18
C SER A 325 0.85 11.97 -13.92
N LYS A 326 0.69 10.65 -14.04
CA LYS A 326 1.81 9.73 -13.86
C LYS A 326 2.88 9.91 -14.93
N MET A 327 2.53 10.52 -16.07
CA MET A 327 3.50 10.77 -17.13
C MET A 327 4.65 11.64 -16.61
N ASP A 328 4.32 12.80 -16.03
CA ASP A 328 5.35 13.68 -15.51
C ASP A 328 6.12 13.03 -14.36
N GLU A 329 5.44 12.22 -13.55
CA GLU A 329 6.13 11.53 -12.45
C GLU A 329 7.18 10.57 -12.98
N VAL A 330 6.82 9.76 -13.98
CA VAL A 330 7.77 8.82 -14.55
C VAL A 330 8.90 9.56 -15.26
N ILE A 331 8.59 10.68 -15.91
CA ILE A 331 9.63 11.48 -16.55
C ILE A 331 10.63 11.99 -15.53
N TYR A 332 10.13 12.56 -14.43
CA TYR A 332 11.01 13.07 -13.39
C TYR A 332 11.80 11.95 -12.72
N GLU A 333 11.21 10.77 -12.57
CA GLU A 333 11.95 9.66 -11.96
C GLU A 333 13.02 9.12 -12.89
N GLU A 334 12.78 9.14 -14.20
CA GLU A 334 13.83 8.76 -15.14
C GLU A 334 14.91 9.83 -15.26
N PHE A 335 14.58 11.09 -14.95
CA PHE A 335 15.56 12.18 -14.88
C PHE A 335 16.02 12.44 -13.45
N LYS A 336 15.93 11.44 -12.58
CA LYS A 336 16.23 11.66 -11.16
C LYS A 336 17.74 11.77 -10.92
N GLY A 337 18.49 10.72 -11.24
CA GLY A 337 19.91 10.71 -10.97
C GLY A 337 20.77 11.10 -12.15
N THR A 338 20.26 12.01 -12.98
CA THR A 338 20.97 12.47 -14.17
C THR A 338 21.69 13.79 -13.96
N GLY A 339 21.05 14.75 -13.32
CA GLY A 339 21.67 16.06 -13.15
C GLY A 339 22.71 16.08 -12.05
N ASN A 340 23.65 17.01 -12.18
CA ASN A 340 24.69 17.25 -11.18
C ASN A 340 24.39 18.48 -10.32
N MET A 341 23.19 19.03 -10.41
CA MET A 341 22.78 20.17 -9.61
C MET A 341 21.26 20.15 -9.50
N GLU A 342 20.75 20.23 -8.27
CA GLU A 342 19.32 20.16 -8.02
C GLU A 342 18.87 21.35 -7.18
N LEU A 343 17.74 21.93 -7.55
CA LEU A 343 17.14 23.05 -6.83
C LEU A 343 15.66 22.78 -6.70
N HIS A 344 15.20 22.48 -5.50
CA HIS A 344 13.81 22.10 -5.25
C HIS A 344 13.03 23.29 -4.71
N LEU A 345 11.77 23.39 -5.10
CA LEU A 345 10.85 24.40 -4.60
C LEU A 345 9.75 23.73 -3.80
N SER A 346 9.39 24.34 -2.67
CA SER A 346 8.35 23.81 -1.79
C SER A 346 7.11 24.68 -1.94
N ARG A 347 5.98 24.03 -2.26
CA ARG A 347 4.73 24.76 -2.41
C ARG A 347 4.21 25.27 -1.06
N LYS A 348 4.64 24.68 0.05
CA LYS A 348 4.22 25.16 1.35
C LYS A 348 4.92 26.44 1.75
N ILE A 349 6.06 26.76 1.13
CA ILE A 349 6.71 28.03 1.38
C ILE A 349 6.14 29.14 0.50
N ALA A 350 5.74 28.80 -0.74
CA ALA A 350 5.18 29.80 -1.64
C ALA A 350 3.81 30.28 -1.18
N GLU A 351 3.06 29.45 -0.44
CA GLU A 351 1.76 29.87 0.04
C GLU A 351 1.85 30.92 1.13
N LYS A 352 3.00 31.04 1.80
CA LYS A 352 3.21 32.06 2.81
C LYS A 352 3.82 33.34 2.27
N ARG A 353 3.91 33.45 0.94
CA ARG A 353 4.45 34.64 0.27
C ARG A 353 5.89 34.94 0.67
N VAL A 354 6.62 33.89 1.09
CA VAL A 354 8.08 33.97 1.22
C VAL A 354 8.62 33.45 -0.12
N PHE A 355 8.82 34.38 -1.04
CA PHE A 355 8.99 34.09 -2.47
C PHE A 355 10.25 33.29 -2.80
N PRO A 356 11.42 33.55 -2.19
CA PRO A 356 12.55 32.65 -2.45
C PRO A 356 12.34 31.30 -1.81
N ALA A 357 11.36 30.54 -2.31
CA ALA A 357 10.89 29.30 -1.68
C ALA A 357 11.78 28.14 -2.13
N ILE A 358 12.91 28.00 -1.46
CA ILE A 358 13.88 26.94 -1.74
C ILE A 358 13.83 25.92 -0.61
N ASP A 359 13.82 24.65 -0.97
CA ASP A 359 13.98 23.56 0.00
C ASP A 359 15.48 23.41 0.25
N TYR A 360 15.98 24.14 1.24
CA TYR A 360 17.42 24.20 1.47
C TYR A 360 18.01 22.83 1.77
N ASN A 361 17.23 21.94 2.39
CA ASN A 361 17.70 20.60 2.70
C ASN A 361 17.77 19.70 1.49
N ARG A 362 17.00 19.99 0.44
CA ARG A 362 16.97 19.19 -0.78
C ARG A 362 17.46 19.99 -1.98
N SER A 363 18.54 20.73 -1.80
CA SER A 363 19.12 21.52 -2.89
C SER A 363 20.62 21.62 -2.68
N GLY A 364 21.38 21.26 -3.70
CA GLY A 364 22.83 21.31 -3.62
C GLY A 364 23.45 20.88 -4.93
N THR A 365 24.77 21.00 -5.00
CA THR A 365 25.53 20.66 -6.19
C THR A 365 26.64 19.69 -5.84
N ARG A 366 26.78 18.63 -6.63
CA ARG A 366 27.86 17.67 -6.44
C ARG A 366 29.17 18.26 -6.95
N LYS A 367 30.27 17.82 -6.32
CA LYS A 367 31.62 18.30 -6.66
C LYS A 367 31.71 19.82 -6.55
N GLU A 368 31.10 20.37 -5.50
CA GLU A 368 31.12 21.81 -5.26
C GLU A 368 32.41 22.31 -4.65
N GLU A 369 33.38 21.41 -4.38
CA GLU A 369 34.63 21.83 -3.77
C GLU A 369 35.43 22.75 -4.68
N LEU A 370 35.38 22.53 -5.99
CA LEU A 370 36.16 23.30 -6.94
C LEU A 370 35.41 24.51 -7.47
N LEU A 371 34.14 24.71 -7.07
CA LEU A 371 33.38 25.87 -7.49
C LEU A 371 33.50 27.04 -6.52
N THR A 372 34.13 26.84 -5.36
CA THR A 372 34.30 27.88 -4.38
C THR A 372 35.77 27.97 -3.97
N THR A 373 36.11 29.02 -3.23
CA THR A 373 37.48 29.19 -2.76
C THR A 373 37.76 28.24 -1.59
N GLN A 374 38.95 28.38 -1.00
CA GLN A 374 39.34 27.49 0.09
C GLN A 374 38.49 27.75 1.34
N GLU A 375 38.53 28.99 1.85
CA GLU A 375 37.78 29.32 3.05
C GLU A 375 36.29 29.51 2.80
N GLU A 376 35.88 29.63 1.54
CA GLU A 376 34.45 29.78 1.25
C GLU A 376 33.69 28.48 1.48
N LEU A 377 34.36 27.33 1.31
CA LEU A 377 33.70 26.06 1.52
C LEU A 377 33.36 25.84 2.99
N GLN A 378 34.28 26.18 3.88
CA GLN A 378 34.08 25.92 5.31
C GLN A 378 32.91 26.71 5.86
N LYS A 379 32.82 28.00 5.52
CA LYS A 379 31.70 28.80 6.00
C LYS A 379 30.38 28.32 5.42
N MET A 380 30.37 27.90 4.15
CA MET A 380 29.16 27.35 3.56
C MET A 380 28.71 26.09 4.28
N TRP A 381 29.65 25.19 4.58
CA TRP A 381 29.27 23.95 5.26
C TRP A 381 28.83 24.22 6.70
N ILE A 382 29.46 25.18 7.36
CA ILE A 382 29.04 25.54 8.71
C ILE A 382 27.63 26.13 8.70
N LEU A 383 27.34 26.97 7.71
CA LEU A 383 25.99 27.53 7.59
C LEU A 383 24.98 26.43 7.28
N ARG A 384 25.34 25.47 6.43
CA ARG A 384 24.43 24.38 6.11
C ARG A 384 24.22 23.46 7.31
N LYS A 385 25.21 23.37 8.21
CA LYS A 385 25.06 22.50 9.37
C LYS A 385 24.08 23.06 10.39
N ILE A 386 23.78 24.36 10.35
CA ILE A 386 22.81 24.94 11.25
C ILE A 386 21.42 25.09 10.61
N ILE A 387 21.33 24.99 9.28
CA ILE A 387 20.02 24.97 8.61
C ILE A 387 19.42 23.57 8.59
N HIS A 388 20.20 22.54 8.92
CA HIS A 388 19.67 21.18 8.94
C HIS A 388 18.51 21.01 9.93
N PRO A 389 18.59 21.44 11.18
CA PRO A 389 17.48 21.22 12.11
C PRO A 389 16.32 22.21 11.97
N MET A 390 16.28 23.01 10.91
CA MET A 390 15.18 23.96 10.76
C MET A 390 13.89 23.25 10.35
N GLY A 391 13.91 22.57 9.21
CA GLY A 391 12.74 21.85 8.74
C GLY A 391 12.47 22.05 7.27
N GLU A 392 11.22 22.33 6.91
CA GLU A 392 10.82 22.53 5.53
C GLU A 392 10.43 23.96 5.20
N ILE A 393 9.95 24.73 6.18
CA ILE A 393 9.56 26.11 5.94
C ILE A 393 10.26 27.09 6.87
N ASP A 394 10.73 26.66 8.04
CA ASP A 394 11.39 27.56 8.98
C ASP A 394 12.78 27.98 8.52
N ALA A 395 13.30 27.36 7.45
CA ALA A 395 14.63 27.73 6.97
C ALA A 395 14.60 29.03 6.16
N MET A 396 13.55 29.22 5.36
CA MET A 396 13.50 30.41 4.51
C MET A 396 13.24 31.67 5.31
N GLU A 397 12.43 31.57 6.36
CA GLU A 397 12.20 32.74 7.22
C GLU A 397 13.51 33.21 7.85
N PHE A 398 14.31 32.26 8.36
CA PHE A 398 15.59 32.62 8.97
C PHE A 398 16.58 33.11 7.91
N LEU A 399 16.54 32.54 6.71
CA LEU A 399 17.43 32.99 5.66
C LEU A 399 17.05 34.36 5.13
N ILE A 400 15.80 34.78 5.28
CA ILE A 400 15.37 36.09 4.81
C ILE A 400 15.57 37.15 5.88
N ASN A 401 15.20 36.88 7.13
CA ASN A 401 15.36 37.89 8.17
C ASN A 401 16.82 38.15 8.52
N LYS A 402 17.74 37.30 8.07
CA LYS A 402 19.16 37.50 8.31
C LYS A 402 19.91 38.03 7.10
N LEU A 403 19.39 37.82 5.89
CA LEU A 403 20.10 38.24 4.68
C LEU A 403 19.92 39.72 4.38
N ALA A 404 18.85 40.34 4.88
CA ALA A 404 18.61 41.76 4.65
C ALA A 404 19.46 42.66 5.54
N MET A 405 20.34 42.09 6.36
CA MET A 405 21.18 42.87 7.26
C MET A 405 22.64 42.93 6.84
N THR A 406 23.17 41.87 6.23
CA THR A 406 24.55 41.82 5.80
C THR A 406 24.65 42.16 4.31
N LYS A 407 25.89 42.18 3.81
CA LYS A 407 26.13 42.38 2.38
C LYS A 407 25.89 41.07 1.65
N THR A 408 26.27 41.03 0.37
CA THR A 408 26.01 39.84 -0.44
C THR A 408 27.12 38.80 -0.25
N ASN A 409 28.38 39.23 -0.28
CA ASN A 409 29.49 38.28 -0.19
C ASN A 409 29.60 37.68 1.21
N ASP A 410 29.61 38.53 2.23
CA ASP A 410 29.82 38.09 3.61
C ASP A 410 28.47 38.09 4.33
N ASP A 411 27.89 36.90 4.50
CA ASP A 411 26.69 36.74 5.31
C ASP A 411 26.99 36.33 6.74
N PHE A 412 28.09 35.59 6.97
CA PHE A 412 28.51 35.22 8.30
C PHE A 412 29.85 35.81 8.70
N PHE A 413 30.68 36.25 7.76
CA PHE A 413 31.93 36.90 8.10
C PHE A 413 31.69 38.18 8.89
N GLU A 414 30.59 38.88 8.60
CA GLU A 414 30.25 40.08 9.36
C GLU A 414 29.73 39.71 10.75
N MET A 415 28.72 38.84 10.81
CA MET A 415 28.16 38.38 12.08
C MET A 415 28.90 37.12 12.49
N MET A 416 30.00 37.29 13.20
CA MET A 416 30.84 36.16 13.61
C MET A 416 30.21 35.34 14.73
N LYS A 417 29.11 35.78 15.30
CA LYS A 417 28.44 35.02 16.36
C LYS A 417 27.40 34.07 15.77
N MET B 1 50.95 0.53 -40.69
CA MET B 1 50.14 1.41 -39.87
C MET B 1 49.31 0.57 -38.91
N ASN B 2 49.24 0.98 -37.65
CA ASN B 2 48.48 0.27 -36.63
C ASN B 2 47.18 1.00 -36.34
N LEU B 3 46.05 0.30 -36.53
CA LEU B 3 44.73 0.90 -36.31
C LEU B 3 44.56 1.35 -34.87
N THR B 4 44.83 0.46 -33.91
CA THR B 4 44.64 0.78 -32.49
C THR B 4 45.37 2.06 -32.09
N GLU B 5 46.58 2.26 -32.61
CA GLU B 5 47.31 3.49 -32.34
C GLU B 5 46.52 4.71 -32.81
N LEU B 6 45.86 4.60 -33.97
CA LEU B 6 45.04 5.71 -34.44
C LEU B 6 43.88 5.99 -33.51
N LYS B 7 43.18 4.92 -33.10
CA LYS B 7 42.03 5.08 -32.21
C LYS B 7 42.43 5.61 -30.83
N ASN B 8 43.69 5.44 -30.43
CA ASN B 8 44.17 5.95 -29.15
C ASN B 8 44.84 7.31 -29.27
N THR B 9 45.06 7.82 -30.49
CA THR B 9 45.64 9.15 -30.62
C THR B 9 44.55 10.23 -30.62
N PRO B 10 44.85 11.40 -30.06
CA PRO B 10 43.83 12.46 -29.97
C PRO B 10 43.37 12.93 -31.34
N VAL B 11 42.12 13.43 -31.37
CA VAL B 11 41.54 13.89 -32.63
C VAL B 11 42.35 15.03 -33.22
N SER B 12 42.97 15.86 -32.38
CA SER B 12 43.80 16.94 -32.89
C SER B 12 44.96 16.40 -33.71
N GLU B 13 45.52 15.26 -33.30
CA GLU B 13 46.60 14.64 -34.06
C GLU B 13 46.08 13.90 -35.29
N LEU B 14 44.85 13.41 -35.24
CA LEU B 14 44.27 12.75 -36.40
C LEU B 14 44.13 13.71 -37.58
N ILE B 15 43.79 14.97 -37.29
CA ILE B 15 43.64 15.96 -38.36
C ILE B 15 44.99 16.30 -38.95
N THR B 16 46.00 16.51 -38.11
CA THR B 16 47.32 16.87 -38.61
C THR B 16 47.94 15.73 -39.41
N LEU B 17 47.78 14.49 -38.92
CA LEU B 17 48.32 13.34 -39.64
C LEU B 17 47.44 12.93 -40.82
N GLY B 18 46.15 13.26 -40.77
CA GLY B 18 45.26 12.89 -41.85
C GLY B 18 45.21 13.90 -42.98
N GLU B 19 45.38 15.18 -42.66
CA GLU B 19 45.37 16.21 -43.70
C GLU B 19 46.63 16.14 -44.55
N ASN B 20 47.74 15.67 -43.97
CA ASN B 20 48.98 15.49 -44.72
C ASN B 20 48.91 14.33 -45.71
N MET B 21 47.81 13.59 -45.73
CA MET B 21 47.61 12.50 -46.66
C MET B 21 46.73 12.87 -47.85
N GLY B 22 46.18 14.08 -47.86
CA GLY B 22 45.33 14.51 -48.94
C GLY B 22 43.84 14.59 -48.64
N LEU B 23 43.44 14.73 -47.37
CA LEU B 23 42.05 14.81 -46.99
C LEU B 23 41.74 16.19 -46.43
N GLU B 24 40.56 16.72 -46.79
CA GLU B 24 40.17 18.07 -46.44
C GLU B 24 38.87 18.16 -45.66
N ASN B 25 37.96 17.20 -45.81
CA ASN B 25 36.68 17.22 -45.13
C ASN B 25 36.73 16.57 -43.75
N LEU B 26 37.92 16.44 -43.17
CA LEU B 26 38.08 15.88 -41.84
C LEU B 26 37.93 16.91 -40.73
N ALA B 27 37.48 18.12 -41.07
CA ALA B 27 37.40 19.20 -40.09
C ALA B 27 36.44 18.88 -38.95
N ARG B 28 35.15 18.79 -39.24
CA ARG B 28 34.12 18.53 -38.23
C ARG B 28 33.38 17.24 -38.58
N MET B 29 34.02 16.11 -38.27
CA MET B 29 33.44 14.79 -38.47
C MET B 29 33.76 13.94 -37.25
N ARG B 30 33.08 12.79 -37.15
CA ARG B 30 33.29 11.91 -36.01
C ARG B 30 34.68 11.28 -36.07
N LYS B 31 35.20 10.89 -34.91
CA LYS B 31 36.51 10.26 -34.86
C LYS B 31 36.51 8.95 -35.65
N GLN B 32 35.40 8.21 -35.60
CA GLN B 32 35.30 6.96 -36.35
C GLN B 32 35.36 7.23 -37.84
N ASP B 33 34.63 8.24 -38.32
CA ASP B 33 34.68 8.58 -39.74
C ASP B 33 36.07 9.07 -40.15
N ILE B 34 36.73 9.84 -39.28
CA ILE B 34 38.08 10.31 -39.60
C ILE B 34 39.04 9.13 -39.72
N ILE B 35 38.96 8.18 -38.80
CA ILE B 35 39.83 7.01 -38.86
C ILE B 35 39.53 6.17 -40.09
N PHE B 36 38.24 5.99 -40.42
CA PHE B 36 37.88 5.24 -41.62
C PHE B 36 38.43 5.91 -42.86
N ALA B 37 38.32 7.24 -42.96
CA ALA B 37 38.82 7.95 -44.13
C ALA B 37 40.34 7.85 -44.21
N ILE B 38 41.03 7.98 -43.07
CA ILE B 38 42.49 7.86 -43.07
C ILE B 38 42.91 6.47 -43.53
N LEU B 39 42.20 5.44 -43.07
CA LEU B 39 42.52 4.08 -43.49
C LEU B 39 42.27 3.88 -44.98
N LYS B 40 41.13 4.35 -45.47
CA LYS B 40 40.80 4.18 -46.89
C LYS B 40 41.74 4.96 -47.78
N GLN B 41 42.26 6.09 -47.31
CA GLN B 41 43.26 6.83 -48.09
C GLN B 41 44.62 6.19 -48.01
N HIS B 42 44.93 5.53 -46.88
CA HIS B 42 46.19 4.81 -46.73
C HIS B 42 46.13 3.41 -47.33
N ALA B 43 44.93 2.91 -47.64
CA ALA B 43 44.80 1.57 -48.20
C ALA B 43 45.23 1.53 -49.67
N LYS B 44 45.12 2.65 -50.39
CA LYS B 44 45.53 2.66 -51.79
C LYS B 44 47.03 2.50 -51.95
N SER B 45 47.81 2.68 -50.88
CA SER B 45 49.25 2.48 -50.94
C SER B 45 49.66 1.02 -50.80
N GLY B 46 48.70 0.11 -50.65
CA GLY B 46 49.03 -1.30 -50.54
C GLY B 46 49.81 -1.68 -49.30
N GLU B 47 49.80 -0.82 -48.28
CA GLU B 47 50.59 -1.04 -47.08
C GLU B 47 49.87 -1.91 -46.05
N ASP B 48 50.66 -2.71 -45.34
CA ASP B 48 50.11 -3.58 -44.31
C ASP B 48 49.57 -2.75 -43.14
N ILE B 49 48.30 -2.93 -42.83
CA ILE B 49 47.66 -2.24 -41.72
C ILE B 49 47.26 -3.27 -40.67
N PHE B 50 47.61 -3.01 -39.42
CA PHE B 50 47.34 -3.92 -38.31
C PHE B 50 46.14 -3.41 -37.51
N GLY B 51 45.34 -4.36 -37.02
CA GLY B 51 44.19 -4.02 -36.21
C GLY B 51 43.91 -5.10 -35.19
N ASP B 52 43.01 -4.79 -34.26
CA ASP B 52 42.60 -5.73 -33.24
C ASP B 52 41.30 -5.26 -32.62
N GLY B 53 40.60 -6.18 -31.98
CA GLY B 53 39.34 -5.83 -31.33
C GLY B 53 38.69 -7.05 -30.74
N VAL B 54 37.66 -6.80 -29.93
CA VAL B 54 36.90 -7.86 -29.28
C VAL B 54 35.75 -8.28 -30.19
N LEU B 55 35.63 -9.58 -30.42
CA LEU B 55 34.63 -10.07 -31.37
C LEU B 55 33.22 -9.93 -30.80
N GLU B 56 32.28 -9.61 -31.67
CA GLU B 56 30.85 -9.58 -31.34
C GLU B 56 30.11 -10.16 -32.53
N ILE B 57 29.51 -11.33 -32.33
CA ILE B 57 28.79 -12.01 -33.42
C ILE B 57 27.35 -11.54 -33.42
N LEU B 58 26.87 -11.17 -34.61
CA LEU B 58 25.50 -10.71 -34.78
C LEU B 58 24.57 -11.90 -35.07
N GLN B 59 23.30 -11.59 -35.32
CA GLN B 59 22.32 -12.65 -35.57
C GLN B 59 22.61 -13.38 -36.87
N ASP B 60 23.11 -12.69 -37.88
CA ASP B 60 23.32 -13.31 -39.18
C ASP B 60 24.48 -14.30 -39.17
N GLY B 61 25.43 -14.17 -38.25
CA GLY B 61 26.49 -15.14 -38.10
C GLY B 61 27.90 -14.64 -38.36
N PHE B 62 28.09 -13.42 -38.86
CA PHE B 62 29.44 -12.93 -39.15
C PHE B 62 30.01 -12.07 -38.03
N GLY B 63 29.27 -11.07 -37.57
CA GLY B 63 29.76 -10.21 -36.50
C GLY B 63 30.84 -9.24 -36.94
N PHE B 64 31.31 -8.46 -35.96
CA PHE B 64 32.33 -7.45 -36.17
C PHE B 64 33.34 -7.50 -35.02
N LEU B 65 34.35 -6.64 -35.09
CA LEU B 65 35.37 -6.50 -34.06
C LEU B 65 35.21 -5.11 -33.43
N ARG B 66 34.57 -5.07 -32.26
CA ARG B 66 34.37 -3.81 -31.57
C ARG B 66 35.65 -3.36 -30.88
N SER B 67 35.77 -2.05 -30.71
CA SER B 67 36.95 -1.43 -30.12
C SER B 67 36.69 -1.10 -28.66
N ALA B 68 37.67 -1.42 -27.80
CA ALA B 68 37.57 -1.07 -26.39
C ALA B 68 37.70 0.43 -26.16
N ASP B 69 38.36 1.15 -27.07
CA ASP B 69 38.49 2.60 -26.92
C ASP B 69 37.13 3.29 -27.05
N SER B 70 36.32 2.86 -28.01
CA SER B 70 34.98 3.42 -28.20
C SER B 70 33.94 2.76 -27.30
N SER B 71 34.38 2.02 -26.26
CA SER B 71 33.49 1.30 -25.36
C SER B 71 32.60 0.33 -26.14
N TYR B 72 33.17 -0.31 -27.16
CA TYR B 72 32.49 -1.30 -27.99
C TYR B 72 31.25 -0.70 -28.66
N LEU B 73 31.45 0.44 -29.32
CA LEU B 73 30.39 1.13 -30.05
C LEU B 73 30.49 0.81 -31.53
N ALA B 74 29.34 0.54 -32.15
CA ALA B 74 29.31 0.25 -33.58
C ALA B 74 29.66 1.50 -34.38
N GLY B 75 30.67 1.38 -35.24
CA GLY B 75 31.12 2.48 -36.06
C GLY B 75 31.74 2.03 -37.36
N PRO B 76 32.07 2.99 -38.24
CA PRO B 76 32.73 2.62 -39.50
C PRO B 76 34.13 2.07 -39.33
N ASP B 77 34.80 2.37 -38.22
CA ASP B 77 36.16 1.90 -37.97
C ASP B 77 36.21 0.48 -37.42
N ASP B 78 35.13 -0.29 -37.55
CA ASP B 78 35.11 -1.66 -37.07
C ASP B 78 35.55 -2.61 -38.18
N ILE B 79 35.88 -3.84 -37.78
CA ILE B 79 36.46 -4.84 -38.68
C ILE B 79 35.45 -5.98 -38.86
N TYR B 80 35.13 -6.27 -40.11
CA TYR B 80 34.21 -7.36 -40.44
C TYR B 80 34.91 -8.70 -40.31
N VAL B 81 34.20 -9.67 -39.74
CA VAL B 81 34.70 -11.04 -39.58
C VAL B 81 33.80 -11.97 -40.38
N SER B 82 34.39 -12.70 -41.31
CA SER B 82 33.62 -13.60 -42.15
C SER B 82 33.14 -14.80 -41.35
N PRO B 83 31.94 -15.31 -41.65
CA PRO B 83 31.47 -16.52 -40.95
C PRO B 83 32.36 -17.72 -41.17
N SER B 84 32.91 -17.87 -42.38
CA SER B 84 33.83 -18.97 -42.66
C SER B 84 35.02 -18.94 -41.72
N GLN B 85 35.53 -17.74 -41.41
CA GLN B 85 36.58 -17.61 -40.40
C GLN B 85 36.12 -18.18 -39.07
N ILE B 86 34.90 -17.85 -38.65
CA ILE B 86 34.33 -18.40 -37.43
C ILE B 86 34.21 -19.92 -37.51
N ARG B 87 34.13 -20.48 -38.73
CA ARG B 87 34.17 -21.93 -38.86
C ARG B 87 35.60 -22.45 -38.85
N ARG B 88 36.55 -21.66 -39.33
CA ARG B 88 37.95 -22.09 -39.31
C ARG B 88 38.52 -21.99 -37.90
N PHE B 89 38.25 -20.89 -37.22
CA PHE B 89 38.66 -20.67 -35.83
C PHE B 89 37.43 -20.68 -34.95
N ASN B 90 37.38 -21.60 -34.00
CA ASN B 90 36.24 -21.68 -33.10
C ASN B 90 36.06 -20.41 -32.28
N LEU B 91 35.65 -19.32 -32.94
CA LEU B 91 35.57 -18.01 -32.30
C LEU B 91 34.18 -17.79 -31.71
N ARG B 92 34.13 -17.31 -30.47
CA ARG B 92 32.88 -16.93 -29.84
C ARG B 92 32.82 -15.42 -29.61
N THR B 93 31.68 -14.96 -29.14
CA THR B 93 31.46 -13.54 -28.88
C THR B 93 32.25 -13.11 -27.66
N GLY B 94 33.46 -12.58 -27.87
CA GLY B 94 34.27 -12.11 -26.76
C GLY B 94 35.75 -12.30 -26.98
N ASP B 95 36.11 -12.99 -28.06
CA ASP B 95 37.50 -13.31 -28.35
C ASP B 95 38.22 -12.08 -28.88
N THR B 96 39.29 -11.67 -28.18
CA THR B 96 40.13 -10.58 -28.68
C THR B 96 40.98 -11.09 -29.84
N ILE B 97 40.80 -10.50 -31.01
CA ILE B 97 41.47 -10.93 -32.23
C ILE B 97 42.38 -9.82 -32.71
N SER B 98 43.60 -10.19 -33.10
CA SER B 98 44.59 -9.28 -33.64
C SER B 98 45.17 -9.87 -34.93
N GLY B 99 45.43 -9.01 -35.91
CA GLY B 99 45.97 -9.47 -37.17
C GLY B 99 45.87 -8.39 -38.23
N LYS B 100 46.29 -8.77 -39.43
CA LYS B 100 46.26 -7.86 -40.56
C LYS B 100 44.84 -7.77 -41.13
N ILE B 101 44.43 -6.56 -41.48
CA ILE B 101 43.10 -6.32 -42.04
C ILE B 101 43.25 -5.84 -43.47
N ARG B 102 42.22 -6.09 -44.28
CA ARG B 102 42.25 -5.75 -45.69
C ARG B 102 41.27 -4.62 -46.01
N PRO B 103 41.55 -3.83 -47.05
CA PRO B 103 40.60 -2.80 -47.46
C PRO B 103 39.36 -3.44 -48.07
N PRO B 104 38.21 -2.76 -48.00
CA PRO B 104 37.00 -3.33 -48.60
C PRO B 104 37.06 -3.29 -50.11
N LYS B 105 36.22 -4.12 -50.74
CA LYS B 105 36.26 -4.33 -52.18
C LYS B 105 34.86 -4.47 -52.74
N GLU B 106 34.56 -3.69 -53.77
CA GLU B 106 33.36 -3.84 -54.59
C GLU B 106 32.09 -3.79 -53.73
N GLY B 107 31.86 -2.63 -53.12
CA GLY B 107 30.65 -2.40 -52.37
C GLY B 107 30.71 -2.78 -50.90
N GLU B 108 31.76 -3.45 -50.46
CA GLU B 108 31.90 -3.79 -49.05
C GLU B 108 32.03 -2.51 -48.22
N ARG B 109 31.20 -2.39 -47.18
CA ARG B 109 31.19 -1.18 -46.37
C ARG B 109 32.29 -1.19 -45.31
N TYR B 110 32.64 -2.35 -44.80
CA TYR B 110 33.50 -2.47 -43.63
C TYR B 110 34.81 -3.15 -44.01
N PHE B 111 35.86 -2.85 -43.24
CA PHE B 111 37.13 -3.54 -43.42
C PHE B 111 36.99 -4.98 -42.94
N ALA B 112 37.78 -5.87 -43.54
CA ALA B 112 37.76 -7.28 -43.21
C ALA B 112 39.14 -7.73 -42.74
N LEU B 113 39.17 -8.91 -42.12
CA LEU B 113 40.38 -9.46 -41.55
C LEU B 113 41.06 -10.39 -42.56
N LEU B 114 42.35 -10.14 -42.82
CA LEU B 114 43.11 -10.96 -43.75
C LEU B 114 43.74 -12.17 -43.05
N LYS B 115 44.55 -11.92 -42.03
CA LYS B 115 45.23 -12.97 -41.29
C LYS B 115 44.91 -12.84 -39.81
N VAL B 116 44.85 -13.97 -39.12
CA VAL B 116 44.58 -14.03 -37.70
C VAL B 116 45.91 -14.28 -37.01
N ASN B 117 46.48 -13.23 -36.42
CA ASN B 117 47.79 -13.35 -35.79
C ASN B 117 47.69 -13.97 -34.41
N GLU B 118 46.78 -13.46 -33.58
CA GLU B 118 46.61 -13.97 -32.22
C GLU B 118 45.12 -14.02 -31.88
N VAL B 119 44.77 -15.00 -31.04
CA VAL B 119 43.41 -15.15 -30.54
C VAL B 119 43.50 -15.18 -29.02
N ASN B 120 42.98 -14.13 -28.38
CA ASN B 120 43.00 -14.00 -26.92
C ASN B 120 44.43 -14.02 -26.38
N PHE B 121 45.28 -13.16 -26.95
CA PHE B 121 46.66 -12.97 -26.50
C PHE B 121 47.47 -14.27 -26.57
N ASP B 122 47.13 -15.15 -27.49
CA ASP B 122 47.84 -16.42 -27.63
C ASP B 122 47.80 -16.84 -29.09
N LYS B 123 48.57 -17.87 -29.41
CA LYS B 123 48.65 -18.37 -30.77
C LYS B 123 47.29 -18.91 -31.21
N PRO B 124 46.93 -18.74 -32.49
CA PRO B 124 45.59 -19.17 -32.93
C PRO B 124 45.37 -20.66 -32.84
N GLU B 125 46.42 -21.47 -33.00
CA GLU B 125 46.25 -22.92 -32.98
C GLU B 125 46.00 -23.48 -31.59
N ASN B 126 46.05 -22.66 -30.55
CA ASN B 126 45.83 -23.12 -29.18
C ASN B 126 44.33 -23.09 -28.90
N ALA B 127 43.66 -24.18 -29.25
CA ALA B 127 42.24 -24.38 -28.95
C ALA B 127 42.14 -25.64 -28.08
N ARG B 128 42.34 -25.46 -26.78
CA ARG B 128 42.25 -26.55 -25.83
C ARG B 128 41.47 -26.20 -24.58
N ASN B 129 41.20 -24.92 -24.31
CA ASN B 129 40.46 -24.49 -23.15
C ASN B 129 38.96 -24.79 -23.33
N LYS B 130 38.19 -24.53 -22.29
CA LYS B 130 36.76 -24.82 -22.30
C LYS B 130 35.98 -23.60 -21.82
N ILE B 131 34.71 -23.54 -22.23
CA ILE B 131 33.85 -22.44 -21.84
C ILE B 131 33.56 -22.48 -20.34
N LEU B 132 33.22 -21.31 -19.80
CA LEU B 132 32.98 -21.18 -18.36
C LEU B 132 31.86 -22.09 -17.89
N PHE B 133 30.92 -22.43 -18.77
CA PHE B 133 29.78 -23.24 -18.37
C PHE B 133 30.19 -24.66 -17.96
N GLU B 134 31.40 -25.08 -18.28
CA GLU B 134 31.86 -26.43 -17.94
C GLU B 134 32.86 -26.44 -16.79
N ASN B 135 33.38 -25.30 -16.37
CA ASN B 135 34.32 -25.28 -15.26
C ASN B 135 33.61 -25.50 -13.94
N LEU B 136 34.27 -26.23 -13.04
CA LEU B 136 33.71 -26.44 -11.71
C LEU B 136 33.79 -25.15 -10.91
N THR B 137 32.90 -25.03 -9.93
CA THR B 137 32.75 -23.80 -9.15
C THR B 137 33.01 -24.09 -7.69
N PRO B 138 34.27 -23.98 -7.24
CA PRO B 138 34.57 -24.04 -5.81
C PRO B 138 34.19 -22.72 -5.14
N LEU B 139 34.40 -22.67 -3.83
CA LEU B 139 34.05 -21.47 -3.08
C LEU B 139 35.06 -20.37 -3.37
N HIS B 140 34.55 -19.14 -3.48
CA HIS B 140 35.34 -18.01 -3.96
C HIS B 140 36.48 -17.64 -3.04
N ALA B 141 36.63 -18.29 -1.89
CA ALA B 141 37.64 -17.92 -0.90
C ALA B 141 38.89 -18.79 -1.03
N ASN B 142 39.57 -18.67 -2.17
CA ASN B 142 40.85 -19.34 -2.37
C ASN B 142 42.02 -18.40 -2.06
N SER B 143 42.13 -17.32 -2.81
CA SER B 143 43.14 -16.28 -2.54
C SER B 143 42.43 -15.00 -2.14
N ARG B 144 43.16 -14.15 -1.42
CA ARG B 144 42.62 -12.88 -0.94
C ARG B 144 43.26 -11.71 -1.65
N LEU B 145 42.45 -10.75 -2.06
CA LEU B 145 42.91 -9.48 -2.64
C LEU B 145 42.99 -8.47 -1.50
N ARG B 146 44.15 -8.43 -0.85
CA ARG B 146 44.35 -7.50 0.26
C ARG B 146 44.72 -6.12 -0.27
N MET B 147 43.97 -5.11 0.18
CA MET B 147 44.18 -3.73 -0.24
C MET B 147 44.94 -2.93 0.81
N GLU B 148 45.92 -3.55 1.46
CA GLU B 148 46.69 -2.93 2.54
C GLU B 148 48.10 -2.54 2.10
N ARG B 149 48.24 -2.04 0.87
CA ARG B 149 49.58 -1.68 0.39
C ARG B 149 50.00 -0.30 0.87
N GLY B 150 49.08 0.67 0.85
CA GLY B 150 49.43 2.02 1.27
C GLY B 150 49.71 2.10 2.76
N ASN B 151 50.65 2.98 3.11
CA ASN B 151 51.08 3.18 4.49
C ASN B 151 50.57 4.55 4.96
N GLY B 152 49.65 4.52 5.93
CA GLY B 152 49.02 5.71 6.48
C GLY B 152 48.62 6.75 5.46
N SER B 153 47.65 6.42 4.61
CA SER B 153 47.09 7.34 3.64
C SER B 153 45.59 7.45 3.88
N THR B 154 45.03 8.61 3.55
CA THR B 154 43.58 8.76 3.65
C THR B 154 42.87 7.82 2.68
N GLU B 155 43.49 7.54 1.54
CA GLU B 155 42.93 6.58 0.60
C GLU B 155 42.92 5.17 1.18
N ASP B 156 44.06 4.73 1.72
CA ASP B 156 44.17 3.39 2.26
C ASP B 156 43.32 3.20 3.52
N LEU B 157 42.90 4.29 4.16
CA LEU B 157 42.07 4.19 5.35
C LEU B 157 40.77 3.45 5.05
N THR B 158 40.07 3.90 3.99
CA THR B 158 38.87 3.20 3.55
C THR B 158 39.18 1.77 3.14
N ALA B 159 40.32 1.56 2.48
CA ALA B 159 40.71 0.21 2.09
C ALA B 159 41.02 -0.66 3.31
N ARG B 160 41.59 -0.08 4.36
CA ARG B 160 41.84 -0.84 5.57
C ARG B 160 40.53 -1.22 6.25
N VAL B 161 39.59 -0.28 6.32
CA VAL B 161 38.28 -0.61 6.89
C VAL B 161 37.58 -1.68 6.05
N LEU B 162 37.74 -1.62 4.72
CA LEU B 162 37.16 -2.63 3.85
C LEU B 162 37.78 -4.00 4.09
N ASP B 163 39.10 -4.06 4.24
CA ASP B 163 39.77 -5.34 4.51
C ASP B 163 39.35 -5.89 5.86
N LEU B 164 39.13 -5.03 6.85
CA LEU B 164 38.72 -5.51 8.16
C LEU B 164 37.27 -5.97 8.17
N ALA B 165 36.40 -5.28 7.42
CA ALA B 165 34.97 -5.61 7.46
C ALA B 165 34.64 -6.74 6.50
N SER B 166 35.05 -6.63 5.24
CA SER B 166 34.70 -7.60 4.21
C SER B 166 35.91 -7.86 3.32
N PRO B 167 36.63 -8.95 3.55
CA PRO B 167 37.77 -9.27 2.68
C PRO B 167 37.32 -9.62 1.27
N ILE B 168 38.19 -9.32 0.31
CA ILE B 168 37.92 -9.56 -1.10
C ILE B 168 38.78 -10.75 -1.55
N GLY B 169 38.16 -11.69 -2.25
CA GLY B 169 38.85 -12.85 -2.76
C GLY B 169 38.77 -12.95 -4.28
N ARG B 170 39.57 -13.87 -4.82
CA ARG B 170 39.60 -14.08 -6.26
C ARG B 170 38.31 -14.76 -6.71
N GLY B 171 37.56 -14.11 -7.59
CA GLY B 171 36.33 -14.68 -8.10
C GLY B 171 35.14 -14.52 -7.19
N GLN B 172 34.99 -13.37 -6.54
CA GLN B 172 33.94 -13.14 -5.56
C GLN B 172 32.83 -12.28 -6.14
N ARG B 173 31.61 -12.52 -5.66
CA ARG B 173 30.45 -11.71 -6.03
C ARG B 173 30.30 -10.59 -5.01
N GLY B 174 30.78 -9.40 -5.35
CA GLY B 174 30.67 -8.26 -4.47
C GLY B 174 29.41 -7.45 -4.75
N LEU B 175 28.77 -7.00 -3.67
CA LEU B 175 27.55 -6.21 -3.75
C LEU B 175 27.69 -5.02 -2.81
N ILE B 176 27.82 -3.83 -3.37
CA ILE B 176 27.98 -2.60 -2.59
C ILE B 176 26.62 -1.91 -2.55
N VAL B 177 25.94 -2.03 -1.41
CA VAL B 177 24.69 -1.32 -1.19
C VAL B 177 25.02 0.11 -0.77
N ALA B 178 24.47 1.09 -1.47
CA ALA B 178 24.84 2.48 -1.22
C ALA B 178 23.68 3.43 -1.47
N PRO B 179 23.31 4.23 -0.48
CA PRO B 179 22.34 5.31 -0.71
C PRO B 179 22.98 6.44 -1.50
N PRO B 180 22.19 7.37 -2.04
CA PRO B 180 22.80 8.49 -2.77
C PRO B 180 23.59 9.40 -1.84
N LYS B 181 24.69 9.92 -2.36
CA LYS B 181 25.59 10.81 -1.63
C LYS B 181 26.04 10.14 -0.32
N ALA B 182 26.63 8.95 -0.47
CA ALA B 182 27.07 8.17 0.67
C ALA B 182 28.46 7.56 0.47
N GLY B 183 29.23 8.05 -0.49
CA GLY B 183 30.56 7.52 -0.72
C GLY B 183 30.58 6.32 -1.65
N LYS B 184 29.78 6.39 -2.73
CA LYS B 184 29.67 5.28 -3.67
C LYS B 184 30.73 5.34 -4.77
N THR B 185 30.95 6.52 -5.36
CA THR B 185 31.85 6.62 -6.51
C THR B 185 33.32 6.59 -6.07
N MET B 186 33.65 7.24 -4.96
CA MET B 186 35.04 7.23 -4.50
C MET B 186 35.43 5.89 -3.88
N LEU B 187 34.45 5.15 -3.35
CA LEU B 187 34.74 3.81 -2.86
C LEU B 187 35.19 2.90 -4.01
N LEU B 188 34.59 3.08 -5.19
CA LEU B 188 34.97 2.28 -6.35
C LEU B 188 36.38 2.63 -6.82
N GLN B 189 36.69 3.93 -6.91
CA GLN B 189 38.01 4.34 -7.38
C GLN B 189 39.10 3.90 -6.41
N ASN B 190 38.80 3.84 -5.11
CA ASN B 190 39.78 3.32 -4.15
C ASN B 190 40.02 1.84 -4.39
N ILE B 191 38.97 1.08 -4.65
CA ILE B 191 39.13 -0.34 -4.96
C ILE B 191 39.85 -0.52 -6.29
N ALA B 192 39.47 0.27 -7.31
CA ALA B 192 40.09 0.15 -8.61
C ALA B 192 41.58 0.49 -8.56
N GLN B 193 41.94 1.55 -7.84
CA GLN B 193 43.34 1.91 -7.70
C GLN B 193 44.12 0.84 -6.94
N SER B 194 43.53 0.30 -5.88
CA SER B 194 44.24 -0.68 -5.07
C SER B 194 44.38 -2.01 -5.79
N ILE B 195 43.48 -2.33 -6.71
CA ILE B 195 43.59 -3.56 -7.48
C ILE B 195 44.79 -3.48 -8.43
N ALA B 196 44.89 -2.39 -9.18
CA ALA B 196 45.96 -2.24 -10.16
C ALA B 196 47.32 -2.09 -9.49
N TYR B 197 47.36 -1.49 -8.30
CA TYR B 197 48.64 -1.28 -7.62
C TYR B 197 49.11 -2.54 -6.90
N ASN B 198 48.19 -3.35 -6.38
CA ASN B 198 48.55 -4.56 -5.64
C ASN B 198 48.63 -5.80 -6.52
N HIS B 199 47.67 -5.96 -7.45
CA HIS B 199 47.59 -7.14 -8.30
C HIS B 199 47.62 -6.72 -9.77
N PRO B 200 48.80 -6.41 -10.30
CA PRO B 200 48.88 -6.05 -11.73
C PRO B 200 48.60 -7.22 -12.66
N ASP B 201 48.78 -8.47 -12.19
CA ASP B 201 48.54 -9.63 -13.02
C ASP B 201 47.06 -9.81 -13.33
N CYS B 202 46.17 -9.23 -12.53
CA CYS B 202 44.73 -9.36 -12.74
C CYS B 202 44.25 -8.37 -13.79
N VAL B 203 43.39 -8.85 -14.68
CA VAL B 203 42.80 -8.00 -15.71
C VAL B 203 41.64 -7.25 -15.09
N LEU B 204 41.79 -5.94 -14.90
CA LEU B 204 40.80 -5.11 -14.23
C LEU B 204 39.95 -4.40 -15.27
N MET B 205 38.63 -4.54 -15.15
CA MET B 205 37.69 -3.85 -16.04
C MET B 205 36.65 -3.14 -15.19
N VAL B 206 36.55 -1.83 -15.35
CA VAL B 206 35.59 -1.01 -14.63
C VAL B 206 34.47 -0.66 -15.58
N LEU B 207 33.29 -1.23 -15.33
CA LEU B 207 32.11 -1.02 -16.16
C LEU B 207 31.21 0.00 -15.49
N LEU B 208 30.85 1.06 -16.22
CA LEU B 208 29.99 2.11 -15.73
C LEU B 208 28.73 2.13 -16.58
N ILE B 209 27.60 1.75 -15.99
CA ILE B 209 26.33 1.69 -16.68
C ILE B 209 25.47 2.88 -16.26
N ASP B 210 24.98 3.63 -17.25
CA ASP B 210 24.08 4.75 -17.02
C ASP B 210 24.75 5.80 -16.13
N GLU B 211 25.91 6.27 -16.58
CA GLU B 211 26.74 7.19 -15.81
C GLU B 211 26.85 8.53 -16.54
N ARG B 212 27.06 9.59 -15.76
CA ARG B 212 27.25 10.91 -16.32
C ARG B 212 28.59 10.99 -17.07
N PRO B 213 28.66 11.76 -18.16
CA PRO B 213 29.89 11.78 -18.97
C PRO B 213 31.11 12.32 -18.23
N GLU B 214 30.93 13.37 -17.43
CA GLU B 214 32.06 13.92 -16.70
C GLU B 214 32.61 12.91 -15.70
N GLU B 215 31.73 12.12 -15.08
CA GLU B 215 32.19 11.07 -14.19
C GLU B 215 32.86 9.94 -14.97
N VAL B 216 32.44 9.71 -16.21
CA VAL B 216 33.12 8.73 -17.06
C VAL B 216 34.55 9.18 -17.33
N THR B 217 34.73 10.45 -17.70
CA THR B 217 36.08 10.95 -17.95
C THR B 217 36.91 10.99 -16.68
N GLU B 218 36.29 11.26 -15.53
CA GLU B 218 37.00 11.21 -14.26
C GLU B 218 37.47 9.79 -13.96
N MET B 219 36.62 8.80 -14.20
CA MET B 219 36.97 7.42 -13.87
C MET B 219 38.06 6.90 -14.81
N GLN B 220 37.92 7.13 -16.11
CA GLN B 220 38.89 6.63 -17.07
C GLN B 220 40.23 7.36 -16.95
N ARG B 221 40.30 8.45 -16.19
CA ARG B 221 41.53 9.20 -15.98
C ARG B 221 42.19 8.88 -14.64
N LEU B 222 41.60 7.98 -13.84
CA LEU B 222 42.14 7.63 -12.54
C LEU B 222 42.38 6.14 -12.34
N VAL B 223 41.85 5.27 -13.20
CA VAL B 223 41.96 3.83 -13.04
C VAL B 223 42.98 3.31 -14.05
N LYS B 224 43.89 2.46 -13.58
CA LYS B 224 44.92 1.86 -14.42
C LYS B 224 44.44 0.57 -15.09
N GLY B 225 43.14 0.37 -15.20
CA GLY B 225 42.60 -0.79 -15.89
C GLY B 225 41.90 -0.42 -17.16
N GLU B 226 40.95 -1.25 -17.59
CA GLU B 226 40.15 -0.99 -18.78
C GLU B 226 38.82 -0.40 -18.32
N VAL B 227 38.62 0.89 -18.56
CA VAL B 227 37.42 1.59 -18.12
C VAL B 227 36.47 1.69 -19.31
N VAL B 228 35.33 1.02 -19.21
CA VAL B 228 34.29 1.06 -20.23
C VAL B 228 33.04 1.63 -19.60
N ALA B 229 32.29 2.42 -20.37
CA ALA B 229 31.14 3.10 -19.82
C ALA B 229 30.11 3.36 -20.92
N SER B 230 28.90 3.68 -20.49
CA SER B 230 27.81 4.06 -21.38
C SER B 230 27.02 5.18 -20.70
N THR B 231 27.04 6.36 -21.31
CA THR B 231 26.43 7.53 -20.69
C THR B 231 24.91 7.43 -20.72
N PHE B 232 24.27 8.27 -19.90
CA PHE B 232 22.81 8.22 -19.77
C PHE B 232 22.09 8.78 -21.00
N ASP B 233 22.81 9.42 -21.92
CA ASP B 233 22.23 9.87 -23.18
C ASP B 233 22.28 8.81 -24.27
N GLU B 234 22.39 7.54 -23.88
CA GLU B 234 22.40 6.42 -24.82
C GLU B 234 21.26 5.46 -24.50
N PRO B 235 20.72 4.77 -25.50
CA PRO B 235 19.59 3.87 -25.26
C PRO B 235 19.98 2.68 -24.39
N ALA B 236 18.96 2.02 -23.85
CA ALA B 236 19.18 0.88 -22.99
C ALA B 236 19.84 -0.27 -23.74
N SER B 237 19.60 -0.37 -25.06
CA SER B 237 20.28 -1.38 -25.86
C SER B 237 21.79 -1.19 -25.81
N ARG B 238 22.25 0.07 -25.75
CA ARG B 238 23.68 0.32 -25.63
C ARG B 238 24.24 -0.22 -24.31
N HIS B 239 23.53 0.05 -23.21
CA HIS B 239 23.96 -0.47 -21.91
C HIS B 239 24.02 -1.99 -21.92
N VAL B 240 22.97 -2.63 -22.47
CA VAL B 240 22.94 -4.09 -22.53
C VAL B 240 24.10 -4.61 -23.35
N GLN B 241 24.36 -4.00 -24.51
CA GLN B 241 25.45 -4.43 -25.37
C GLN B 241 26.79 -4.31 -24.67
N VAL B 242 27.04 -3.18 -24.02
CA VAL B 242 28.32 -2.98 -23.33
C VAL B 242 28.49 -4.00 -22.22
N ALA B 243 27.44 -4.22 -21.42
CA ALA B 243 27.52 -5.17 -20.32
C ALA B 243 27.80 -6.58 -20.81
N GLU B 244 27.08 -7.00 -21.86
CA GLU B 244 27.28 -8.36 -22.37
C GLU B 244 28.66 -8.52 -23.00
N MET B 245 29.13 -7.49 -23.71
CA MET B 245 30.49 -7.55 -24.25
C MET B 245 31.52 -7.69 -23.15
N VAL B 246 31.38 -6.91 -22.08
CA VAL B 246 32.34 -6.97 -20.97
C VAL B 246 32.31 -8.35 -20.32
N ILE B 247 31.11 -8.87 -20.06
CA ILE B 247 31.04 -10.16 -19.37
C ILE B 247 31.56 -11.28 -20.25
N GLU B 248 31.35 -11.20 -21.57
CA GLU B 248 31.84 -12.24 -22.45
C GLU B 248 33.35 -12.18 -22.58
N LYS B 249 33.92 -10.96 -22.67
CA LYS B 249 35.37 -10.83 -22.67
C LYS B 249 35.97 -11.37 -21.38
N ALA B 250 35.31 -11.11 -20.25
CA ALA B 250 35.79 -11.65 -18.97
C ALA B 250 35.75 -13.18 -18.99
N LYS B 251 34.66 -13.76 -19.51
CA LYS B 251 34.56 -15.21 -19.59
C LYS B 251 35.68 -15.78 -20.44
N ARG B 252 35.94 -15.17 -21.59
CA ARG B 252 36.98 -15.68 -22.48
C ARG B 252 38.36 -15.55 -21.85
N LEU B 253 38.61 -14.48 -21.11
CA LEU B 253 39.90 -14.32 -20.44
C LEU B 253 40.05 -15.32 -19.30
N VAL B 254 38.96 -15.61 -18.59
CA VAL B 254 39.01 -16.61 -17.52
C VAL B 254 39.25 -18.00 -18.10
N GLU B 255 38.73 -18.26 -19.31
CA GLU B 255 39.00 -19.54 -19.97
C GLU B 255 40.49 -19.81 -20.15
N HIS B 256 41.33 -18.77 -20.17
CA HIS B 256 42.77 -18.92 -20.21
C HIS B 256 43.40 -18.93 -18.82
N LYS B 257 42.62 -19.26 -17.78
CA LYS B 257 43.11 -19.38 -16.41
C LYS B 257 43.69 -18.07 -15.89
N LYS B 258 43.13 -16.95 -16.33
CA LYS B 258 43.53 -15.63 -15.87
C LYS B 258 42.59 -15.13 -14.80
N ASP B 259 43.10 -14.24 -13.94
CA ASP B 259 42.30 -13.64 -12.87
C ASP B 259 41.73 -12.32 -13.38
N VAL B 260 40.42 -12.30 -13.62
CA VAL B 260 39.73 -11.13 -14.15
C VAL B 260 38.83 -10.55 -13.06
N ILE B 261 38.85 -9.23 -12.95
CA ILE B 261 38.04 -8.50 -11.97
C ILE B 261 37.17 -7.49 -12.71
N ILE B 262 35.90 -7.44 -12.33
CA ILE B 262 34.93 -6.52 -12.93
C ILE B 262 34.34 -5.66 -11.83
N LEU B 263 34.48 -4.34 -11.96
CA LEU B 263 33.85 -3.39 -11.05
C LEU B 263 32.66 -2.78 -11.77
N LEU B 264 31.47 -3.32 -11.50
CA LEU B 264 30.25 -2.88 -12.15
C LEU B 264 29.59 -1.77 -11.33
N ASP B 265 29.18 -0.70 -12.00
CA ASP B 265 28.50 0.42 -11.35
C ASP B 265 27.03 0.40 -11.73
N SER B 266 26.17 0.54 -10.71
CA SER B 266 24.73 0.65 -10.89
C SER B 266 24.15 -0.59 -11.60
N ILE B 267 24.27 -1.74 -10.92
CA ILE B 267 23.63 -2.94 -11.41
C ILE B 267 22.11 -2.76 -11.46
N THR B 268 21.56 -1.91 -10.58
CA THR B 268 20.15 -1.59 -10.64
C THR B 268 19.79 -0.90 -11.96
N ARG B 269 20.63 0.03 -12.40
CA ARG B 269 20.36 0.71 -13.67
C ARG B 269 20.57 -0.24 -14.86
N LEU B 270 21.47 -1.21 -14.73
CA LEU B 270 21.60 -2.23 -15.77
C LEU B 270 20.34 -3.09 -15.83
N ALA B 271 19.77 -3.45 -14.67
CA ALA B 271 18.52 -4.20 -14.66
C ALA B 271 17.38 -3.38 -15.23
N ARG B 272 17.38 -2.07 -14.98
CA ARG B 272 16.38 -1.19 -15.58
C ARG B 272 16.51 -1.16 -17.10
N ALA B 273 17.75 -1.06 -17.59
CA ALA B 273 17.98 -1.10 -19.03
C ALA B 273 17.50 -2.43 -19.62
N TYR B 274 17.75 -3.54 -18.91
CA TYR B 274 17.27 -4.83 -19.38
C TYR B 274 15.75 -4.88 -19.43
N ASN B 275 15.10 -4.40 -18.37
CA ASN B 275 13.64 -4.33 -18.37
C ASN B 275 13.12 -3.48 -19.52
N THR B 276 13.86 -2.43 -19.89
CA THR B 276 13.47 -1.61 -21.04
C THR B 276 13.63 -2.41 -22.34
N VAL B 277 14.70 -3.19 -22.45
CA VAL B 277 14.98 -3.87 -23.72
C VAL B 277 14.13 -5.13 -23.85
N VAL B 278 13.94 -5.86 -22.75
CA VAL B 278 13.21 -7.13 -22.78
C VAL B 278 11.79 -6.89 -23.29
N PRO B 279 11.28 -7.67 -24.24
CA PRO B 279 9.92 -7.42 -24.76
C PRO B 279 8.82 -7.65 -23.74
N ALA B 280 9.12 -8.26 -22.60
CA ALA B 280 8.15 -8.51 -21.54
C ALA B 280 6.94 -9.29 -22.07
N SER B 281 7.22 -10.50 -22.55
CA SER B 281 6.14 -11.38 -22.99
C SER B 281 5.23 -11.75 -21.83
N GLY B 282 5.80 -12.06 -20.68
CA GLY B 282 4.99 -12.32 -19.49
C GLY B 282 4.41 -11.03 -18.95
N LYS B 283 3.11 -11.02 -18.74
CA LYS B 283 2.41 -9.82 -18.27
C LYS B 283 2.57 -9.58 -16.77
N VAL B 284 3.35 -10.38 -16.07
CA VAL B 284 3.42 -10.29 -14.60
C VAL B 284 4.53 -9.30 -14.28
N LEU B 285 4.18 -8.02 -14.28
CA LEU B 285 5.07 -6.95 -13.86
C LEU B 285 4.73 -6.53 -12.44
N THR B 286 5.76 -6.37 -11.61
CA THR B 286 5.59 -5.96 -10.22
C THR B 286 6.43 -4.71 -9.98
N GLY B 287 5.78 -3.62 -9.60
CA GLY B 287 6.48 -2.38 -9.37
C GLY B 287 6.98 -1.68 -10.61
N GLY B 288 6.62 -2.18 -11.79
CA GLY B 288 7.02 -1.60 -13.06
C GLY B 288 7.99 -2.45 -13.85
N VAL B 289 8.72 -3.35 -13.19
CA VAL B 289 9.70 -4.21 -13.85
C VAL B 289 9.09 -5.59 -14.07
N ASP B 290 9.38 -6.18 -15.23
CA ASP B 290 9.02 -7.58 -15.46
C ASP B 290 9.97 -8.48 -14.68
N ALA B 291 9.42 -9.53 -14.08
CA ALA B 291 10.24 -10.45 -13.30
C ALA B 291 11.20 -11.22 -14.20
N ASN B 292 10.67 -11.83 -15.28
CA ASN B 292 11.49 -12.62 -16.18
C ASN B 292 12.63 -11.80 -16.77
N ALA B 293 12.42 -10.50 -16.98
CA ALA B 293 13.47 -9.64 -17.49
C ALA B 293 14.70 -9.68 -16.57
N LEU B 294 14.48 -9.67 -15.25
CA LEU B 294 15.58 -9.71 -14.30
C LEU B 294 16.43 -10.97 -14.44
N HIS B 295 15.97 -11.96 -15.20
CA HIS B 295 16.80 -13.13 -15.46
C HIS B 295 18.06 -12.77 -16.22
N ARG B 296 18.01 -11.71 -17.04
CA ARG B 296 19.17 -11.38 -17.87
C ARG B 296 20.30 -10.77 -17.06
N PRO B 297 20.09 -9.73 -16.22
CA PRO B 297 21.22 -9.20 -15.44
C PRO B 297 21.74 -10.18 -14.40
N LYS B 298 20.87 -10.98 -13.79
CA LYS B 298 21.30 -11.95 -12.78
C LYS B 298 22.39 -12.85 -13.32
N ARG B 299 22.20 -13.38 -14.53
CA ARG B 299 23.23 -14.22 -15.15
C ARG B 299 24.57 -13.50 -15.18
N PHE B 300 24.55 -12.22 -15.55
CA PHE B 300 25.75 -11.38 -15.46
C PHE B 300 26.38 -11.51 -14.07
N PHE B 301 25.60 -11.16 -13.04
CA PHE B 301 26.10 -11.28 -11.67
C PHE B 301 26.40 -12.74 -11.34
N GLY B 302 25.69 -13.67 -11.98
CA GLY B 302 25.97 -15.09 -11.75
C GLY B 302 27.24 -15.58 -12.38
N ALA B 303 27.85 -14.80 -13.28
CA ALA B 303 29.07 -15.25 -13.92
C ALA B 303 30.26 -15.25 -12.97
N ALA B 304 30.26 -14.36 -11.98
CA ALA B 304 31.37 -14.26 -11.05
C ALA B 304 31.48 -15.53 -10.22
N ARG B 305 32.68 -16.12 -10.22
CA ARG B 305 32.91 -17.38 -9.53
C ARG B 305 34.40 -17.67 -9.55
N ASN B 306 34.82 -18.53 -8.62
CA ASN B 306 36.15 -19.11 -8.65
C ASN B 306 36.11 -20.37 -9.52
N VAL B 307 37.23 -20.65 -10.17
CA VAL B 307 37.35 -21.78 -11.10
C VAL B 307 38.33 -22.78 -10.52
N GLU B 308 37.95 -24.05 -10.52
CA GLU B 308 38.81 -25.09 -9.95
C GLU B 308 40.04 -25.33 -10.83
N GLU B 309 39.88 -25.22 -12.15
CA GLU B 309 41.02 -25.45 -13.04
C GLU B 309 42.06 -24.36 -12.89
N GLY B 310 41.69 -23.12 -13.21
CA GLY B 310 42.61 -22.00 -13.07
C GLY B 310 41.85 -20.69 -13.07
N GLY B 311 42.62 -19.60 -12.94
CA GLY B 311 42.11 -18.25 -12.90
C GLY B 311 40.87 -18.00 -12.04
N SER B 312 40.38 -16.75 -12.07
CA SER B 312 39.19 -16.38 -11.33
C SER B 312 38.39 -15.33 -12.11
N LEU B 313 37.14 -15.14 -11.70
CA LEU B 313 36.27 -14.12 -12.28
C LEU B 313 35.58 -13.37 -11.13
N THR B 314 36.07 -12.17 -10.83
CA THR B 314 35.56 -11.35 -9.74
C THR B 314 34.64 -10.27 -10.29
N ILE B 315 33.49 -10.09 -9.65
CA ILE B 315 32.54 -9.04 -10.01
C ILE B 315 32.08 -8.36 -8.74
N ILE B 316 32.28 -7.04 -8.65
CA ILE B 316 31.82 -6.24 -7.53
C ILE B 316 30.88 -5.18 -8.09
N ALA B 317 29.59 -5.35 -7.86
CA ALA B 317 28.56 -4.47 -8.40
C ALA B 317 27.97 -3.62 -7.28
N THR B 318 27.64 -2.38 -7.61
CA THR B 318 27.03 -1.44 -6.66
C THR B 318 25.51 -1.49 -6.81
N ALA B 319 24.81 -1.74 -5.72
CA ALA B 319 23.36 -1.80 -5.71
C ALA B 319 22.81 -0.49 -5.16
N LEU B 320 22.05 0.22 -5.99
CA LEU B 320 21.49 1.51 -5.58
C LEU B 320 20.26 1.30 -4.69
N ILE B 321 20.19 2.08 -3.62
CA ILE B 321 19.10 2.01 -2.67
C ILE B 321 18.76 3.43 -2.21
N ASP B 322 17.55 3.57 -1.65
CA ASP B 322 17.05 4.86 -1.17
C ASP B 322 17.01 5.89 -2.29
N THR B 323 16.58 5.46 -3.48
CA THR B 323 16.46 6.34 -4.63
C THR B 323 15.08 6.97 -4.76
N GLY B 324 14.10 6.49 -3.99
CA GLY B 324 12.75 6.98 -4.10
C GLY B 324 11.91 6.29 -5.15
N SER B 325 12.50 5.43 -5.97
CA SER B 325 11.78 4.69 -7.00
C SER B 325 11.61 3.24 -6.55
N LYS B 326 10.37 2.75 -6.61
CA LYS B 326 10.11 1.36 -6.26
C LYS B 326 10.76 0.39 -7.22
N MET B 327 11.14 0.84 -8.42
CA MET B 327 11.83 -0.02 -9.37
C MET B 327 13.17 -0.48 -8.82
N ASP B 328 13.99 0.47 -8.35
CA ASP B 328 15.27 0.11 -7.75
C ASP B 328 15.08 -0.73 -6.49
N GLU B 329 14.01 -0.47 -5.74
CA GLU B 329 13.74 -1.28 -4.55
C GLU B 329 13.45 -2.73 -4.93
N VAL B 330 12.63 -2.94 -5.95
CA VAL B 330 12.33 -4.30 -6.40
C VAL B 330 13.58 -4.97 -6.96
N ILE B 331 14.42 -4.22 -7.66
CA ILE B 331 15.67 -4.79 -8.19
C ILE B 331 16.57 -5.24 -7.05
N TYR B 332 16.73 -4.40 -6.03
CA TYR B 332 17.55 -4.77 -4.88
C TYR B 332 16.94 -5.93 -4.12
N GLU B 333 15.60 -6.01 -4.08
CA GLU B 333 14.93 -7.12 -3.42
C GLU B 333 15.18 -8.43 -4.14
N GLU B 334 15.20 -8.39 -5.48
CA GLU B 334 15.49 -9.59 -6.26
C GLU B 334 16.97 -9.95 -6.23
N PHE B 335 17.85 -8.97 -6.01
CA PHE B 335 19.28 -9.22 -5.90
C PHE B 335 19.75 -9.29 -4.45
N LYS B 336 18.87 -9.70 -3.53
CA LYS B 336 19.20 -9.64 -2.10
C LYS B 336 20.22 -10.70 -1.72
N GLY B 337 19.86 -11.97 -1.88
CA GLY B 337 20.73 -13.06 -1.44
C GLY B 337 21.54 -13.72 -2.54
N THR B 338 21.96 -12.94 -3.53
CA THR B 338 22.70 -13.50 -4.66
C THR B 338 24.21 -13.51 -4.43
N GLY B 339 24.77 -12.42 -3.90
CA GLY B 339 26.20 -12.33 -3.69
C GLY B 339 26.64 -12.88 -2.35
N ASN B 340 27.90 -13.34 -2.31
CA ASN B 340 28.51 -13.84 -1.08
C ASN B 340 29.35 -12.78 -0.38
N MET B 341 29.28 -11.54 -0.83
CA MET B 341 29.98 -10.43 -0.20
C MET B 341 29.12 -9.19 -0.30
N GLU B 342 28.89 -8.53 0.84
CA GLU B 342 28.05 -7.35 0.89
C GLU B 342 28.77 -6.25 1.66
N LEU B 343 28.80 -5.05 1.08
CA LEU B 343 29.40 -3.88 1.69
C LEU B 343 28.33 -2.78 1.71
N HIS B 344 27.84 -2.45 2.90
CA HIS B 344 26.76 -1.51 3.06
C HIS B 344 27.28 -0.14 3.48
N LEU B 345 26.72 0.90 2.87
CA LEU B 345 27.00 2.28 3.24
C LEU B 345 25.78 2.88 3.92
N SER B 346 26.02 3.78 4.87
CA SER B 346 24.96 4.42 5.62
C SER B 346 24.91 5.90 5.30
N ARG B 347 23.71 6.39 4.97
CA ARG B 347 23.54 7.80 4.65
C ARG B 347 23.66 8.68 5.89
N LYS B 348 23.34 8.14 7.06
CA LYS B 348 23.44 8.92 8.30
C LYS B 348 24.90 9.18 8.68
N ILE B 349 25.80 8.25 8.37
CA ILE B 349 27.22 8.47 8.63
C ILE B 349 27.79 9.54 7.72
N ALA B 350 27.27 9.65 6.50
CA ALA B 350 27.77 10.67 5.57
C ALA B 350 27.38 12.08 5.99
N GLU B 351 26.35 12.24 6.82
CA GLU B 351 26.01 13.58 7.31
C GLU B 351 27.07 14.09 8.28
N LYS B 352 27.57 13.23 9.17
CA LYS B 352 28.60 13.59 10.12
C LYS B 352 29.99 13.68 9.48
N ARG B 353 30.07 13.55 8.15
CA ARG B 353 31.33 13.65 7.42
C ARG B 353 32.33 12.58 7.86
N VAL B 354 31.83 11.41 8.27
CA VAL B 354 32.67 10.25 8.48
C VAL B 354 32.53 9.41 7.19
N PHE B 355 33.49 9.61 6.29
CA PHE B 355 33.36 9.20 4.90
C PHE B 355 33.60 7.73 4.54
N PRO B 356 34.43 6.97 5.26
CA PRO B 356 34.43 5.52 4.99
C PRO B 356 33.04 4.93 5.16
N ALA B 357 32.29 5.42 6.15
CA ALA B 357 30.87 5.13 6.37
C ALA B 357 30.43 3.72 5.99
N ILE B 358 31.12 2.72 6.51
CA ILE B 358 30.73 1.34 6.27
C ILE B 358 29.83 0.89 7.40
N ASP B 359 28.68 0.31 7.05
CA ASP B 359 27.80 -0.26 8.07
C ASP B 359 28.44 -1.59 8.46
N TYR B 360 29.29 -1.52 9.48
CA TYR B 360 30.13 -2.66 9.84
C TYR B 360 29.28 -3.86 10.29
N ASN B 361 28.20 -3.59 11.02
CA ASN B 361 27.35 -4.66 11.52
C ASN B 361 26.61 -5.38 10.41
N ARG B 362 26.40 -4.73 9.26
CA ARG B 362 25.69 -5.32 8.14
C ARG B 362 26.60 -5.57 6.95
N SER B 363 27.90 -5.69 7.16
CA SER B 363 28.85 -5.97 6.11
C SER B 363 29.69 -7.20 6.47
N GLY B 364 30.01 -8.00 5.48
CA GLY B 364 30.80 -9.20 5.71
C GLY B 364 30.76 -10.10 4.50
N THR B 365 31.59 -11.14 4.57
CA THR B 365 31.69 -12.13 3.50
C THR B 365 31.47 -13.52 4.08
N ARG B 366 30.77 -14.36 3.32
CA ARG B 366 30.58 -15.75 3.71
C ARG B 366 31.83 -16.56 3.38
N LYS B 367 32.07 -17.60 4.19
CA LYS B 367 33.22 -18.50 4.02
C LYS B 367 34.53 -17.72 4.05
N GLU B 368 34.61 -16.73 4.94
CA GLU B 368 35.83 -15.94 5.11
C GLU B 368 36.93 -16.72 5.82
N GLU B 369 36.68 -17.97 6.22
CA GLU B 369 37.68 -18.75 6.91
C GLU B 369 38.89 -19.06 6.03
N LEU B 370 38.67 -19.22 4.73
CA LEU B 370 39.73 -19.60 3.81
C LEU B 370 40.41 -18.40 3.16
N LEU B 371 39.92 -17.18 3.40
CA LEU B 371 40.54 -15.97 2.89
C LEU B 371 41.60 -15.40 3.82
N THR B 372 41.67 -15.87 5.07
CA THR B 372 42.56 -15.30 6.06
C THR B 372 43.37 -16.41 6.72
N THR B 373 44.41 -16.00 7.45
CA THR B 373 45.24 -16.93 8.20
C THR B 373 44.44 -17.52 9.37
N GLN B 374 44.97 -18.61 9.93
CA GLN B 374 44.31 -19.26 11.06
C GLN B 374 44.20 -18.31 12.25
N GLU B 375 45.22 -17.49 12.46
CA GLU B 375 45.22 -16.51 13.54
C GLU B 375 44.56 -15.20 13.15
N GLU B 376 44.35 -14.96 11.85
CA GLU B 376 43.71 -13.72 11.42
C GLU B 376 42.21 -13.75 11.68
N LEU B 377 41.60 -14.93 11.67
CA LEU B 377 40.17 -15.03 11.94
C LEU B 377 39.84 -14.62 13.37
N GLN B 378 40.67 -15.02 14.33
CA GLN B 378 40.38 -14.75 15.74
C GLN B 378 40.35 -13.25 16.03
N LYS B 379 41.36 -12.52 15.55
CA LYS B 379 41.40 -11.08 15.83
C LYS B 379 40.26 -10.36 15.14
N MET B 380 39.92 -10.76 13.92
CA MET B 380 38.80 -10.14 13.23
C MET B 380 37.49 -10.42 13.94
N TRP B 381 37.31 -11.63 14.47
CA TRP B 381 36.10 -11.95 15.22
C TRP B 381 36.03 -11.14 16.51
N ILE B 382 37.18 -10.96 17.18
CA ILE B 382 37.21 -10.14 18.39
C ILE B 382 36.86 -8.69 18.07
N LEU B 383 37.37 -8.18 16.94
CA LEU B 383 37.06 -6.81 16.55
C LEU B 383 35.59 -6.65 16.18
N ARG B 384 35.00 -7.66 15.53
CA ARG B 384 33.60 -7.58 15.16
C ARG B 384 32.69 -7.74 16.38
N LYS B 385 33.16 -8.45 17.41
CA LYS B 385 32.33 -8.68 18.59
C LYS B 385 32.13 -7.40 19.39
N ILE B 386 33.08 -6.46 19.32
CA ILE B 386 32.94 -5.20 20.05
C ILE B 386 32.27 -4.11 19.22
N ILE B 387 32.21 -4.26 17.90
CA ILE B 387 31.53 -3.27 17.07
C ILE B 387 30.01 -3.54 17.04
N HIS B 388 29.60 -4.78 17.27
CA HIS B 388 28.18 -5.14 17.21
C HIS B 388 27.28 -4.28 18.10
N PRO B 389 27.59 -4.05 19.39
CA PRO B 389 26.71 -3.21 20.19
C PRO B 389 26.86 -1.71 19.95
N MET B 390 27.88 -1.28 19.20
CA MET B 390 28.14 0.14 19.02
C MET B 390 27.14 0.80 18.07
N GLY B 391 26.81 0.12 16.97
CA GLY B 391 25.95 0.67 15.95
C GLY B 391 26.70 1.59 14.99
N GLU B 392 26.02 1.91 13.88
CA GLU B 392 26.71 2.50 12.73
C GLU B 392 27.26 3.89 13.01
N ILE B 393 26.66 4.62 13.96
CA ILE B 393 27.02 6.02 14.15
C ILE B 393 28.34 6.15 14.89
N ASP B 394 28.52 5.38 15.96
CA ASP B 394 29.69 5.49 16.84
C ASP B 394 30.79 4.48 16.52
N ALA B 395 30.49 3.44 15.74
CA ALA B 395 31.50 2.43 15.44
C ALA B 395 32.56 2.96 14.49
N MET B 396 32.17 3.78 13.50
CA MET B 396 33.15 4.27 12.54
C MET B 396 34.15 5.21 13.21
N GLU B 397 33.71 6.03 14.17
CA GLU B 397 34.64 6.85 14.93
C GLU B 397 35.62 5.98 15.69
N PHE B 398 35.10 4.95 16.38
CA PHE B 398 35.95 4.04 17.15
C PHE B 398 36.96 3.32 16.26
N LEU B 399 36.59 3.02 15.01
CA LEU B 399 37.52 2.35 14.11
C LEU B 399 38.58 3.31 13.57
N ILE B 400 38.17 4.42 12.97
CA ILE B 400 39.11 5.31 12.31
C ILE B 400 40.03 6.01 13.30
N ASN B 401 39.50 6.46 14.44
CA ASN B 401 40.33 7.23 15.36
C ASN B 401 41.50 6.41 15.92
N LYS B 402 41.41 5.09 15.90
CA LYS B 402 42.52 4.24 16.33
C LYS B 402 43.31 3.63 15.18
N LEU B 403 42.70 3.48 14.00
CA LEU B 403 43.37 2.84 12.88
C LEU B 403 44.29 3.80 12.13
N ALA B 404 43.98 5.09 12.13
CA ALA B 404 44.75 6.09 11.41
C ALA B 404 46.10 6.40 12.05
N MET B 405 46.48 5.69 13.12
CA MET B 405 47.74 5.96 13.80
C MET B 405 48.89 5.08 13.30
N THR B 406 48.65 3.80 13.04
CA THR B 406 49.72 2.88 12.69
C THR B 406 49.50 2.31 11.29
N LYS B 407 50.36 1.37 10.91
CA LYS B 407 50.42 0.84 9.55
C LYS B 407 49.41 -0.29 9.38
N THR B 408 49.53 -1.02 8.26
CA THR B 408 48.59 -2.09 7.94
C THR B 408 48.98 -3.42 8.58
N ASN B 409 50.26 -3.76 8.58
CA ASN B 409 50.69 -4.99 9.24
C ASN B 409 50.64 -4.88 10.76
N ASP B 410 50.60 -3.66 11.29
CA ASP B 410 50.42 -3.42 12.71
C ASP B 410 48.96 -3.36 13.11
N ASP B 411 48.05 -3.81 12.25
CA ASP B 411 46.63 -3.80 12.59
C ASP B 411 46.32 -4.70 13.78
N PHE B 412 47.17 -5.71 14.01
CA PHE B 412 47.01 -6.62 15.13
C PHE B 412 46.97 -5.88 16.46
N MET C 1 30.53 -45.13 -25.83
CA MET C 1 30.53 -45.66 -24.47
C MET C 1 29.11 -45.87 -23.95
N ASN C 2 28.97 -45.68 -22.65
CA ASN C 2 27.69 -45.72 -21.96
C ASN C 2 27.31 -44.27 -21.68
N LEU C 3 26.13 -43.86 -22.12
CA LEU C 3 25.73 -42.45 -22.03
C LEU C 3 25.84 -41.94 -20.59
N THR C 4 25.24 -42.65 -19.64
CA THR C 4 25.33 -42.21 -18.25
C THR C 4 26.77 -42.05 -17.78
N GLU C 5 27.64 -42.99 -18.15
CA GLU C 5 29.05 -42.88 -17.80
C GLU C 5 29.70 -41.67 -18.45
N LEU C 6 29.33 -41.38 -19.71
CA LEU C 6 29.87 -40.20 -20.37
C LEU C 6 29.43 -38.92 -19.66
N LYS C 7 28.15 -38.85 -19.31
CA LYS C 7 27.62 -37.67 -18.62
C LYS C 7 28.25 -37.47 -17.24
N ASN C 8 28.79 -38.53 -16.64
CA ASN C 8 29.44 -38.45 -15.35
C ASN C 8 30.96 -38.29 -15.44
N THR C 9 31.55 -38.40 -16.64
CA THR C 9 32.98 -38.20 -16.75
C THR C 9 33.31 -36.72 -16.99
N PRO C 10 34.43 -36.24 -16.48
CA PRO C 10 34.77 -34.82 -16.61
C PRO C 10 34.95 -34.41 -18.06
N VAL C 11 34.67 -33.13 -18.34
CA VAL C 11 34.80 -32.61 -19.69
C VAL C 11 36.22 -32.71 -20.19
N SER C 12 37.20 -32.57 -19.29
CA SER C 12 38.60 -32.73 -19.68
C SER C 12 38.87 -34.13 -20.20
N GLU C 13 38.20 -35.12 -19.62
CA GLU C 13 38.34 -36.50 -20.06
C GLU C 13 37.55 -36.78 -21.34
N LEU C 14 36.45 -36.03 -21.57
CA LEU C 14 35.68 -36.20 -22.79
C LEU C 14 36.48 -35.83 -24.03
N ILE C 15 37.34 -34.82 -23.92
CA ILE C 15 38.09 -34.36 -25.08
C ILE C 15 39.13 -35.39 -25.52
N THR C 16 39.84 -35.98 -24.55
CA THR C 16 40.88 -36.95 -24.92
C THR C 16 40.28 -38.21 -25.53
N LEU C 17 39.14 -38.66 -25.01
CA LEU C 17 38.49 -39.84 -25.56
C LEU C 17 37.74 -39.53 -26.85
N GLY C 18 37.30 -38.30 -27.03
CA GLY C 18 36.56 -37.92 -28.22
C GLY C 18 37.44 -37.52 -29.38
N GLU C 19 38.60 -36.92 -29.09
CA GLU C 19 39.50 -36.50 -30.16
C GLU C 19 40.16 -37.69 -30.85
N ASN C 20 40.39 -38.78 -30.11
CA ASN C 20 40.96 -39.99 -30.70
C ASN C 20 39.98 -40.72 -31.60
N MET C 21 38.74 -40.25 -31.70
CA MET C 21 37.73 -40.85 -32.57
C MET C 21 37.57 -40.09 -33.88
N GLY C 22 38.28 -38.99 -34.06
CA GLY C 22 38.17 -38.19 -35.26
C GLY C 22 37.46 -36.87 -35.10
N LEU C 23 37.40 -36.32 -33.89
CA LEU C 23 36.73 -35.05 -33.62
C LEU C 23 37.77 -34.02 -33.21
N GLU C 24 37.68 -32.83 -33.81
CA GLU C 24 38.66 -31.78 -33.59
C GLU C 24 38.05 -30.45 -33.15
N ASN C 25 36.73 -30.26 -33.29
CA ASN C 25 36.07 -29.00 -33.01
C ASN C 25 35.37 -29.00 -31.66
N LEU C 26 35.77 -29.85 -30.72
CA LEU C 26 35.15 -29.85 -29.42
C LEU C 26 35.72 -28.79 -28.49
N ALA C 27 36.64 -27.96 -29.00
CA ALA C 27 37.24 -26.91 -28.18
C ALA C 27 36.21 -25.84 -27.86
N ARG C 28 36.05 -25.54 -26.56
CA ARG C 28 35.14 -24.51 -26.09
C ARG C 28 33.70 -24.76 -26.56
N MET C 29 33.14 -25.88 -26.10
CA MET C 29 31.75 -26.20 -26.35
C MET C 29 31.13 -26.78 -25.09
N ARG C 30 29.81 -26.84 -25.06
CA ARG C 30 29.11 -27.36 -23.89
C ARG C 30 29.28 -28.87 -23.79
N LYS C 31 29.18 -29.37 -22.55
CA LYS C 31 29.34 -30.80 -22.32
C LYS C 31 28.24 -31.59 -23.02
N GLN C 32 27.02 -31.05 -23.06
CA GLN C 32 25.92 -31.73 -23.73
C GLN C 32 26.21 -31.88 -25.22
N ASP C 33 26.70 -30.82 -25.87
CA ASP C 33 27.02 -30.90 -27.29
C ASP C 33 28.17 -31.88 -27.54
N ILE C 34 29.16 -31.89 -26.65
CA ILE C 34 30.29 -32.81 -26.80
C ILE C 34 29.81 -34.25 -26.69
N ILE C 35 28.94 -34.54 -25.72
CA ILE C 35 28.42 -35.90 -25.56
C ILE C 35 27.57 -36.29 -26.75
N PHE C 36 26.74 -35.37 -27.25
CA PHE C 36 25.94 -35.66 -28.43
C PHE C 36 26.81 -35.98 -29.64
N ALA C 37 27.88 -35.20 -29.85
CA ALA C 37 28.76 -35.45 -30.98
C ALA C 37 29.51 -36.77 -30.83
N ILE C 38 29.97 -37.07 -29.61
CA ILE C 38 30.67 -38.33 -29.37
C ILE C 38 29.74 -39.51 -29.63
N LEU C 39 28.49 -39.41 -29.20
CA LEU C 39 27.53 -40.49 -29.44
C LEU C 39 27.23 -40.64 -30.93
N LYS C 40 27.01 -39.52 -31.62
CA LYS C 40 26.68 -39.60 -33.04
C LYS C 40 27.84 -40.11 -33.86
N GLN C 41 29.08 -39.85 -33.44
CA GLN C 41 30.24 -40.40 -34.13
C GLN C 41 30.48 -41.85 -33.75
N HIS C 42 30.11 -42.26 -32.54
CA HIS C 42 30.26 -43.63 -32.08
C HIS C 42 29.10 -44.52 -32.51
N ALA C 43 27.97 -43.93 -32.93
CA ALA C 43 26.82 -44.71 -33.34
C ALA C 43 27.00 -45.35 -34.72
N LYS C 44 27.83 -44.76 -35.58
CA LYS C 44 28.05 -45.33 -36.91
C LYS C 44 28.77 -46.67 -36.87
N SER C 45 29.35 -47.04 -35.73
CA SER C 45 30.02 -48.33 -35.61
C SER C 45 29.08 -49.49 -35.34
N GLY C 46 27.77 -49.23 -35.24
CA GLY C 46 26.81 -50.29 -35.02
C GLY C 46 26.97 -51.01 -33.70
N GLU C 47 27.21 -50.26 -32.63
CA GLU C 47 27.45 -50.82 -31.31
C GLU C 47 26.33 -50.44 -30.37
N ASP C 48 25.94 -51.38 -29.50
CA ASP C 48 24.85 -51.14 -28.55
C ASP C 48 25.28 -50.09 -27.54
N ILE C 49 24.49 -49.01 -27.44
CA ILE C 49 24.74 -47.92 -26.52
C ILE C 49 23.64 -47.90 -25.47
N PHE C 50 24.03 -47.81 -24.20
CA PHE C 50 23.09 -47.85 -23.09
C PHE C 50 22.84 -46.45 -22.56
N GLY C 51 21.59 -46.20 -22.15
CA GLY C 51 21.23 -44.92 -21.58
C GLY C 51 20.13 -45.10 -20.55
N ASP C 52 19.89 -44.03 -19.80
CA ASP C 52 18.83 -44.02 -18.80
C ASP C 52 18.54 -42.57 -18.41
N GLY C 53 17.38 -42.36 -17.81
CA GLY C 53 17.02 -41.03 -17.37
C GLY C 53 15.62 -41.00 -16.80
N VAL C 54 15.31 -39.88 -16.16
CA VAL C 54 14.00 -39.67 -15.55
C VAL C 54 13.09 -39.02 -16.60
N LEU C 55 11.90 -39.58 -16.77
CA LEU C 55 11.00 -39.11 -17.82
C LEU C 55 10.43 -37.74 -17.47
N GLU C 56 10.25 -36.90 -18.48
CA GLU C 56 9.57 -35.62 -18.35
C GLU C 56 8.69 -35.46 -19.59
N ILE C 57 7.39 -35.50 -19.40
CA ILE C 57 6.44 -35.39 -20.50
C ILE C 57 6.10 -33.93 -20.72
N LEU C 58 6.19 -33.49 -21.97
CA LEU C 58 5.85 -32.12 -22.33
C LEU C 58 4.36 -32.03 -22.67
N GLN C 59 3.92 -30.84 -23.06
CA GLN C 59 2.51 -30.64 -23.38
C GLN C 59 2.09 -31.42 -24.61
N ASP C 60 2.99 -31.58 -25.59
CA ASP C 60 2.62 -32.23 -26.84
C ASP C 60 2.39 -33.73 -26.68
N GLY C 61 2.97 -34.36 -25.67
CA GLY C 61 2.70 -35.75 -25.37
C GLY C 61 3.86 -36.71 -25.51
N PHE C 62 5.02 -36.31 -26.05
CA PHE C 62 6.13 -37.23 -26.21
C PHE C 62 7.17 -37.13 -25.09
N GLY C 63 7.54 -35.93 -24.67
CA GLY C 63 8.50 -35.77 -23.60
C GLY C 63 9.90 -36.27 -23.95
N PHE C 64 10.78 -36.15 -22.96
CA PHE C 64 12.19 -36.55 -23.08
C PHE C 64 12.61 -37.27 -21.81
N LEU C 65 13.86 -37.72 -21.79
CA LEU C 65 14.47 -38.38 -20.64
C LEU C 65 15.58 -37.48 -20.11
N ARG C 66 15.27 -36.72 -19.06
CA ARG C 66 16.23 -35.82 -18.45
C ARG C 66 17.25 -36.59 -17.61
N SER C 67 18.43 -36.00 -17.47
CA SER C 67 19.53 -36.61 -16.73
C SER C 67 19.60 -36.01 -15.34
N ALA C 68 19.77 -36.88 -14.34
CA ALA C 68 19.94 -36.39 -12.96
C ALA C 68 21.26 -35.69 -12.76
N ASP C 69 22.28 -36.02 -13.57
CA ASP C 69 23.57 -35.36 -13.45
C ASP C 69 23.48 -33.90 -13.83
N SER C 70 22.76 -33.58 -14.90
CA SER C 70 22.57 -32.20 -15.32
C SER C 70 21.43 -31.50 -14.59
N SER C 71 20.98 -32.07 -13.46
CA SER C 71 19.85 -31.53 -12.70
C SER C 71 18.60 -31.41 -13.56
N TYR C 72 18.39 -32.40 -14.43
CA TYR C 72 17.22 -32.46 -15.31
C TYR C 72 17.12 -31.22 -16.19
N LEU C 73 18.21 -30.90 -16.87
CA LEU C 73 18.27 -29.76 -17.78
C LEU C 73 18.08 -30.22 -19.21
N ALA C 74 17.26 -29.48 -19.96
CA ALA C 74 17.03 -29.82 -21.36
C ALA C 74 18.28 -29.58 -22.19
N GLY C 75 18.71 -30.62 -22.91
CA GLY C 75 19.89 -30.54 -23.73
C GLY C 75 19.85 -31.50 -24.90
N PRO C 76 20.85 -31.40 -25.79
CA PRO C 76 20.91 -32.33 -26.93
C PRO C 76 21.18 -33.77 -26.53
N ASP C 77 21.79 -34.01 -25.38
CA ASP C 77 22.12 -35.35 -24.92
C ASP C 77 20.94 -36.07 -24.28
N ASP C 78 19.72 -35.58 -24.49
CA ASP C 78 18.53 -36.20 -23.92
C ASP C 78 17.96 -37.22 -24.90
N ILE C 79 17.07 -38.07 -24.39
CA ILE C 79 16.53 -39.20 -25.14
C ILE C 79 15.06 -38.94 -25.42
N TYR C 80 14.68 -38.98 -26.70
CA TYR C 80 13.29 -38.78 -27.10
C TYR C 80 12.47 -40.03 -26.83
N VAL C 81 11.26 -39.83 -26.31
CA VAL C 81 10.34 -40.91 -26.01
C VAL C 81 9.09 -40.72 -26.86
N SER C 82 8.75 -41.72 -27.66
CA SER C 82 7.59 -41.64 -28.52
C SER C 82 6.31 -41.69 -27.68
N PRO C 83 5.26 -40.96 -28.08
CA PRO C 83 4.00 -41.02 -27.32
C PRO C 83 3.39 -42.40 -27.30
N SER C 84 3.48 -43.15 -28.40
CA SER C 84 2.95 -44.50 -28.43
C SER C 84 3.60 -45.36 -27.35
N GLN C 85 4.92 -45.20 -27.16
CA GLN C 85 5.59 -45.87 -26.06
C GLN C 85 4.97 -45.50 -24.72
N ILE C 86 4.70 -44.21 -24.51
CA ILE C 86 4.03 -43.76 -23.30
C ILE C 86 2.64 -44.36 -23.18
N ARG C 87 2.04 -44.73 -24.32
CA ARG C 87 0.76 -45.43 -24.29
C ARG C 87 0.95 -46.94 -24.09
N ARG C 88 2.09 -47.48 -24.52
CA ARG C 88 2.32 -48.91 -24.39
C ARG C 88 2.62 -49.31 -22.95
N PHE C 89 3.45 -48.54 -22.24
CA PHE C 89 3.81 -48.86 -20.87
C PHE C 89 3.18 -47.93 -19.84
N ASN C 90 2.20 -47.11 -20.24
CA ASN C 90 1.52 -46.16 -19.35
C ASN C 90 2.52 -45.38 -18.49
N LEU C 91 3.30 -44.55 -19.17
CA LEU C 91 4.38 -43.83 -18.51
C LEU C 91 3.91 -42.46 -18.04
N ARG C 92 4.25 -42.11 -16.80
CA ARG C 92 3.99 -40.78 -16.26
C ARG C 92 5.31 -40.06 -16.02
N THR C 93 5.21 -38.80 -15.61
CA THR C 93 6.41 -38.02 -15.35
C THR C 93 7.09 -38.51 -14.07
N GLY C 94 8.42 -38.57 -14.12
CA GLY C 94 9.20 -39.01 -12.99
C GLY C 94 9.66 -40.46 -13.05
N ASP C 95 9.22 -41.21 -14.06
CA ASP C 95 9.57 -42.62 -14.17
C ASP C 95 11.01 -42.75 -14.65
N THR C 96 11.84 -43.41 -13.86
CA THR C 96 13.21 -43.70 -14.28
C THR C 96 13.20 -44.83 -15.29
N ILE C 97 13.67 -44.55 -16.51
CA ILE C 97 13.66 -45.51 -17.60
C ILE C 97 15.10 -45.81 -17.98
N SER C 98 15.40 -47.10 -18.16
CA SER C 98 16.72 -47.56 -18.57
C SER C 98 16.56 -48.56 -19.71
N GLY C 99 17.47 -48.52 -20.66
CA GLY C 99 17.42 -49.44 -21.78
C GLY C 99 18.34 -49.00 -22.89
N LYS C 100 18.28 -49.77 -23.98
CA LYS C 100 19.10 -49.49 -25.15
C LYS C 100 18.49 -48.36 -25.96
N ILE C 101 19.35 -47.46 -26.44
CA ILE C 101 18.92 -46.31 -27.22
C ILE C 101 19.43 -46.46 -28.64
N ARG C 102 18.72 -45.83 -29.58
CA ARG C 102 19.04 -45.92 -31.00
C ARG C 102 19.56 -44.58 -31.52
N PRO C 103 20.37 -44.60 -32.59
CA PRO C 103 20.85 -43.34 -33.16
C PRO C 103 19.70 -42.57 -33.79
N PRO C 104 19.80 -41.25 -33.88
CA PRO C 104 18.72 -40.46 -34.47
C PRO C 104 18.62 -40.67 -35.97
N LYS C 105 17.39 -40.65 -36.46
CA LYS C 105 17.09 -40.82 -37.87
C LYS C 105 17.22 -39.49 -38.60
N GLU C 106 17.07 -39.52 -39.92
CA GLU C 106 17.14 -38.31 -40.71
C GLU C 106 15.99 -37.37 -40.34
N GLY C 107 16.28 -36.08 -40.29
CA GLY C 107 15.32 -35.09 -39.86
C GLY C 107 15.13 -34.97 -38.36
N GLU C 108 15.72 -35.88 -37.58
CA GLU C 108 15.63 -35.85 -36.13
C GLU C 108 16.85 -35.15 -35.53
N ARG C 109 16.68 -34.64 -34.32
CA ARG C 109 17.75 -33.99 -33.59
C ARG C 109 18.13 -34.69 -32.30
N TYR C 110 17.32 -35.62 -31.81
CA TYR C 110 17.52 -36.25 -30.52
C TYR C 110 17.61 -37.76 -30.67
N PHE C 111 18.36 -38.38 -29.76
CA PHE C 111 18.39 -39.83 -29.71
C PHE C 111 17.09 -40.37 -29.15
N ALA C 112 16.74 -41.58 -29.58
CA ALA C 112 15.53 -42.26 -29.14
C ALA C 112 15.90 -43.60 -28.49
N LEU C 113 14.93 -44.16 -27.76
CA LEU C 113 15.14 -45.41 -27.05
C LEU C 113 14.64 -46.58 -27.91
N LEU C 114 15.48 -47.59 -28.08
CA LEU C 114 15.12 -48.75 -28.89
C LEU C 114 14.35 -49.77 -28.06
N LYS C 115 14.93 -50.21 -26.94
CA LYS C 115 14.32 -51.21 -26.08
C LYS C 115 14.16 -50.65 -24.67
N VAL C 116 13.09 -51.07 -24.01
CA VAL C 116 12.79 -50.65 -22.65
C VAL C 116 13.20 -51.78 -21.72
N ASN C 117 14.34 -51.61 -21.05
CA ASN C 117 14.86 -52.66 -20.19
C ASN C 117 14.18 -52.66 -18.83
N GLU C 118 14.09 -51.49 -18.19
CA GLU C 118 13.47 -51.38 -16.87
C GLU C 118 12.66 -50.10 -16.78
N VAL C 119 11.60 -50.17 -16.00
CA VAL C 119 10.74 -49.02 -15.68
C VAL C 119 10.70 -48.91 -14.17
N ASN C 120 11.30 -47.84 -13.64
CA ASN C 120 11.39 -47.60 -12.20
C ASN C 120 12.10 -48.75 -11.48
N PHE C 121 13.29 -49.09 -11.99
CA PHE C 121 14.17 -50.09 -11.38
C PHE C 121 13.50 -51.46 -11.24
N ASP C 122 12.56 -51.77 -12.13
CA ASP C 122 11.85 -53.05 -12.06
C ASP C 122 11.44 -53.44 -13.47
N LYS C 123 10.64 -54.49 -13.58
CA LYS C 123 10.20 -54.98 -14.88
C LYS C 123 9.36 -53.91 -15.59
N PRO C 124 9.53 -53.75 -16.90
CA PRO C 124 8.71 -52.75 -17.61
C PRO C 124 7.21 -53.01 -17.53
N GLU C 125 6.79 -54.22 -17.18
CA GLU C 125 5.39 -54.55 -17.00
C GLU C 125 4.90 -54.26 -15.59
N ASN C 126 5.62 -53.43 -14.83
CA ASN C 126 5.23 -53.06 -13.47
C ASN C 126 4.83 -51.59 -13.39
N ALA C 127 4.23 -51.06 -14.46
CA ALA C 127 3.70 -49.71 -14.46
C ALA C 127 2.21 -49.66 -14.14
N ARG C 128 1.61 -50.80 -13.82
CA ARG C 128 0.20 -50.86 -13.43
C ARG C 128 0.15 -50.92 -11.90
N ASN C 129 0.25 -49.75 -11.28
CA ASN C 129 0.33 -49.62 -9.84
C ASN C 129 -0.61 -48.52 -9.35
N LYS C 130 -0.71 -48.41 -8.03
CA LYS C 130 -1.53 -47.40 -7.37
C LYS C 130 -0.76 -46.09 -7.29
N ILE C 131 -1.20 -45.09 -8.07
CA ILE C 131 -0.52 -43.81 -8.08
C ILE C 131 -0.63 -43.13 -6.71
N LEU C 132 0.33 -42.23 -6.45
CA LEU C 132 0.44 -41.58 -5.15
C LEU C 132 -0.83 -40.83 -4.78
N PHE C 133 -1.59 -40.35 -5.78
CA PHE C 133 -2.80 -39.58 -5.51
C PHE C 133 -3.90 -40.40 -4.84
N GLU C 134 -3.78 -41.73 -4.87
CA GLU C 134 -4.81 -42.61 -4.31
C GLU C 134 -4.41 -43.25 -2.98
N ASN C 135 -3.16 -43.11 -2.56
CA ASN C 135 -2.72 -43.73 -1.31
C ASN C 135 -3.28 -43.02 -0.09
N LEU C 136 -3.62 -43.81 0.93
CA LEU C 136 -4.10 -43.25 2.19
C LEU C 136 -2.95 -42.62 2.97
N THR C 137 -3.30 -41.68 3.84
CA THR C 137 -2.33 -40.83 4.55
C THR C 137 -2.46 -40.95 6.06
N PRO C 138 -1.71 -41.84 6.70
CA PRO C 138 -1.66 -41.83 8.17
C PRO C 138 -0.77 -40.70 8.69
N LEU C 139 -0.78 -40.55 10.02
CA LEU C 139 -0.05 -39.48 10.70
C LEU C 139 1.44 -39.73 10.94
N HIS C 140 2.17 -40.14 9.89
CA HIS C 140 3.64 -40.11 9.85
C HIS C 140 4.27 -40.54 11.18
N ALA C 141 3.82 -41.68 11.70
CA ALA C 141 4.27 -42.09 13.03
C ALA C 141 4.62 -43.57 13.12
N ASN C 142 4.69 -44.30 12.01
CA ASN C 142 5.03 -45.71 12.07
C ASN C 142 6.46 -45.93 12.54
N SER C 143 7.39 -45.14 12.03
CA SER C 143 8.79 -45.26 12.39
C SER C 143 9.38 -43.87 12.61
N ARG C 144 10.47 -43.83 13.37
CA ARG C 144 11.17 -42.59 13.67
C ARG C 144 12.52 -42.58 12.97
N LEU C 145 12.84 -41.45 12.35
CA LEU C 145 14.15 -41.20 11.75
C LEU C 145 14.97 -40.42 12.78
N ARG C 146 15.70 -41.15 13.62
CA ARG C 146 16.53 -40.52 14.63
C ARG C 146 17.86 -40.11 14.00
N MET C 147 18.22 -38.84 14.16
CA MET C 147 19.46 -38.30 13.63
C MET C 147 20.56 -38.25 14.68
N GLU C 148 20.61 -39.23 15.57
CA GLU C 148 21.60 -39.25 16.64
C GLU C 148 22.68 -40.26 16.28
N ARG C 149 23.91 -39.80 16.14
CA ARG C 149 25.02 -40.68 15.82
C ARG C 149 25.67 -41.17 17.11
N GLY C 150 26.49 -42.21 16.99
CA GLY C 150 27.01 -42.91 18.15
C GLY C 150 27.94 -42.09 19.04
N ASN C 151 29.12 -41.75 18.53
CA ASN C 151 30.10 -41.07 19.36
C ASN C 151 29.77 -39.60 19.51
N GLY C 152 30.25 -39.01 20.60
CA GLY C 152 29.98 -37.63 20.93
C GLY C 152 30.88 -36.64 20.24
N SER C 153 30.37 -35.99 19.19
CA SER C 153 31.09 -34.97 18.45
C SER C 153 30.35 -33.65 18.54
N THR C 154 31.10 -32.55 18.43
CA THR C 154 30.46 -31.23 18.43
C THR C 154 29.50 -31.08 17.27
N GLU C 155 29.76 -31.76 16.16
CA GLU C 155 28.81 -31.76 15.05
C GLU C 155 27.51 -32.44 15.44
N ASP C 156 27.61 -33.60 16.10
CA ASP C 156 26.43 -34.37 16.51
C ASP C 156 25.59 -33.63 17.54
N LEU C 157 26.15 -32.59 18.18
CA LEU C 157 25.41 -31.84 19.18
C LEU C 157 24.15 -31.22 18.59
N THR C 158 24.28 -30.57 17.43
CA THR C 158 23.13 -29.99 16.76
C THR C 158 22.08 -31.06 16.43
N ALA C 159 22.53 -32.23 15.97
CA ALA C 159 21.60 -33.30 15.66
C ALA C 159 20.92 -33.84 16.91
N ARG C 160 21.63 -33.87 18.03
CA ARG C 160 21.01 -34.31 19.28
C ARG C 160 19.96 -33.31 19.75
N VAL C 161 20.27 -32.01 19.65
CA VAL C 161 19.26 -30.99 19.99
C VAL C 161 18.07 -31.10 19.06
N LEU C 162 18.31 -31.43 17.79
CA LEU C 162 17.22 -31.62 16.84
C LEU C 162 16.34 -32.78 17.25
N ASP C 163 16.95 -33.90 17.66
CA ASP C 163 16.18 -35.05 18.11
C ASP C 163 15.38 -34.73 19.38
N LEU C 164 15.96 -33.92 20.27
CA LEU C 164 15.25 -33.59 21.50
C LEU C 164 14.11 -32.61 21.25
N ALA C 165 14.30 -31.65 20.34
CA ALA C 165 13.31 -30.62 20.11
C ALA C 165 12.21 -31.08 19.16
N SER C 166 12.58 -31.63 18.02
CA SER C 166 11.63 -32.04 16.99
C SER C 166 12.04 -33.37 16.38
N PRO C 167 11.44 -34.48 16.83
CA PRO C 167 11.76 -35.78 16.25
C PRO C 167 11.29 -35.88 14.80
N ILE C 168 12.01 -36.65 14.00
CA ILE C 168 11.72 -36.83 12.59
C ILE C 168 11.15 -38.22 12.39
N GLY C 169 10.04 -38.32 11.65
CA GLY C 169 9.41 -39.58 11.35
C GLY C 169 9.34 -39.80 9.84
N ARG C 170 8.97 -41.03 9.48
CA ARG C 170 8.85 -41.39 8.06
C ARG C 170 7.63 -40.70 7.45
N GLY C 171 7.87 -39.89 6.43
CA GLY C 171 6.78 -39.19 5.76
C GLY C 171 6.34 -37.93 6.47
N GLN C 172 7.26 -37.14 6.98
CA GLN C 172 6.94 -35.97 7.78
C GLN C 172 7.12 -34.70 6.97
N ARG C 173 6.27 -33.71 7.26
CA ARG C 173 6.36 -32.39 6.63
C ARG C 173 7.21 -31.49 7.53
N GLY C 174 8.48 -31.33 7.18
CA GLY C 174 9.39 -30.50 7.95
C GLY C 174 9.39 -29.07 7.43
N LEU C 175 9.41 -28.12 8.36
CA LEU C 175 9.44 -26.71 8.05
C LEU C 175 10.50 -26.05 8.91
N ILE C 176 11.60 -25.64 8.29
CA ILE C 176 12.72 -25.02 9.00
C ILE C 176 12.60 -23.51 8.83
N VAL C 177 12.14 -22.83 9.87
CA VAL C 177 12.09 -21.37 9.86
C VAL C 177 13.49 -20.87 10.21
N ALA C 178 14.06 -20.02 9.35
CA ALA C 178 15.43 -19.63 9.55
C ALA C 178 15.71 -18.21 9.08
N PRO C 179 16.22 -17.34 9.95
CA PRO C 179 16.70 -16.03 9.51
C PRO C 179 18.02 -16.17 8.78
N PRO C 180 18.48 -15.14 8.08
CA PRO C 180 19.78 -15.23 7.42
C PRO C 180 20.91 -15.30 8.44
N LYS C 181 21.95 -16.05 8.08
CA LYS C 181 23.13 -16.25 8.92
C LYS C 181 22.72 -16.81 10.29
N ALA C 182 22.06 -17.96 10.27
CA ALA C 182 21.55 -18.59 11.48
C ALA C 182 21.83 -20.09 11.52
N GLY C 183 22.77 -20.57 10.70
CA GLY C 183 23.11 -21.97 10.70
C GLY C 183 22.24 -22.86 9.84
N LYS C 184 21.67 -22.32 8.76
CA LYS C 184 20.75 -23.11 7.94
C LYS C 184 21.51 -24.12 7.08
N THR C 185 22.53 -23.68 6.34
CA THR C 185 23.17 -24.55 5.36
C THR C 185 23.86 -25.73 6.03
N MET C 186 24.53 -25.50 7.16
CA MET C 186 25.20 -26.61 7.81
C MET C 186 24.22 -27.49 8.58
N LEU C 187 23.08 -26.94 8.99
CA LEU C 187 22.04 -27.76 9.60
C LEU C 187 21.49 -28.77 8.61
N LEU C 188 21.36 -28.37 7.34
CA LEU C 188 20.83 -29.27 6.32
C LEU C 188 21.80 -30.41 6.02
N GLN C 189 23.08 -30.08 5.82
CA GLN C 189 24.06 -31.12 5.53
C GLN C 189 24.28 -32.03 6.75
N ASN C 190 24.09 -31.50 7.95
CA ASN C 190 24.14 -32.35 9.15
C ASN C 190 23.01 -33.37 9.13
N ILE C 191 21.82 -32.95 8.73
CA ILE C 191 20.71 -33.88 8.60
C ILE C 191 20.99 -34.88 7.47
N ALA C 192 21.51 -34.40 6.34
CA ALA C 192 21.79 -35.28 5.21
C ALA C 192 22.86 -36.29 5.58
N GLN C 193 23.90 -35.86 6.30
CA GLN C 193 24.95 -36.79 6.72
C GLN C 193 24.39 -37.85 7.67
N SER C 194 23.52 -37.45 8.59
CA SER C 194 22.94 -38.40 9.54
C SER C 194 21.95 -39.34 8.88
N ILE C 195 21.34 -38.93 7.77
CA ILE C 195 20.42 -39.81 7.05
C ILE C 195 21.17 -40.99 6.45
N ALA C 196 22.30 -40.72 5.80
CA ALA C 196 23.04 -41.79 5.12
C ALA C 196 23.60 -42.81 6.09
N TYR C 197 24.00 -42.39 7.30
CA TYR C 197 24.54 -43.34 8.27
C TYR C 197 23.43 -44.09 9.00
N ASN C 198 22.34 -43.41 9.32
CA ASN C 198 21.33 -44.09 10.13
C ASN C 198 20.30 -44.81 9.29
N HIS C 199 19.86 -44.21 8.19
CA HIS C 199 18.84 -44.80 7.32
C HIS C 199 19.39 -44.86 5.90
N PRO C 200 20.27 -45.82 5.61
CA PRO C 200 20.78 -45.95 4.23
C PRO C 200 19.73 -46.46 3.26
N ASP C 201 18.69 -47.14 3.75
CA ASP C 201 17.64 -47.65 2.88
C ASP C 201 16.79 -46.54 2.28
N CYS C 202 16.80 -45.35 2.88
CA CYS C 202 15.98 -44.25 2.40
C CYS C 202 16.68 -43.53 1.25
N VAL C 203 15.90 -43.20 0.23
CA VAL C 203 16.41 -42.47 -0.93
C VAL C 203 16.41 -40.99 -0.57
N LEU C 204 17.60 -40.42 -0.41
CA LEU C 204 17.76 -39.04 0.02
C LEU C 204 17.99 -38.15 -1.19
N MET C 205 17.18 -37.09 -1.31
CA MET C 205 17.32 -36.12 -2.39
C MET C 205 17.36 -34.72 -1.79
N VAL C 206 18.44 -34.00 -2.08
CA VAL C 206 18.63 -32.64 -1.59
C VAL C 206 18.35 -31.69 -2.74
N LEU C 207 17.25 -30.94 -2.63
CA LEU C 207 16.82 -30.00 -3.66
C LEU C 207 17.20 -28.58 -3.24
N LEU C 208 17.93 -27.89 -4.11
CA LEU C 208 18.38 -26.52 -3.86
C LEU C 208 17.78 -25.62 -4.93
N ILE C 209 16.88 -24.73 -4.54
CA ILE C 209 16.21 -23.82 -5.45
C ILE C 209 16.82 -22.43 -5.30
N ASP C 210 17.25 -21.85 -6.43
CA ASP C 210 17.79 -20.49 -6.48
C ASP C 210 19.01 -20.35 -5.58
N GLU C 211 20.01 -21.19 -5.83
CA GLU C 211 21.20 -21.27 -5.01
C GLU C 211 22.43 -20.83 -5.82
N ARG C 212 23.43 -20.32 -5.11
CA ARG C 212 24.68 -19.94 -5.75
C ARG C 212 25.42 -21.17 -6.26
N PRO C 213 26.12 -21.05 -7.39
CA PRO C 213 26.76 -22.24 -7.97
C PRO C 213 27.83 -22.87 -7.08
N GLU C 214 28.63 -22.04 -6.41
CA GLU C 214 29.66 -22.59 -5.54
C GLU C 214 29.04 -23.39 -4.39
N GLU C 215 27.90 -22.92 -3.87
CA GLU C 215 27.21 -23.68 -2.84
C GLU C 215 26.60 -24.95 -3.40
N VAL C 216 26.19 -24.93 -4.67
CA VAL C 216 25.70 -26.16 -5.31
C VAL C 216 26.81 -27.20 -5.38
N THR C 217 28.00 -26.79 -5.83
CA THR C 217 29.12 -27.73 -5.90
C THR C 217 29.56 -28.19 -4.52
N GLU C 218 29.49 -27.30 -3.52
CA GLU C 218 29.81 -27.70 -2.16
C GLU C 218 28.83 -28.74 -1.65
N MET C 219 27.54 -28.56 -1.91
CA MET C 219 26.53 -29.47 -1.40
C MET C 219 26.61 -30.83 -2.10
N GLN C 220 26.67 -30.82 -3.44
CA GLN C 220 26.67 -32.09 -4.17
C GLN C 220 27.97 -32.87 -3.99
N ARG C 221 29.01 -32.27 -3.43
CA ARG C 221 30.27 -32.96 -3.19
C ARG C 221 30.44 -33.39 -1.74
N LEU C 222 29.45 -33.14 -0.89
CA LEU C 222 29.52 -33.49 0.52
C LEU C 222 28.36 -34.38 0.98
N VAL C 223 27.29 -34.47 0.19
CA VAL C 223 26.12 -35.25 0.54
C VAL C 223 26.12 -36.53 -0.28
N LYS C 224 25.92 -37.67 0.39
CA LYS C 224 25.97 -38.97 -0.25
C LYS C 224 24.62 -39.38 -0.84
N GLY C 225 23.75 -38.42 -1.13
CA GLY C 225 22.49 -38.70 -1.78
C GLY C 225 22.42 -38.12 -3.17
N GLU C 226 21.21 -37.83 -3.66
CA GLU C 226 21.01 -37.23 -4.97
C GLU C 226 20.78 -35.73 -4.78
N VAL C 227 21.76 -34.92 -5.15
CA VAL C 227 21.69 -33.48 -4.98
C VAL C 227 21.30 -32.85 -6.32
N VAL C 228 20.13 -32.22 -6.36
CA VAL C 228 19.63 -31.53 -7.55
C VAL C 228 19.47 -30.06 -7.20
N ALA C 229 19.79 -29.19 -8.15
CA ALA C 229 19.77 -27.76 -7.87
C ALA C 229 19.51 -26.98 -9.15
N SER C 230 19.15 -25.71 -8.96
CA SER C 230 18.96 -24.76 -10.06
C SER C 230 19.46 -23.41 -9.58
N THR C 231 20.51 -22.90 -10.22
CA THR C 231 21.15 -21.68 -9.75
C THR C 231 20.28 -20.45 -10.05
N PHE C 232 20.60 -19.35 -9.36
CA PHE C 232 19.80 -18.13 -9.48
C PHE C 232 20.00 -17.41 -10.81
N ASP C 233 20.99 -17.80 -11.59
CA ASP C 233 21.18 -17.26 -12.93
C ASP C 233 20.39 -18.02 -13.99
N GLU C 234 19.35 -18.73 -13.57
CA GLU C 234 18.44 -19.47 -14.44
C GLU C 234 17.01 -18.95 -14.26
N PRO C 235 16.18 -19.03 -15.29
CA PRO C 235 14.81 -18.51 -15.17
C PRO C 235 14.00 -19.30 -14.17
N ALA C 236 12.88 -18.69 -13.75
CA ALA C 236 12.01 -19.32 -12.77
C ALA C 236 11.40 -20.61 -13.31
N SER C 237 11.23 -20.70 -14.64
CA SER C 237 10.76 -21.94 -15.23
C SER C 237 11.71 -23.09 -14.93
N ARG C 238 13.01 -22.81 -14.86
CA ARG C 238 13.97 -23.85 -14.51
C ARG C 238 13.76 -24.35 -13.08
N HIS C 239 13.54 -23.43 -12.14
CA HIS C 239 13.25 -23.82 -10.76
C HIS C 239 12.00 -24.67 -10.69
N VAL C 240 10.93 -24.23 -11.38
CA VAL C 240 9.68 -24.98 -11.37
C VAL C 240 9.89 -26.37 -11.96
N GLN C 241 10.62 -26.46 -13.07
CA GLN C 241 10.87 -27.75 -13.70
C GLN C 241 11.62 -28.69 -12.77
N VAL C 242 12.68 -28.18 -12.14
CA VAL C 242 13.48 -29.03 -11.24
C VAL C 242 12.64 -29.51 -10.07
N ALA C 243 11.87 -28.60 -9.46
CA ALA C 243 11.06 -28.98 -8.32
C ALA C 243 10.02 -30.03 -8.69
N GLU C 244 9.33 -29.83 -9.82
CA GLU C 244 8.30 -30.78 -10.22
C GLU C 244 8.90 -32.13 -10.61
N MET C 245 10.07 -32.12 -11.28
CA MET C 245 10.73 -33.37 -11.60
C MET C 245 11.10 -34.14 -10.33
N VAL C 246 11.66 -33.44 -9.34
CA VAL C 246 12.06 -34.11 -8.10
C VAL C 246 10.84 -34.67 -7.39
N ILE C 247 9.76 -33.89 -7.31
CA ILE C 247 8.59 -34.37 -6.57
C ILE C 247 7.91 -35.52 -7.30
N GLU C 248 7.92 -35.52 -8.64
CA GLU C 248 7.31 -36.62 -9.37
C GLU C 248 8.15 -37.89 -9.25
N LYS C 249 9.48 -37.76 -9.31
CA LYS C 249 10.32 -38.92 -9.08
C LYS C 249 10.12 -39.48 -7.68
N ALA C 250 9.98 -38.60 -6.68
CA ALA C 250 9.71 -39.06 -5.32
C ALA C 250 8.38 -39.79 -5.24
N LYS C 251 7.35 -39.25 -5.89
CA LYS C 251 6.04 -39.91 -5.89
C LYS C 251 6.13 -41.29 -6.53
N ARG C 252 6.82 -41.40 -7.67
CA ARG C 252 6.92 -42.69 -8.35
C ARG C 252 7.71 -43.69 -7.51
N LEU C 253 8.75 -43.24 -6.81
CA LEU C 253 9.50 -44.15 -5.95
C LEU C 253 8.68 -44.58 -4.74
N VAL C 254 7.85 -43.68 -4.20
CA VAL C 254 6.97 -44.04 -3.09
C VAL C 254 5.91 -45.04 -3.55
N GLU C 255 5.46 -44.93 -4.81
CA GLU C 255 4.52 -45.90 -5.35
C GLU C 255 5.05 -47.32 -5.28
N HIS C 256 6.37 -47.51 -5.23
CA HIS C 256 6.98 -48.81 -5.04
C HIS C 256 7.28 -49.11 -3.58
N LYS C 257 6.57 -48.46 -2.65
CA LYS C 257 6.70 -48.69 -1.21
C LYS C 257 8.10 -48.39 -0.70
N LYS C 258 8.76 -47.39 -1.29
CA LYS C 258 10.08 -46.96 -0.86
C LYS C 258 9.97 -45.74 0.06
N ASP C 259 10.96 -45.59 0.93
CA ASP C 259 11.05 -44.44 1.83
C ASP C 259 11.92 -43.37 1.18
N VAL C 260 11.30 -42.28 0.75
CA VAL C 260 11.99 -41.19 0.07
C VAL C 260 11.99 -39.97 0.98
N ILE C 261 13.13 -39.30 1.05
CA ILE C 261 13.31 -38.10 1.86
C ILE C 261 13.76 -36.98 0.95
N ILE C 262 13.15 -35.81 1.10
CA ILE C 262 13.48 -34.63 0.31
C ILE C 262 13.87 -33.52 1.26
N LEU C 263 15.08 -33.00 1.09
CA LEU C 263 15.55 -31.83 1.84
C LEU C 263 15.51 -30.64 0.89
N LEU C 264 14.42 -29.88 0.96
CA LEU C 264 14.22 -28.73 0.10
C LEU C 264 14.78 -27.48 0.76
N ASP C 265 15.53 -26.68 0.01
CA ASP C 265 16.09 -25.44 0.51
C ASP C 265 15.34 -24.27 -0.10
N SER C 266 14.93 -23.32 0.75
CA SER C 266 14.29 -22.08 0.33
C SER C 266 13.01 -22.36 -0.47
N ILE C 267 12.04 -22.95 0.23
CA ILE C 267 10.71 -23.13 -0.35
C ILE C 267 10.09 -21.78 -0.67
N THR C 268 10.48 -20.73 0.06
CA THR C 268 10.02 -19.39 -0.26
C THR C 268 10.49 -18.97 -1.64
N ARG C 269 11.74 -19.29 -2.00
CA ARG C 269 12.21 -18.95 -3.34
C ARG C 269 11.51 -19.78 -4.42
N LEU C 270 11.12 -21.01 -4.09
CA LEU C 270 10.29 -21.78 -5.02
C LEU C 270 8.93 -21.13 -5.23
N ALA C 271 8.33 -20.63 -4.15
CA ALA C 271 7.07 -19.92 -4.27
C ALA C 271 7.23 -18.63 -5.06
N ARG C 272 8.38 -17.96 -4.92
CA ARG C 272 8.65 -16.77 -5.71
C ARG C 272 8.77 -17.11 -7.19
N ALA C 273 9.47 -18.20 -7.51
CA ALA C 273 9.56 -18.64 -8.91
C ALA C 273 8.19 -18.98 -9.46
N TYR C 274 7.35 -19.63 -8.66
CA TYR C 274 5.99 -19.94 -9.09
C TYR C 274 5.19 -18.68 -9.34
N ASN C 275 5.27 -17.71 -8.42
CA ASN C 275 4.59 -16.44 -8.61
C ASN C 275 5.05 -15.74 -9.89
N THR C 276 6.33 -15.90 -10.24
CA THR C 276 6.80 -15.34 -11.50
C THR C 276 6.23 -16.09 -12.70
N VAL C 277 6.14 -17.43 -12.60
CA VAL C 277 5.75 -18.24 -13.75
C VAL C 277 4.23 -18.30 -13.89
N VAL C 278 3.50 -18.39 -12.78
CA VAL C 278 2.05 -18.61 -12.84
C VAL C 278 1.38 -17.48 -13.61
N PRO C 279 0.51 -17.78 -14.57
CA PRO C 279 -0.16 -16.72 -15.31
C PRO C 279 -1.12 -15.97 -14.41
N ALA C 280 -0.97 -14.64 -14.38
CA ALA C 280 -1.77 -13.72 -13.59
C ALA C 280 -3.21 -14.19 -13.46
N SER C 281 -3.67 -14.38 -12.22
CA SER C 281 -5.05 -14.76 -11.95
C SER C 281 -5.98 -13.56 -11.91
N GLY C 282 -5.56 -12.48 -11.28
CA GLY C 282 -6.35 -11.28 -11.26
C GLY C 282 -5.59 -10.13 -10.63
N LYS C 283 -6.34 -9.11 -10.21
CA LYS C 283 -5.78 -7.95 -9.52
C LYS C 283 -5.93 -8.06 -8.01
N VAL C 284 -5.83 -9.28 -7.48
CA VAL C 284 -6.06 -9.55 -6.07
C VAL C 284 -4.74 -9.97 -5.41
N LEU C 285 -3.63 -9.42 -5.90
CA LEU C 285 -2.33 -9.72 -5.31
C LEU C 285 -2.13 -8.90 -4.05
N THR C 286 -1.63 -9.57 -3.01
CA THR C 286 -1.40 -8.96 -1.70
C THR C 286 0.06 -9.09 -1.34
N GLY C 287 0.73 -7.96 -1.11
CA GLY C 287 2.14 -7.97 -0.78
C GLY C 287 3.07 -8.25 -1.93
N GLY C 288 2.57 -8.33 -3.16
CA GLY C 288 3.38 -8.55 -4.34
C GLY C 288 3.20 -9.91 -4.99
N VAL C 289 2.71 -10.91 -4.25
CA VAL C 289 2.56 -12.26 -4.77
C VAL C 289 1.12 -12.49 -5.21
N ASP C 290 0.97 -13.20 -6.32
CA ASP C 290 -0.37 -13.64 -6.73
C ASP C 290 -0.81 -14.78 -5.84
N ALA C 291 -2.09 -14.75 -5.45
CA ALA C 291 -2.60 -15.76 -4.52
C ALA C 291 -2.65 -17.14 -5.18
N ASN C 292 -3.26 -17.22 -6.37
CA ASN C 292 -3.39 -18.51 -7.06
C ASN C 292 -2.04 -19.16 -7.27
N ALA C 293 -0.99 -18.36 -7.50
CA ALA C 293 0.35 -18.92 -7.67
C ALA C 293 0.75 -19.78 -6.48
N LEU C 294 0.46 -19.32 -5.27
CA LEU C 294 0.83 -20.08 -4.07
C LEU C 294 0.17 -21.44 -4.01
N HIS C 295 -0.83 -21.71 -4.85
CA HIS C 295 -1.42 -23.03 -4.91
C HIS C 295 -0.42 -24.08 -5.39
N ARG C 296 0.52 -23.69 -6.24
CA ARG C 296 1.44 -24.66 -6.85
C ARG C 296 2.51 -25.15 -5.88
N PRO C 297 3.25 -24.28 -5.18
CA PRO C 297 4.27 -24.81 -4.26
C PRO C 297 3.69 -25.58 -3.09
N LYS C 298 2.54 -25.15 -2.57
CA LYS C 298 1.90 -25.85 -1.46
C LYS C 298 1.70 -27.33 -1.78
N ARG C 299 1.19 -27.61 -2.98
CA ARG C 299 1.01 -28.99 -3.39
C ARG C 299 2.31 -29.77 -3.28
N PHE C 300 3.42 -29.17 -3.69
CA PHE C 300 4.74 -29.77 -3.47
C PHE C 300 4.90 -30.15 -2.00
N PHE C 301 4.78 -29.16 -1.12
CA PHE C 301 4.87 -29.44 0.31
C PHE C 301 3.75 -30.37 0.76
N GLY C 302 2.61 -30.35 0.07
CA GLY C 302 1.52 -31.26 0.42
C GLY C 302 1.77 -32.69 0.02
N ALA C 303 2.78 -32.94 -0.81
CA ALA C 303 3.04 -34.31 -1.24
C ALA C 303 3.62 -35.16 -0.11
N ALA C 304 4.35 -34.54 0.82
CA ALA C 304 4.97 -35.30 1.90
C ALA C 304 3.91 -35.92 2.80
N ARG C 305 4.02 -37.23 3.00
CA ARG C 305 3.04 -37.97 3.78
C ARG C 305 3.54 -39.39 4.00
N ASN C 306 2.99 -40.03 5.03
CA ASN C 306 3.15 -41.46 5.23
C ASN C 306 2.05 -42.18 4.48
N VAL C 307 2.35 -43.38 4.01
CA VAL C 307 1.43 -44.16 3.20
C VAL C 307 1.08 -45.44 3.96
N GLU C 308 -0.22 -45.74 4.03
CA GLU C 308 -0.67 -46.96 4.70
C GLU C 308 -0.28 -48.20 3.91
N GLU C 309 -0.26 -48.08 2.58
CA GLU C 309 0.09 -49.21 1.72
C GLU C 309 1.54 -49.62 1.90
N GLY C 310 2.47 -48.68 1.71
CA GLY C 310 3.88 -49.01 1.85
C GLY C 310 4.76 -47.89 2.38
N GLY C 311 5.83 -47.57 1.65
CA GLY C 311 6.79 -46.56 2.01
C GLY C 311 6.23 -45.18 2.30
N SER C 312 7.10 -44.20 2.51
CA SER C 312 6.68 -42.85 2.87
C SER C 312 7.53 -41.84 2.12
N LEU C 313 7.06 -40.59 2.16
CA LEU C 313 7.72 -39.47 1.49
C LEU C 313 7.87 -38.34 2.48
N THR C 314 9.11 -38.12 2.94
CA THR C 314 9.43 -37.08 3.91
C THR C 314 9.98 -35.88 3.16
N ILE C 315 9.50 -34.69 3.51
CA ILE C 315 9.97 -33.45 2.93
C ILE C 315 10.24 -32.46 4.06
N ILE C 316 11.46 -31.95 4.13
CA ILE C 316 11.84 -30.95 5.11
C ILE C 316 12.31 -29.72 4.34
N ALA C 317 11.49 -28.69 4.33
CA ALA C 317 11.75 -27.47 3.57
C ALA C 317 12.10 -26.33 4.52
N THR C 318 13.01 -25.46 4.08
CA THR C 318 13.44 -24.31 4.87
C THR C 318 12.65 -23.09 4.43
N ALA C 319 12.00 -22.43 5.38
CA ALA C 319 11.21 -21.23 5.14
C ALA C 319 12.03 -20.01 5.52
N LEU C 320 12.28 -19.13 4.56
CA LEU C 320 13.06 -17.94 4.81
C LEU C 320 12.22 -16.88 5.51
N ILE C 321 12.79 -16.25 6.53
CA ILE C 321 12.11 -15.21 7.30
C ILE C 321 13.13 -14.15 7.68
N ASP C 322 12.62 -12.97 8.04
CA ASP C 322 13.45 -11.83 8.43
C ASP C 322 14.42 -11.43 7.32
N THR C 323 13.92 -11.45 6.08
CA THR C 323 14.71 -11.07 4.91
C THR C 323 14.57 -9.59 4.57
N GLY C 324 13.61 -8.89 5.17
CA GLY C 324 13.33 -7.52 4.82
C GLY C 324 12.38 -7.37 3.65
N SER C 325 12.00 -8.45 3.00
CA SER C 325 11.06 -8.45 1.88
C SER C 325 9.71 -8.95 2.34
N LYS C 326 8.66 -8.18 2.06
CA LYS C 326 7.32 -8.61 2.43
C LYS C 326 6.86 -9.83 1.66
N MET C 327 7.50 -10.13 0.52
CA MET C 327 7.16 -11.32 -0.25
C MET C 327 7.43 -12.59 0.55
N ASP C 328 8.64 -12.69 1.12
CA ASP C 328 8.97 -13.85 1.94
C ASP C 328 8.09 -13.92 3.18
N GLU C 329 7.72 -12.76 3.74
CA GLU C 329 6.84 -12.75 4.91
C GLU C 329 5.46 -13.32 4.56
N VAL C 330 4.89 -12.89 3.42
CA VAL C 330 3.60 -13.41 3.00
C VAL C 330 3.68 -14.89 2.69
N ILE C 331 4.77 -15.33 2.06
CA ILE C 331 4.94 -16.74 1.75
C ILE C 331 4.99 -17.57 3.04
N TYR C 332 5.78 -17.11 4.02
CA TYR C 332 5.88 -17.82 5.28
C TYR C 332 4.56 -17.84 6.02
N GLU C 333 3.79 -16.75 5.95
CA GLU C 333 2.49 -16.73 6.61
C GLU C 333 1.52 -17.68 5.94
N GLU C 334 1.60 -17.81 4.61
CA GLU C 334 0.73 -18.76 3.92
C GLU C 334 1.17 -20.19 4.16
N PHE C 335 2.45 -20.41 4.46
CA PHE C 335 2.98 -21.73 4.80
C PHE C 335 3.11 -21.91 6.31
N LYS C 336 2.30 -21.20 7.10
CA LYS C 336 2.50 -21.20 8.55
C LYS C 336 2.04 -22.51 9.17
N GLY C 337 0.76 -22.84 9.04
CA GLY C 337 0.22 -24.02 9.68
C GLY C 337 0.06 -25.20 8.74
N THR C 338 0.97 -25.33 7.80
CA THR C 338 0.89 -26.39 6.79
C THR C 338 1.62 -27.66 7.23
N GLY C 339 2.81 -27.53 7.80
CA GLY C 339 3.60 -28.68 8.20
C GLY C 339 3.26 -29.17 9.59
N ASN C 340 3.49 -30.46 9.82
CA ASN C 340 3.30 -31.07 11.13
C ASN C 340 4.61 -31.16 11.92
N MET C 341 5.68 -30.54 11.43
CA MET C 341 6.96 -30.48 12.12
C MET C 341 7.57 -29.12 11.83
N GLU C 342 7.96 -28.41 12.88
CA GLU C 342 8.52 -27.06 12.73
C GLU C 342 9.80 -26.96 13.56
N LEU C 343 10.86 -26.45 12.93
CA LEU C 343 12.14 -26.23 13.57
C LEU C 343 12.51 -24.77 13.37
N HIS C 344 12.50 -23.99 14.44
CA HIS C 344 12.74 -22.55 14.36
C HIS C 344 14.16 -22.21 14.78
N LEU C 345 14.78 -21.31 14.04
CA LEU C 345 16.10 -20.78 14.37
C LEU C 345 15.95 -19.33 14.81
N SER C 346 16.81 -18.92 15.74
CA SER C 346 16.81 -17.57 16.28
C SER C 346 18.09 -16.86 15.87
N ARG C 347 17.94 -15.65 15.30
CA ARG C 347 19.11 -14.89 14.89
C ARG C 347 19.89 -14.35 16.09
N LYS C 348 19.21 -14.12 17.22
CA LYS C 348 19.91 -13.62 18.40
C LYS C 348 20.84 -14.68 18.98
N ILE C 349 20.48 -15.95 18.85
CA ILE C 349 21.39 -17.02 19.28
C ILE C 349 22.58 -17.10 18.33
N ALA C 350 22.36 -16.82 17.05
CA ALA C 350 23.45 -16.85 16.08
C ALA C 350 24.39 -15.66 16.27
N GLU C 351 23.89 -14.54 16.77
CA GLU C 351 24.73 -13.36 16.96
C GLU C 351 25.70 -13.53 18.13
N LYS C 352 25.45 -14.48 19.03
CA LYS C 352 26.39 -14.83 20.08
C LYS C 352 27.26 -16.02 19.70
N ARG C 353 27.07 -16.56 18.49
CA ARG C 353 27.90 -17.63 17.92
C ARG C 353 27.82 -18.92 18.71
N VAL C 354 26.81 -19.09 19.56
CA VAL C 354 26.42 -20.42 19.99
C VAL C 354 25.50 -20.94 18.89
N PHE C 355 26.08 -21.70 17.97
CA PHE C 355 25.48 -21.94 16.67
C PHE C 355 24.35 -22.96 16.61
N PRO C 356 24.28 -23.97 17.48
CA PRO C 356 23.02 -24.72 17.56
C PRO C 356 21.95 -23.76 18.05
N ALA C 357 21.53 -22.89 17.14
CA ALA C 357 20.56 -21.82 17.39
C ALA C 357 19.13 -22.27 17.11
N ILE C 358 18.72 -23.33 17.79
CA ILE C 358 17.36 -23.83 17.66
C ILE C 358 16.50 -23.15 18.73
N ASP C 359 15.37 -22.59 18.31
CA ASP C 359 14.40 -22.00 19.23
C ASP C 359 13.59 -23.15 19.83
N TYR C 360 14.05 -23.64 20.98
CA TYR C 360 13.47 -24.83 21.57
C TYR C 360 12.01 -24.61 21.97
N ASN C 361 11.69 -23.44 22.49
CA ASN C 361 10.33 -23.18 22.94
C ASN C 361 9.33 -23.09 21.80
N ARG C 362 9.79 -22.77 20.58
CA ARG C 362 8.90 -22.67 19.43
C ARG C 362 9.16 -23.76 18.39
N SER C 363 9.76 -24.88 18.80
CA SER C 363 10.03 -26.00 17.92
C SER C 363 9.43 -27.27 18.50
N GLY C 364 8.92 -28.13 17.62
CA GLY C 364 8.32 -29.36 18.07
C GLY C 364 7.56 -30.02 16.94
N THR C 365 7.11 -31.25 17.22
CA THR C 365 6.36 -32.04 16.26
C THR C 365 5.02 -32.47 16.85
N ARG C 366 3.99 -32.46 16.02
CA ARG C 366 2.69 -32.93 16.42
C ARG C 366 2.65 -34.45 16.40
N LYS C 367 1.82 -35.02 17.28
CA LYS C 367 1.67 -36.47 17.39
C LYS C 367 3.00 -37.14 17.68
N GLU C 368 3.82 -36.51 18.51
CA GLU C 368 5.10 -37.08 18.90
C GLU C 368 4.95 -38.24 19.88
N GLU C 369 3.73 -38.56 20.29
CA GLU C 369 3.52 -39.68 21.21
C GLU C 369 3.87 -41.01 20.56
N LEU C 370 3.60 -41.14 19.27
CA LEU C 370 3.83 -42.38 18.55
C LEU C 370 5.20 -42.43 17.88
N LEU C 371 5.96 -41.34 17.92
CA LEU C 371 7.31 -41.32 17.38
C LEU C 371 8.37 -41.72 18.39
N THR C 372 8.02 -41.77 19.68
CA THR C 372 8.98 -42.07 20.73
C THR C 372 8.44 -43.19 21.61
N THR C 373 9.33 -43.77 22.41
CA THR C 373 8.93 -44.80 23.35
C THR C 373 8.11 -44.19 24.48
N GLN C 374 7.46 -45.08 25.24
CA GLN C 374 6.63 -44.62 26.37
C GLN C 374 7.46 -43.88 27.40
N GLU C 375 8.71 -44.30 27.62
CA GLU C 375 9.58 -43.64 28.57
C GLU C 375 10.35 -42.48 27.97
N GLU C 376 10.43 -42.38 26.65
CA GLU C 376 11.11 -41.25 26.03
C GLU C 376 10.25 -39.99 26.05
N LEU C 377 8.94 -40.15 25.99
CA LEU C 377 8.04 -38.99 26.05
C LEU C 377 8.10 -38.31 27.41
N GLN C 378 8.14 -39.10 28.49
CA GLN C 378 8.13 -38.52 29.83
C GLN C 378 9.36 -37.67 30.07
N LYS C 379 10.55 -38.20 29.73
CA LYS C 379 11.78 -37.45 29.94
C LYS C 379 11.84 -36.21 29.05
N MET C 380 11.36 -36.32 27.80
CA MET C 380 11.34 -35.16 26.93
C MET C 380 10.40 -34.08 27.48
N TRP C 381 9.26 -34.49 28.03
CA TRP C 381 8.34 -33.52 28.63
C TRP C 381 8.95 -32.89 29.87
N ILE C 382 9.69 -33.67 30.67
CA ILE C 382 10.35 -33.12 31.85
C ILE C 382 11.40 -32.11 31.43
N LEU C 383 12.15 -32.39 30.37
CA LEU C 383 13.15 -31.45 29.88
C LEU C 383 12.50 -30.19 29.32
N ARG C 384 11.37 -30.34 28.63
CA ARG C 384 10.71 -29.17 28.06
C ARG C 384 10.03 -28.32 29.12
N LYS C 385 9.62 -28.93 30.24
CA LYS C 385 8.92 -28.17 31.28
C LYS C 385 9.84 -27.17 31.97
N ILE C 386 11.14 -27.45 32.01
CA ILE C 386 12.09 -26.52 32.61
C ILE C 386 12.68 -25.54 31.60
N ILE C 387 12.57 -25.83 30.29
CA ILE C 387 13.04 -24.91 29.27
C ILE C 387 12.00 -23.83 28.96
N HIS C 388 10.72 -24.09 29.23
CA HIS C 388 9.66 -23.14 28.92
C HIS C 388 9.88 -21.74 29.49
N PRO C 389 10.25 -21.55 30.76
CA PRO C 389 10.47 -20.18 31.25
C PRO C 389 11.76 -19.54 30.78
N MET C 390 12.65 -20.30 30.12
CA MET C 390 13.95 -19.75 29.75
C MET C 390 13.84 -18.75 28.60
N GLY C 391 13.38 -19.21 27.45
CA GLY C 391 13.25 -18.31 26.31
C GLY C 391 13.95 -18.81 25.06
N GLU C 392 14.90 -18.03 24.55
CA GLU C 392 15.60 -18.38 23.32
C GLU C 392 17.08 -18.65 23.55
N ILE C 393 17.82 -17.68 24.10
CA ILE C 393 19.26 -17.84 24.24
C ILE C 393 19.62 -18.72 25.43
N ASP C 394 19.01 -18.45 26.58
CA ASP C 394 19.33 -19.20 27.78
C ASP C 394 18.92 -20.67 27.68
N ALA C 395 18.03 -21.01 26.76
CA ALA C 395 17.62 -22.40 26.62
C ALA C 395 18.70 -23.23 25.94
N MET C 396 19.30 -22.70 24.87
CA MET C 396 20.34 -23.46 24.17
C MET C 396 21.61 -23.59 24.99
N GLU C 397 21.96 -22.57 25.78
CA GLU C 397 23.11 -22.70 26.67
C GLU C 397 22.87 -23.82 27.69
N PHE C 398 21.69 -23.81 28.31
CA PHE C 398 21.36 -24.86 29.28
C PHE C 398 21.32 -26.24 28.63
N LEU C 399 20.93 -26.32 27.37
CA LEU C 399 20.90 -27.60 26.67
C LEU C 399 22.31 -28.08 26.36
N ILE C 400 23.11 -27.24 25.70
CA ILE C 400 24.42 -27.64 25.23
C ILE C 400 25.34 -27.94 26.41
N ASN C 401 25.30 -27.11 27.46
CA ASN C 401 26.18 -27.34 28.59
C ASN C 401 25.85 -28.64 29.33
N LYS C 402 24.63 -29.16 29.16
CA LYS C 402 24.26 -30.44 29.73
C LYS C 402 24.30 -31.58 28.72
N LEU C 403 24.13 -31.29 27.43
CA LEU C 403 24.12 -32.33 26.42
C LEU C 403 25.52 -32.72 25.98
N ALA C 404 26.47 -31.79 26.02
CA ALA C 404 27.83 -32.03 25.57
C ALA C 404 28.64 -32.91 26.51
N MET C 405 28.05 -33.39 27.61
CA MET C 405 28.81 -34.23 28.54
C MET C 405 28.61 -35.73 28.27
N THR C 406 27.38 -36.15 28.03
CA THR C 406 27.04 -37.56 27.84
C THR C 406 26.37 -37.77 26.49
N LYS C 407 25.90 -39.00 26.27
CA LYS C 407 25.05 -39.34 25.14
C LYS C 407 23.59 -38.97 25.46
N THR C 408 22.78 -38.82 24.41
CA THR C 408 21.41 -38.38 24.60
C THR C 408 20.56 -39.39 25.35
N ASN C 409 20.95 -40.67 25.37
CA ASN C 409 20.16 -41.67 26.08
C ASN C 409 20.50 -41.69 27.57
N ASP C 410 21.78 -41.82 27.91
CA ASP C 410 22.18 -41.74 29.31
C ASP C 410 22.11 -40.33 29.86
N ASP C 411 21.86 -39.32 29.01
CA ASP C 411 21.43 -38.02 29.51
C ASP C 411 20.10 -38.13 30.25
N PHE C 412 19.22 -39.02 29.78
CA PHE C 412 17.97 -39.27 30.47
C PHE C 412 18.19 -40.09 31.75
N PHE C 413 19.25 -40.91 31.78
CA PHE C 413 19.47 -41.77 32.94
C PHE C 413 19.91 -40.96 34.16
N GLU C 414 20.58 -39.83 33.94
CA GLU C 414 20.93 -38.90 35.01
C GLU C 414 20.10 -37.63 34.95
N MET C 415 18.84 -37.75 34.50
CA MET C 415 17.98 -36.58 34.37
C MET C 415 17.63 -36.00 35.73
N MET C 416 17.02 -36.82 36.59
CA MET C 416 16.65 -36.37 37.94
C MET C 416 17.91 -36.10 38.75
N LYS C 417 18.13 -34.84 39.12
CA LYS C 417 19.31 -34.46 39.87
C LYS C 417 18.94 -34.09 41.31
N MET D 1 -24.59 -50.90 -11.91
CA MET D 1 -24.99 -50.94 -10.51
C MET D 1 -25.13 -49.54 -9.93
N ASN D 2 -24.69 -49.36 -8.68
CA ASN D 2 -24.70 -48.07 -8.02
C ASN D 2 -23.31 -47.46 -7.99
N LEU D 3 -23.19 -46.25 -8.52
CA LEU D 3 -21.91 -45.54 -8.53
C LEU D 3 -21.39 -45.39 -7.10
N THR D 4 -22.26 -44.95 -6.18
CA THR D 4 -21.88 -44.77 -4.79
C THR D 4 -21.25 -46.02 -4.20
N GLU D 5 -21.73 -47.20 -4.58
CA GLU D 5 -21.14 -48.44 -4.10
C GLU D 5 -19.66 -48.52 -4.46
N LEU D 6 -19.31 -48.09 -5.68
CA LEU D 6 -17.91 -48.06 -6.10
C LEU D 6 -17.11 -47.04 -5.31
N LYS D 7 -17.67 -45.84 -5.10
CA LYS D 7 -16.93 -44.76 -4.44
C LYS D 7 -16.52 -45.12 -3.02
N ASN D 8 -17.25 -46.02 -2.36
CA ASN D 8 -16.95 -46.41 -1.00
C ASN D 8 -16.09 -47.66 -0.92
N THR D 9 -15.85 -48.33 -2.03
CA THR D 9 -14.99 -49.50 -2.05
C THR D 9 -13.55 -49.08 -2.27
N PRO D 10 -12.59 -49.79 -1.67
CA PRO D 10 -11.19 -49.39 -1.80
C PRO D 10 -10.71 -49.49 -3.24
N VAL D 11 -9.71 -48.67 -3.56
CA VAL D 11 -9.15 -48.66 -4.92
C VAL D 11 -8.56 -50.01 -5.27
N SER D 12 -8.03 -50.73 -4.28
CA SER D 12 -7.46 -52.05 -4.53
C SER D 12 -8.52 -53.00 -5.09
N GLU D 13 -9.77 -52.89 -4.60
CA GLU D 13 -10.83 -53.72 -5.14
C GLU D 13 -11.33 -53.21 -6.48
N LEU D 14 -11.24 -51.90 -6.73
CA LEU D 14 -11.67 -51.38 -8.02
C LEU D 14 -10.81 -51.94 -9.15
N ILE D 15 -9.51 -52.09 -8.90
CA ILE D 15 -8.62 -52.65 -9.91
C ILE D 15 -8.85 -54.15 -10.05
N THR D 16 -8.94 -54.86 -8.93
CA THR D 16 -9.08 -56.31 -8.99
C THR D 16 -10.46 -56.72 -9.50
N LEU D 17 -11.52 -56.06 -9.04
CA LEU D 17 -12.86 -56.38 -9.50
C LEU D 17 -13.20 -55.76 -10.85
N GLY D 18 -12.53 -54.67 -11.21
CA GLY D 18 -12.79 -53.99 -12.47
C GLY D 18 -12.01 -54.59 -13.63
N GLU D 19 -10.82 -55.12 -13.35
CA GLU D 19 -10.02 -55.72 -14.41
C GLU D 19 -10.65 -57.01 -14.91
N ASN D 20 -11.43 -57.69 -14.06
CA ASN D 20 -12.13 -58.90 -14.45
C ASN D 20 -13.24 -58.63 -15.46
N MET D 21 -13.47 -57.37 -15.82
CA MET D 21 -14.46 -57.01 -16.82
C MET D 21 -13.83 -56.75 -18.19
N GLY D 22 -12.51 -56.76 -18.28
CA GLY D 22 -11.78 -56.55 -19.50
C GLY D 22 -11.10 -55.20 -19.66
N LEU D 23 -10.92 -54.44 -18.59
CA LEU D 23 -10.20 -53.17 -18.61
C LEU D 23 -9.02 -53.28 -17.66
N GLU D 24 -7.80 -53.32 -18.20
CA GLU D 24 -6.62 -53.54 -17.38
C GLU D 24 -5.66 -52.36 -17.33
N ASN D 25 -5.98 -51.25 -17.99
CA ASN D 25 -5.10 -50.08 -17.99
C ASN D 25 -5.60 -48.98 -17.07
N LEU D 26 -6.51 -49.28 -16.15
CA LEU D 26 -7.01 -48.30 -15.19
C LEU D 26 -6.18 -48.27 -13.90
N ALA D 27 -5.09 -49.03 -13.83
CA ALA D 27 -4.31 -49.11 -12.60
C ALA D 27 -3.65 -47.77 -12.27
N ARG D 28 -2.89 -47.23 -13.20
CA ARG D 28 -2.17 -45.97 -13.02
C ARG D 28 -3.03 -44.73 -13.28
N MET D 29 -4.32 -44.78 -12.92
CA MET D 29 -5.20 -43.65 -13.10
C MET D 29 -5.96 -43.38 -11.80
N ARG D 30 -6.59 -42.21 -11.75
CA ARG D 30 -7.29 -41.76 -10.56
C ARG D 30 -8.56 -42.58 -10.33
N LYS D 31 -8.99 -42.58 -9.06
CA LYS D 31 -10.18 -43.36 -8.68
C LYS D 31 -11.41 -42.92 -9.45
N GLN D 32 -11.53 -41.62 -9.73
CA GLN D 32 -12.67 -41.14 -10.53
C GLN D 32 -12.65 -41.74 -11.93
N ASP D 33 -11.48 -41.76 -12.57
CA ASP D 33 -11.36 -42.37 -13.88
C ASP D 33 -11.63 -43.87 -13.83
N ILE D 34 -11.18 -44.52 -12.75
CA ILE D 34 -11.42 -45.95 -12.59
C ILE D 34 -12.92 -46.23 -12.49
N ILE D 35 -13.63 -45.42 -11.70
CA ILE D 35 -15.07 -45.60 -11.55
C ILE D 35 -15.78 -45.33 -12.87
N PHE D 36 -15.35 -44.29 -13.60
CA PHE D 36 -15.95 -44.00 -14.89
C PHE D 36 -15.77 -45.18 -15.86
N ALA D 37 -14.56 -45.75 -15.90
CA ALA D 37 -14.31 -46.86 -16.82
C ALA D 37 -15.09 -48.11 -16.39
N ILE D 38 -15.15 -48.39 -15.10
CA ILE D 38 -15.90 -49.55 -14.62
C ILE D 38 -17.38 -49.40 -14.95
N LEU D 39 -17.92 -48.19 -14.76
CA LEU D 39 -19.33 -47.96 -15.11
C LEU D 39 -19.56 -48.10 -16.60
N LYS D 40 -18.69 -47.52 -17.42
CA LYS D 40 -18.87 -47.61 -18.86
C LYS D 40 -18.75 -49.03 -19.37
N GLN D 41 -17.94 -49.86 -18.71
CA GLN D 41 -17.86 -51.28 -19.08
C GLN D 41 -19.04 -52.08 -18.55
N HIS D 42 -19.60 -51.69 -17.40
CA HIS D 42 -20.77 -52.37 -16.87
C HIS D 42 -22.07 -51.85 -17.46
N ALA D 43 -22.05 -50.67 -18.09
CA ALA D 43 -23.25 -50.10 -18.68
C ALA D 43 -23.61 -50.76 -20.00
N LYS D 44 -22.63 -51.30 -20.72
CA LYS D 44 -22.90 -51.96 -22.00
C LYS D 44 -23.69 -53.25 -21.84
N SER D 45 -23.83 -53.76 -20.62
CA SER D 45 -24.60 -54.97 -20.36
C SER D 45 -26.09 -54.71 -20.29
N GLY D 46 -26.53 -53.47 -20.50
CA GLY D 46 -27.94 -53.15 -20.46
C GLY D 46 -28.62 -53.32 -19.13
N GLU D 47 -27.84 -53.31 -18.04
CA GLU D 47 -28.40 -53.39 -16.70
C GLU D 47 -28.66 -51.98 -16.17
N ASP D 48 -29.78 -51.82 -15.46
CA ASP D 48 -30.12 -50.54 -14.87
C ASP D 48 -29.02 -50.09 -13.92
N ILE D 49 -28.50 -48.88 -14.14
CA ILE D 49 -27.45 -48.31 -13.32
C ILE D 49 -28.02 -47.14 -12.55
N PHE D 50 -27.82 -47.17 -11.23
CA PHE D 50 -28.34 -46.16 -10.32
C PHE D 50 -27.23 -45.25 -9.83
N GLY D 51 -27.57 -43.98 -9.61
CA GLY D 51 -26.60 -43.03 -9.11
C GLY D 51 -27.27 -41.99 -8.23
N ASP D 52 -26.44 -41.23 -7.53
CA ASP D 52 -26.94 -40.17 -6.65
C ASP D 52 -25.79 -39.22 -6.33
N GLY D 53 -26.17 -38.02 -5.90
CA GLY D 53 -25.17 -37.02 -5.54
C GLY D 53 -25.84 -35.72 -5.17
N VAL D 54 -25.05 -34.81 -4.62
CA VAL D 54 -25.54 -33.50 -4.23
C VAL D 54 -25.41 -32.56 -5.41
N LEU D 55 -26.48 -31.86 -5.73
CA LEU D 55 -26.50 -31.03 -6.94
C LEU D 55 -25.61 -29.81 -6.78
N GLU D 56 -24.96 -29.42 -7.88
CA GLU D 56 -24.20 -28.17 -7.94
C GLU D 56 -24.44 -27.56 -9.32
N ILE D 57 -25.18 -26.46 -9.35
CA ILE D 57 -25.50 -25.76 -10.59
C ILE D 57 -24.44 -24.71 -10.87
N LEU D 58 -23.94 -24.67 -12.10
CA LEU D 58 -22.93 -23.70 -12.47
C LEU D 58 -23.59 -22.40 -12.94
N GLN D 59 -22.76 -21.43 -13.33
CA GLN D 59 -23.27 -20.13 -13.75
C GLN D 59 -24.03 -20.22 -15.07
N ASP D 60 -23.63 -21.14 -15.95
CA ASP D 60 -24.25 -21.23 -17.27
C ASP D 60 -25.68 -21.72 -17.21
N GLY D 61 -26.08 -22.38 -16.13
CA GLY D 61 -27.44 -22.82 -15.90
C GLY D 61 -27.62 -24.31 -15.76
N PHE D 62 -26.62 -25.11 -16.09
CA PHE D 62 -26.68 -26.55 -15.89
C PHE D 62 -25.91 -26.90 -14.62
N GLY D 63 -26.04 -28.16 -14.19
CA GLY D 63 -25.37 -28.59 -12.98
C GLY D 63 -24.86 -30.01 -13.09
N PHE D 64 -24.24 -30.46 -12.00
CA PHE D 64 -23.68 -31.80 -11.88
C PHE D 64 -24.06 -32.36 -10.52
N LEU D 65 -23.69 -33.61 -10.28
CA LEU D 65 -23.94 -34.28 -9.00
C LEU D 65 -22.59 -34.60 -8.35
N ARG D 66 -22.19 -33.74 -7.41
CA ARG D 66 -20.94 -33.94 -6.68
C ARG D 66 -21.10 -35.04 -5.65
N SER D 67 -19.98 -35.66 -5.30
CA SER D 67 -19.95 -36.79 -4.37
C SER D 67 -19.57 -36.33 -2.98
N ALA D 68 -20.31 -36.80 -1.98
CA ALA D 68 -19.95 -36.50 -0.60
C ALA D 68 -18.71 -37.27 -0.16
N ASP D 69 -18.45 -38.42 -0.78
CA ASP D 69 -17.26 -39.20 -0.46
C ASP D 69 -16.00 -38.47 -0.89
N SER D 70 -16.02 -37.88 -2.08
CA SER D 70 -14.89 -37.12 -2.60
C SER D 70 -14.90 -35.67 -2.12
N SER D 71 -15.69 -35.37 -1.07
CA SER D 71 -15.81 -34.01 -0.54
C SER D 71 -16.28 -33.03 -1.63
N TYR D 72 -17.19 -33.49 -2.48
CA TYR D 72 -17.78 -32.66 -3.54
C TYR D 72 -16.71 -32.13 -4.48
N LEU D 73 -15.88 -33.03 -5.00
CA LEU D 73 -14.83 -32.69 -5.93
C LEU D 73 -15.27 -32.98 -7.36
N ALA D 74 -14.99 -32.04 -8.26
CA ALA D 74 -15.35 -32.22 -9.66
C ALA D 74 -14.51 -33.34 -10.29
N GLY D 75 -15.20 -34.30 -10.89
CA GLY D 75 -14.53 -35.42 -11.52
C GLY D 75 -15.34 -36.03 -12.65
N PRO D 76 -14.74 -36.98 -13.36
CA PRO D 76 -15.47 -37.65 -14.46
C PRO D 76 -16.63 -38.50 -13.97
N ASP D 77 -16.61 -38.96 -12.72
CA ASP D 77 -17.65 -39.82 -12.18
C ASP D 77 -18.88 -39.03 -11.71
N ASP D 78 -19.02 -37.77 -12.12
CA ASP D 78 -20.17 -36.97 -11.75
C ASP D 78 -21.28 -37.13 -12.78
N ILE D 79 -22.49 -36.71 -12.40
CA ILE D 79 -23.69 -36.90 -13.19
C ILE D 79 -24.17 -35.54 -13.67
N TYR D 80 -24.31 -35.39 -14.98
CA TYR D 80 -24.77 -34.13 -15.56
C TYR D 80 -26.28 -33.99 -15.40
N VAL D 81 -26.72 -32.78 -15.06
CA VAL D 81 -28.14 -32.47 -14.89
C VAL D 81 -28.50 -31.41 -15.92
N SER D 82 -29.48 -31.74 -16.78
CA SER D 82 -29.90 -30.82 -17.82
C SER D 82 -30.69 -29.65 -17.22
N PRO D 83 -30.53 -28.45 -17.78
CA PRO D 83 -31.33 -27.31 -17.28
C PRO D 83 -32.82 -27.51 -17.42
N SER D 84 -33.26 -28.15 -18.51
CA SER D 84 -34.68 -28.43 -18.69
C SER D 84 -35.23 -29.26 -17.53
N GLN D 85 -34.46 -30.24 -17.08
CA GLN D 85 -34.83 -30.99 -15.87
C GLN D 85 -34.98 -30.05 -14.69
N ILE D 86 -34.03 -29.12 -14.52
CA ILE D 86 -34.09 -28.13 -13.47
C ILE D 86 -35.32 -27.23 -13.62
N ARG D 87 -35.90 -27.18 -14.82
CA ARG D 87 -37.14 -26.42 -14.97
C ARG D 87 -38.35 -27.23 -14.52
N ARG D 88 -38.31 -28.55 -14.65
CA ARG D 88 -39.43 -29.36 -14.14
C ARG D 88 -39.37 -29.47 -12.62
N PHE D 89 -38.18 -29.68 -12.07
CA PHE D 89 -37.94 -29.74 -10.63
C PHE D 89 -37.17 -28.49 -10.23
N ASN D 90 -37.85 -27.55 -9.58
CA ASN D 90 -37.24 -26.30 -9.15
C ASN D 90 -36.12 -26.58 -8.14
N LEU D 91 -35.01 -27.10 -8.63
CA LEU D 91 -33.91 -27.58 -7.80
C LEU D 91 -32.90 -26.47 -7.54
N ARG D 92 -32.38 -26.44 -6.32
CA ARG D 92 -31.34 -25.51 -5.92
C ARG D 92 -30.03 -26.26 -5.72
N THR D 93 -28.96 -25.52 -5.43
CA THR D 93 -27.61 -26.03 -5.32
C THR D 93 -27.40 -26.93 -4.10
N GLY D 94 -28.42 -27.19 -3.29
CA GLY D 94 -28.24 -28.04 -2.15
C GLY D 94 -29.02 -29.34 -2.18
N ASP D 95 -29.86 -29.51 -3.20
CA ASP D 95 -30.75 -30.66 -3.27
C ASP D 95 -29.98 -31.93 -3.63
N THR D 96 -30.04 -32.92 -2.74
CA THR D 96 -29.47 -34.24 -3.00
C THR D 96 -30.42 -34.99 -3.94
N ILE D 97 -29.91 -35.40 -5.10
CA ILE D 97 -30.72 -36.05 -6.12
C ILE D 97 -30.24 -37.47 -6.32
N SER D 98 -31.21 -38.40 -6.40
CA SER D 98 -30.97 -39.82 -6.63
C SER D 98 -31.89 -40.29 -7.74
N GLY D 99 -31.38 -41.20 -8.57
CA GLY D 99 -32.19 -41.71 -9.66
C GLY D 99 -31.34 -42.48 -10.66
N LYS D 100 -32.00 -42.91 -11.73
CA LYS D 100 -31.34 -43.68 -12.77
C LYS D 100 -30.54 -42.77 -13.69
N ILE D 101 -29.33 -43.21 -14.03
CA ILE D 101 -28.44 -42.47 -14.90
C ILE D 101 -28.23 -43.26 -16.18
N ARG D 102 -27.86 -42.53 -17.25
CA ARG D 102 -27.66 -43.18 -18.52
C ARG D 102 -26.18 -43.22 -18.87
N PRO D 103 -25.74 -44.21 -19.65
CA PRO D 103 -24.32 -44.27 -20.02
C PRO D 103 -23.96 -43.15 -20.97
N PRO D 104 -22.72 -42.68 -20.95
CA PRO D 104 -22.30 -41.65 -21.89
C PRO D 104 -22.11 -42.22 -23.30
N LYS D 105 -22.14 -41.33 -24.28
CA LYS D 105 -21.90 -41.72 -25.66
C LYS D 105 -20.42 -41.56 -26.01
N GLU D 106 -20.06 -42.08 -27.19
CA GLU D 106 -18.71 -41.91 -27.70
C GLU D 106 -18.46 -40.43 -27.98
N GLY D 107 -17.54 -39.82 -27.24
CA GLY D 107 -17.28 -38.39 -27.29
C GLY D 107 -17.74 -37.65 -26.05
N GLU D 108 -18.75 -38.18 -25.35
CA GLU D 108 -19.20 -37.62 -24.09
C GLU D 108 -18.36 -38.19 -22.95
N ARG D 109 -18.03 -37.34 -21.98
CA ARG D 109 -17.18 -37.73 -20.87
C ARG D 109 -17.90 -37.77 -19.53
N TYR D 110 -19.16 -37.34 -19.47
CA TYR D 110 -19.91 -37.32 -18.21
C TYR D 110 -21.20 -38.11 -18.36
N PHE D 111 -21.63 -38.71 -17.26
CA PHE D 111 -22.93 -39.36 -17.20
C PHE D 111 -24.04 -38.31 -17.11
N ALA D 112 -25.22 -38.69 -17.60
CA ALA D 112 -26.39 -37.83 -17.55
C ALA D 112 -27.49 -38.53 -16.75
N LEU D 113 -28.48 -37.75 -16.32
CA LEU D 113 -29.57 -38.26 -15.50
C LEU D 113 -30.76 -38.60 -16.37
N LEU D 114 -31.24 -39.85 -16.24
CA LEU D 114 -32.41 -40.30 -17.00
C LEU D 114 -33.70 -40.03 -16.22
N LYS D 115 -33.81 -40.58 -15.01
CA LYS D 115 -34.98 -40.44 -14.18
C LYS D 115 -34.59 -39.85 -12.82
N VAL D 116 -35.51 -39.07 -12.25
CA VAL D 116 -35.32 -38.46 -10.94
C VAL D 116 -36.13 -39.29 -9.95
N ASN D 117 -35.45 -40.16 -9.20
CA ASN D 117 -36.15 -41.05 -8.28
C ASN D 117 -36.51 -40.35 -6.98
N GLU D 118 -35.55 -39.66 -6.37
CA GLU D 118 -35.78 -39.00 -5.09
C GLU D 118 -35.08 -37.64 -5.08
N VAL D 119 -35.70 -36.69 -4.38
CA VAL D 119 -35.16 -35.35 -4.18
C VAL D 119 -35.11 -35.09 -2.69
N ASN D 120 -33.91 -35.02 -2.13
CA ASN D 120 -33.71 -34.78 -0.69
C ASN D 120 -34.38 -35.85 0.16
N PHE D 121 -34.07 -37.11 -0.15
CA PHE D 121 -34.55 -38.26 0.62
C PHE D 121 -36.07 -38.35 0.63
N ASP D 122 -36.71 -37.84 -0.42
CA ASP D 122 -38.16 -37.86 -0.50
C ASP D 122 -38.59 -37.92 -1.96
N LYS D 123 -39.84 -38.36 -2.17
CA LYS D 123 -40.44 -38.30 -3.49
C LYS D 123 -40.50 -36.84 -3.95
N PRO D 124 -40.45 -36.59 -5.26
CA PRO D 124 -40.45 -35.19 -5.73
C PRO D 124 -41.77 -34.48 -5.46
N GLU D 125 -42.01 -34.12 -4.21
CA GLU D 125 -43.16 -33.31 -3.81
C GLU D 125 -42.62 -32.10 -3.05
N ASN D 126 -42.20 -31.08 -3.81
CA ASN D 126 -41.69 -29.84 -3.24
C ASN D 126 -42.77 -28.76 -3.26
N ALA D 127 -43.84 -29.00 -2.52
CA ALA D 127 -44.96 -28.06 -2.46
C ALA D 127 -44.84 -27.04 -1.34
N ARG D 128 -43.93 -27.27 -0.39
CA ARG D 128 -43.74 -26.35 0.73
C ARG D 128 -42.59 -25.39 0.38
N ASN D 129 -42.93 -24.10 0.26
CA ASN D 129 -41.95 -23.07 -0.07
C ASN D 129 -41.17 -22.65 1.17
N LYS D 130 -40.51 -23.63 1.78
CA LYS D 130 -39.79 -23.41 3.03
C LYS D 130 -38.32 -23.06 2.79
N ILE D 131 -38.05 -22.10 1.90
CA ILE D 131 -36.66 -21.72 1.67
C ILE D 131 -36.12 -21.03 2.92
N LEU D 132 -34.81 -21.17 3.15
CA LEU D 132 -34.23 -20.67 4.39
C LEU D 132 -34.37 -19.16 4.52
N PHE D 133 -34.37 -18.43 3.41
CA PHE D 133 -34.45 -16.97 3.48
C PHE D 133 -35.81 -16.48 3.97
N GLU D 134 -36.84 -17.33 3.93
CA GLU D 134 -38.17 -16.94 4.36
C GLU D 134 -38.57 -17.52 5.71
N ASN D 135 -37.79 -18.45 6.26
CA ASN D 135 -38.13 -19.03 7.55
C ASN D 135 -37.88 -18.03 8.68
N LEU D 136 -38.77 -18.04 9.67
CA LEU D 136 -38.59 -17.19 10.83
C LEU D 136 -37.45 -17.71 11.70
N THR D 137 -36.85 -16.81 12.46
CA THR D 137 -35.64 -17.10 13.24
C THR D 137 -35.90 -16.85 14.72
N PRO D 138 -36.38 -17.85 15.45
CA PRO D 138 -36.44 -17.75 16.92
C PRO D 138 -35.04 -17.95 17.49
N LEU D 139 -34.94 -17.79 18.80
CA LEU D 139 -33.65 -17.94 19.46
C LEU D 139 -33.32 -19.41 19.65
N HIS D 140 -32.04 -19.68 19.91
CA HIS D 140 -31.47 -21.03 19.87
C HIS D 140 -31.75 -21.85 21.11
N ALA D 141 -32.69 -21.45 21.97
CA ALA D 141 -32.86 -22.08 23.27
C ALA D 141 -34.14 -22.89 23.38
N ASN D 142 -34.60 -23.48 22.28
CA ASN D 142 -35.79 -24.33 22.35
C ASN D 142 -35.45 -25.70 22.93
N SER D 143 -34.57 -26.44 22.27
CA SER D 143 -34.09 -27.73 22.76
C SER D 143 -32.59 -27.63 23.04
N ARG D 144 -32.11 -28.52 23.91
CA ARG D 144 -30.70 -28.55 24.30
C ARG D 144 -30.03 -29.80 23.76
N LEU D 145 -28.84 -29.63 23.18
CA LEU D 145 -27.98 -30.73 22.76
C LEU D 145 -27.01 -31.00 23.89
N ARG D 146 -27.40 -31.89 24.79
CA ARG D 146 -26.57 -32.24 25.94
C ARG D 146 -25.53 -33.27 25.53
N MET D 147 -24.27 -33.00 25.84
CA MET D 147 -23.15 -33.87 25.51
C MET D 147 -22.75 -34.76 26.68
N GLU D 148 -23.72 -35.22 27.47
CA GLU D 148 -23.45 -36.03 28.65
C GLU D 148 -23.81 -37.47 28.31
N ARG D 149 -22.80 -38.26 27.93
CA ARG D 149 -23.03 -39.65 27.59
C ARG D 149 -23.39 -40.50 28.81
N GLY D 150 -23.02 -40.06 30.01
CA GLY D 150 -23.27 -40.83 31.21
C GLY D 150 -22.39 -42.06 31.37
N ASN D 151 -21.49 -42.33 30.42
CA ASN D 151 -20.61 -43.48 30.48
C ASN D 151 -19.58 -43.38 31.61
N GLY D 152 -19.45 -42.22 32.23
CA GLY D 152 -18.37 -41.94 33.15
C GLY D 152 -17.02 -42.35 32.60
N SER D 153 -16.60 -41.67 31.54
CA SER D 153 -15.31 -41.87 30.90
C SER D 153 -14.54 -40.57 30.90
N THR D 154 -13.21 -40.68 30.84
CA THR D 154 -12.39 -39.48 30.71
C THR D 154 -12.72 -38.72 29.44
N GLU D 155 -13.21 -39.42 28.41
CA GLU D 155 -13.69 -38.75 27.21
C GLU D 155 -14.88 -37.86 27.54
N ASP D 156 -15.85 -38.39 28.28
CA ASP D 156 -17.03 -37.64 28.65
C ASP D 156 -16.71 -36.49 29.60
N LEU D 157 -15.53 -36.51 30.23
CA LEU D 157 -15.15 -35.44 31.15
C LEU D 157 -15.13 -34.09 30.45
N THR D 158 -14.44 -34.01 29.31
CA THR D 158 -14.42 -32.77 28.55
C THR D 158 -15.82 -32.36 28.11
N ALA D 159 -16.63 -33.33 27.66
CA ALA D 159 -17.99 -33.03 27.26
C ALA D 159 -18.85 -32.62 28.44
N ARG D 160 -18.60 -33.19 29.62
CA ARG D 160 -19.34 -32.79 30.81
C ARG D 160 -19.00 -31.35 31.20
N VAL D 161 -17.71 -30.99 31.14
CA VAL D 161 -17.31 -29.60 31.39
C VAL D 161 -17.92 -28.68 30.34
N LEU D 162 -18.01 -29.15 29.09
CA LEU D 162 -18.63 -28.35 28.04
C LEU D 162 -20.09 -28.09 28.34
N ASP D 163 -20.82 -29.11 28.79
CA ASP D 163 -22.23 -28.92 29.15
C ASP D 163 -22.37 -28.00 30.35
N LEU D 164 -21.41 -28.04 31.29
CA LEU D 164 -21.51 -27.19 32.46
C LEU D 164 -21.19 -25.73 32.12
N ALA D 165 -20.25 -25.50 31.21
CA ALA D 165 -19.82 -24.14 30.91
C ALA D 165 -20.72 -23.48 29.86
N SER D 166 -20.95 -24.15 28.74
CA SER D 166 -21.71 -23.58 27.63
C SER D 166 -22.65 -24.63 27.04
N PRO D 167 -23.93 -24.60 27.39
CA PRO D 167 -24.87 -25.56 26.81
C PRO D 167 -25.08 -25.33 25.32
N ILE D 168 -25.34 -26.42 24.61
CA ILE D 168 -25.53 -26.40 23.17
C ILE D 168 -27.01 -26.61 22.88
N GLY D 169 -27.57 -25.77 22.01
CA GLY D 169 -28.96 -25.87 21.61
C GLY D 169 -29.12 -26.08 20.11
N ARG D 170 -30.35 -26.40 19.72
CA ARG D 170 -30.67 -26.62 18.31
C ARG D 170 -30.66 -25.30 17.56
N GLY D 171 -29.81 -25.20 16.54
CA GLY D 171 -29.73 -23.98 15.76
C GLY D 171 -28.88 -22.89 16.36
N GLN D 172 -27.73 -23.23 16.93
CA GLN D 172 -26.88 -22.29 17.63
C GLN D 172 -25.66 -21.92 16.79
N ARG D 173 -25.21 -20.69 16.95
CA ARG D 173 -23.96 -20.22 16.34
C ARG D 173 -22.85 -20.43 17.35
N GLY D 174 -22.09 -21.52 17.18
CA GLY D 174 -21.00 -21.82 18.08
C GLY D 174 -19.69 -21.22 17.58
N LEU D 175 -18.92 -20.68 18.51
CA LEU D 175 -17.62 -20.08 18.21
C LEU D 175 -16.61 -20.59 19.22
N ILE D 176 -15.69 -21.42 18.77
CA ILE D 176 -14.66 -21.99 19.63
C ILE D 176 -13.39 -21.20 19.39
N VAL D 177 -13.07 -20.30 20.32
CA VAL D 177 -11.81 -19.56 20.26
C VAL D 177 -10.71 -20.45 20.81
N ALA D 178 -9.65 -20.65 20.02
CA ALA D 178 -8.61 -21.59 20.41
C ALA D 178 -7.24 -21.15 19.93
N PRO D 179 -6.27 -21.02 20.83
CA PRO D 179 -4.89 -20.79 20.41
C PRO D 179 -4.29 -22.07 19.85
N PRO D 180 -3.15 -21.98 19.17
CA PRO D 180 -2.53 -23.21 18.66
C PRO D 180 -2.03 -24.11 19.79
N LYS D 181 -2.11 -25.41 19.55
CA LYS D 181 -1.70 -26.43 20.51
C LYS D 181 -2.43 -26.26 21.85
N ALA D 182 -3.76 -26.29 21.77
CA ALA D 182 -4.58 -26.10 22.97
C ALA D 182 -5.74 -27.09 23.05
N GLY D 183 -5.70 -28.18 22.30
CA GLY D 183 -6.75 -29.17 22.36
C GLY D 183 -7.96 -28.90 21.48
N LYS D 184 -7.76 -28.22 20.34
CA LYS D 184 -8.89 -27.85 19.50
C LYS D 184 -9.38 -29.03 18.66
N THR D 185 -8.46 -29.75 18.01
CA THR D 185 -8.85 -30.87 17.16
C THR D 185 -9.55 -31.96 17.96
N MET D 186 -9.08 -32.22 19.18
CA MET D 186 -9.69 -33.25 20.00
C MET D 186 -11.02 -32.81 20.58
N LEU D 187 -11.20 -31.50 20.81
CA LEU D 187 -12.48 -31.00 21.29
C LEU D 187 -13.58 -31.18 20.24
N LEU D 188 -13.25 -31.02 18.97
CA LEU D 188 -14.25 -31.15 17.91
C LEU D 188 -14.72 -32.58 17.77
N GLN D 189 -13.79 -33.53 17.70
CA GLN D 189 -14.18 -34.93 17.56
C GLN D 189 -14.91 -35.45 18.79
N ASN D 190 -14.61 -34.89 19.97
CA ASN D 190 -15.38 -35.25 21.16
C ASN D 190 -16.82 -34.79 21.02
N ILE D 191 -17.04 -33.59 20.47
CA ILE D 191 -18.39 -33.12 20.20
C ILE D 191 -19.03 -33.99 19.12
N ALA D 192 -18.28 -34.29 18.06
CA ALA D 192 -18.84 -35.09 16.96
C ALA D 192 -19.21 -36.49 17.44
N GLN D 193 -18.36 -37.09 18.27
CA GLN D 193 -18.67 -38.41 18.81
C GLN D 193 -19.90 -38.36 19.70
N SER D 194 -20.02 -37.30 20.53
CA SER D 194 -21.14 -37.19 21.43
C SER D 194 -22.44 -36.85 20.69
N ILE D 195 -22.34 -36.22 19.52
CA ILE D 195 -23.54 -35.93 18.74
C ILE D 195 -24.17 -37.21 18.21
N ALA D 196 -23.35 -38.05 17.58
CA ALA D 196 -23.88 -39.28 16.98
C ALA D 196 -24.34 -40.27 18.03
N TYR D 197 -23.70 -40.30 19.20
CA TYR D 197 -24.08 -41.26 20.23
C TYR D 197 -25.30 -40.82 21.02
N ASN D 198 -25.45 -39.52 21.26
CA ASN D 198 -26.57 -39.00 22.04
C ASN D 198 -27.74 -38.57 21.16
N HIS D 199 -27.48 -37.89 20.04
CA HIS D 199 -28.52 -37.36 19.17
C HIS D 199 -28.34 -37.92 17.76
N PRO D 200 -28.76 -39.17 17.53
CA PRO D 200 -28.65 -39.75 16.18
C PRO D 200 -29.57 -39.11 15.16
N ASP D 201 -30.66 -38.48 15.59
CA ASP D 201 -31.60 -37.87 14.65
C ASP D 201 -31.02 -36.67 13.92
N CYS D 202 -29.97 -36.06 14.46
CA CYS D 202 -29.38 -34.89 13.83
C CYS D 202 -28.40 -35.29 12.74
N VAL D 203 -28.48 -34.59 11.61
CA VAL D 203 -27.56 -34.81 10.50
C VAL D 203 -26.28 -34.04 10.78
N LEU D 204 -25.20 -34.77 11.06
CA LEU D 204 -23.93 -34.17 11.47
C LEU D 204 -22.99 -34.08 10.27
N MET D 205 -22.46 -32.88 10.03
CA MET D 205 -21.50 -32.65 8.95
C MET D 205 -20.29 -31.92 9.52
N VAL D 206 -19.11 -32.52 9.39
CA VAL D 206 -17.87 -31.95 9.88
C VAL D 206 -17.10 -31.39 8.69
N LEU D 207 -16.99 -30.07 8.63
CA LEU D 207 -16.30 -29.39 7.54
C LEU D 207 -14.91 -28.97 7.99
N LEU D 208 -13.90 -29.37 7.21
CA LEU D 208 -12.50 -29.07 7.50
C LEU D 208 -11.94 -28.24 6.36
N ILE D 209 -11.62 -26.98 6.65
CA ILE D 209 -11.08 -26.06 5.65
C ILE D 209 -9.59 -25.88 5.88
N ASP D 210 -8.79 -26.08 4.84
CA ASP D 210 -7.33 -25.89 4.87
C ASP D 210 -6.69 -26.78 5.93
N GLU D 211 -6.93 -28.09 5.80
CA GLU D 211 -6.46 -29.07 6.76
C GLU D 211 -5.45 -30.00 6.12
N ARG D 212 -4.55 -30.53 6.93
CA ARG D 212 -3.57 -31.47 6.44
C ARG D 212 -4.24 -32.79 6.08
N PRO D 213 -3.74 -33.48 5.04
CA PRO D 213 -4.43 -34.69 4.57
C PRO D 213 -4.48 -35.81 5.61
N GLU D 214 -3.40 -36.02 6.35
CA GLU D 214 -3.39 -37.09 7.35
C GLU D 214 -4.43 -36.83 8.44
N GLU D 215 -4.59 -35.57 8.85
CA GLU D 215 -5.63 -35.25 9.81
C GLU D 215 -7.02 -35.35 9.20
N VAL D 216 -7.14 -35.09 7.90
CA VAL D 216 -8.42 -35.31 7.21
C VAL D 216 -8.81 -36.77 7.29
N THR D 217 -7.86 -37.67 6.98
CA THR D 217 -8.14 -39.09 7.06
C THR D 217 -8.38 -39.53 8.50
N GLU D 218 -7.71 -38.90 9.47
CA GLU D 218 -7.96 -39.19 10.87
C GLU D 218 -9.39 -38.81 11.26
N MET D 219 -9.85 -37.65 10.79
CA MET D 219 -11.19 -37.18 11.16
C MET D 219 -12.27 -38.03 10.49
N GLN D 220 -12.12 -38.29 9.19
CA GLN D 220 -13.15 -39.04 8.47
C GLN D 220 -13.21 -40.51 8.89
N ARG D 221 -12.22 -40.98 9.65
CA ARG D 221 -12.21 -42.35 10.16
C ARG D 221 -12.61 -42.44 11.62
N LEU D 222 -12.95 -41.31 12.26
CA LEU D 222 -13.29 -41.29 13.67
C LEU D 222 -14.67 -40.69 13.95
N VAL D 223 -15.27 -40.00 13.00
CA VAL D 223 -16.56 -39.34 13.19
C VAL D 223 -17.63 -40.15 12.49
N LYS D 224 -18.74 -40.39 13.18
CA LYS D 224 -19.87 -41.15 12.64
C LYS D 224 -20.77 -40.32 11.73
N GLY D 225 -20.35 -39.11 11.35
CA GLY D 225 -21.15 -38.26 10.50
C GLY D 225 -20.61 -38.14 9.09
N GLU D 226 -20.91 -37.03 8.43
CA GLU D 226 -20.43 -36.76 7.08
C GLU D 226 -19.24 -35.82 7.18
N VAL D 227 -18.04 -36.35 6.94
CA VAL D 227 -16.81 -35.57 7.08
C VAL D 227 -16.38 -35.12 5.69
N VAL D 228 -16.38 -33.81 5.46
CA VAL D 228 -15.95 -33.22 4.21
C VAL D 228 -14.78 -32.29 4.50
N ALA D 229 -13.81 -32.26 3.60
CA ALA D 229 -12.60 -31.48 3.83
C ALA D 229 -12.00 -31.05 2.50
N SER D 230 -11.10 -30.08 2.57
CA SER D 230 -10.34 -29.62 1.41
C SER D 230 -8.93 -29.28 1.91
N THR D 231 -7.95 -30.04 1.44
CA THR D 231 -6.60 -29.91 1.95
C THR D 231 -5.95 -28.60 1.45
N PHE D 232 -4.86 -28.22 2.11
CA PHE D 232 -4.19 -26.96 1.81
C PHE D 232 -3.43 -27.00 0.49
N ASP D 233 -3.29 -28.18 -0.13
CA ASP D 233 -2.69 -28.28 -1.45
C ASP D 233 -3.72 -28.11 -2.57
N GLU D 234 -4.86 -27.50 -2.27
CA GLU D 234 -5.91 -27.19 -3.22
C GLU D 234 -6.14 -25.67 -3.23
N PRO D 235 -6.59 -25.12 -4.36
CA PRO D 235 -6.79 -23.67 -4.43
C PRO D 235 -7.92 -23.23 -3.52
N ALA D 236 -7.93 -21.92 -3.23
CA ALA D 236 -8.96 -21.37 -2.35
C ALA D 236 -10.35 -21.52 -2.95
N SER D 237 -10.45 -21.56 -4.28
CA SER D 237 -11.73 -21.81 -4.93
C SER D 237 -12.30 -23.16 -4.50
N ARG D 238 -11.45 -24.15 -4.27
CA ARG D 238 -11.91 -25.45 -3.78
C ARG D 238 -12.51 -25.32 -2.39
N HIS D 239 -11.84 -24.59 -1.50
CA HIS D 239 -12.38 -24.37 -0.15
C HIS D 239 -13.73 -23.68 -0.22
N VAL D 240 -13.84 -22.63 -1.03
CA VAL D 240 -15.10 -21.91 -1.17
C VAL D 240 -16.19 -22.83 -1.69
N GLN D 241 -15.87 -23.64 -2.71
CA GLN D 241 -16.84 -24.55 -3.29
C GLN D 241 -17.33 -25.55 -2.24
N VAL D 242 -16.42 -26.15 -1.48
CA VAL D 242 -16.80 -27.14 -0.49
C VAL D 242 -17.68 -26.50 0.57
N ALA D 243 -17.29 -25.32 1.06
CA ALA D 243 -18.06 -24.65 2.10
C ALA D 243 -19.47 -24.30 1.61
N GLU D 244 -19.58 -23.76 0.40
CA GLU D 244 -20.90 -23.38 -0.10
C GLU D 244 -21.76 -24.60 -0.37
N MET D 245 -21.16 -25.69 -0.87
CA MET D 245 -21.91 -26.92 -1.07
C MET D 245 -22.46 -27.43 0.26
N VAL D 246 -21.62 -27.44 1.30
CA VAL D 246 -22.07 -27.92 2.61
C VAL D 246 -23.18 -27.05 3.15
N ILE D 247 -23.02 -25.72 3.06
CA ILE D 247 -24.03 -24.84 3.64
C ILE D 247 -25.34 -24.92 2.85
N GLU D 248 -25.27 -25.12 1.53
CA GLU D 248 -26.50 -25.24 0.75
C GLU D 248 -27.20 -26.56 1.03
N LYS D 249 -26.45 -27.65 1.16
CA LYS D 249 -27.05 -28.91 1.56
C LYS D 249 -27.72 -28.79 2.93
N ALA D 250 -27.05 -28.12 3.87
CA ALA D 250 -27.64 -27.91 5.18
C ALA D 250 -28.92 -27.10 5.09
N LYS D 251 -28.92 -26.03 4.28
CA LYS D 251 -30.12 -25.21 4.13
C LYS D 251 -31.27 -26.03 3.55
N ARG D 252 -30.99 -26.82 2.52
CA ARG D 252 -32.05 -27.61 1.90
C ARG D 252 -32.57 -28.69 2.85
N LEU D 253 -31.69 -29.27 3.67
CA LEU D 253 -32.14 -30.27 4.64
C LEU D 253 -32.98 -29.62 5.74
N VAL D 254 -32.63 -28.39 6.14
CA VAL D 254 -33.44 -27.66 7.11
C VAL D 254 -34.79 -27.31 6.50
N GLU D 255 -34.83 -27.05 5.19
CA GLU D 255 -36.10 -26.81 4.51
C GLU D 255 -37.08 -27.97 4.68
N HIS D 256 -36.59 -29.18 4.93
CA HIS D 256 -37.42 -30.33 5.22
C HIS D 256 -37.64 -30.54 6.71
N LYS D 257 -37.48 -29.49 7.52
CA LYS D 257 -37.70 -29.54 8.96
C LYS D 257 -36.78 -30.54 9.65
N LYS D 258 -35.55 -30.68 9.15
CA LYS D 258 -34.56 -31.56 9.74
C LYS D 258 -33.60 -30.76 10.62
N ASP D 259 -33.02 -31.44 11.61
CA ASP D 259 -32.03 -30.84 12.50
C ASP D 259 -30.64 -31.13 11.95
N VAL D 260 -29.98 -30.09 11.44
CA VAL D 260 -28.66 -30.23 10.83
C VAL D 260 -27.64 -29.53 11.72
N ILE D 261 -26.49 -30.18 11.91
CA ILE D 261 -25.39 -29.64 12.71
C ILE D 261 -24.15 -29.59 11.83
N ILE D 262 -23.43 -28.47 11.89
CA ILE D 262 -22.21 -28.27 11.13
C ILE D 262 -21.09 -27.96 12.10
N LEU D 263 -20.05 -28.78 12.09
CA LEU D 263 -18.84 -28.55 12.87
C LEU D 263 -17.77 -28.03 11.91
N LEU D 264 -17.62 -26.71 11.84
CA LEU D 264 -16.66 -26.09 10.94
C LEU D 264 -15.34 -25.89 11.67
N ASP D 265 -14.24 -26.26 11.03
CA ASP D 265 -12.91 -26.09 11.60
C ASP D 265 -12.21 -24.95 10.89
N SER D 266 -11.62 -24.04 11.67
CA SER D 266 -10.83 -22.92 11.16
C SER D 266 -11.66 -22.04 10.22
N ILE D 267 -12.67 -21.40 10.82
CA ILE D 267 -13.44 -20.40 10.08
C ILE D 267 -12.55 -19.27 9.61
N THR D 268 -11.45 -19.03 10.32
CA THR D 268 -10.46 -18.06 9.87
C THR D 268 -9.88 -18.48 8.53
N ARG D 269 -9.61 -19.77 8.35
CA ARG D 269 -9.09 -20.24 7.06
C ARG D 269 -10.15 -20.14 5.97
N LEU D 270 -11.43 -20.31 6.31
CA LEU D 270 -12.48 -20.09 5.33
C LEU D 270 -12.55 -18.63 4.90
N ALA D 271 -12.42 -17.71 5.86
CA ALA D 271 -12.41 -16.28 5.52
C ALA D 271 -11.18 -15.94 4.69
N ARG D 272 -10.04 -16.58 4.98
CA ARG D 272 -8.84 -16.36 4.17
C ARG D 272 -9.04 -16.85 2.74
N ALA D 273 -9.62 -18.03 2.58
CA ALA D 273 -9.92 -18.54 1.24
C ALA D 273 -10.87 -17.62 0.50
N TYR D 274 -11.88 -17.08 1.20
CA TYR D 274 -12.81 -16.15 0.57
C TYR D 274 -12.10 -14.88 0.14
N ASN D 275 -11.26 -14.32 1.02
CA ASN D 275 -10.48 -13.13 0.67
C ASN D 275 -9.60 -13.39 -0.55
N THR D 276 -9.09 -14.61 -0.68
CA THR D 276 -8.31 -14.96 -1.86
C THR D 276 -9.19 -15.02 -3.11
N VAL D 277 -10.40 -15.59 -2.97
CA VAL D 277 -11.25 -15.83 -4.12
C VAL D 277 -12.04 -14.59 -4.52
N VAL D 278 -12.47 -13.80 -3.54
CA VAL D 278 -13.36 -12.67 -3.82
C VAL D 278 -12.68 -11.71 -4.80
N PRO D 279 -13.37 -11.30 -5.88
CA PRO D 279 -12.75 -10.36 -6.82
C PRO D 279 -12.62 -8.97 -6.23
N ALA D 280 -11.51 -8.72 -5.53
CA ALA D 280 -11.22 -7.45 -4.89
C ALA D 280 -11.64 -6.28 -5.76
N SER D 281 -12.61 -5.51 -5.28
CA SER D 281 -13.11 -4.33 -5.99
C SER D 281 -13.06 -3.12 -5.06
N GLY D 282 -13.27 -3.35 -3.77
CA GLY D 282 -13.08 -2.31 -2.78
C GLY D 282 -11.60 -2.07 -2.58
N LYS D 283 -11.14 -0.86 -2.88
CA LYS D 283 -9.72 -0.53 -2.81
C LYS D 283 -9.21 -0.39 -1.38
N VAL D 284 -10.01 -0.75 -0.38
CA VAL D 284 -9.60 -0.68 1.02
C VAL D 284 -9.29 -2.08 1.52
N LEU D 285 -8.36 -2.14 2.48
CA LEU D 285 -8.01 -3.40 3.13
C LEU D 285 -7.34 -3.09 4.46
N THR D 286 -7.71 -3.84 5.49
CA THR D 286 -7.18 -3.65 6.84
C THR D 286 -6.53 -4.94 7.30
N GLY D 287 -5.24 -4.88 7.61
CA GLY D 287 -4.51 -6.06 8.04
C GLY D 287 -4.21 -7.06 6.95
N GLY D 288 -4.48 -6.73 5.69
CA GLY D 288 -4.22 -7.61 4.57
C GLY D 288 -5.45 -8.16 3.89
N VAL D 289 -6.59 -8.19 4.59
CA VAL D 289 -7.83 -8.74 4.04
C VAL D 289 -8.70 -7.61 3.51
N ASP D 290 -9.36 -7.86 2.38
CA ASP D 290 -10.36 -6.92 1.89
C ASP D 290 -11.61 -7.03 2.76
N ALA D 291 -12.21 -5.88 3.06
CA ALA D 291 -13.38 -5.86 3.94
C ALA D 291 -14.58 -6.52 3.28
N ASN D 292 -14.89 -6.12 2.04
CA ASN D 292 -16.05 -6.66 1.33
C ASN D 292 -15.98 -8.18 1.23
N ALA D 293 -14.78 -8.74 1.10
CA ALA D 293 -14.63 -10.19 1.04
C ALA D 293 -15.25 -10.86 2.26
N LEU D 294 -15.07 -10.28 3.44
CA LEU D 294 -15.61 -10.86 4.67
C LEU D 294 -17.12 -10.97 4.65
N HIS D 295 -17.81 -10.35 3.68
CA HIS D 295 -19.25 -10.53 3.57
C HIS D 295 -19.60 -11.97 3.23
N ARG D 296 -18.73 -12.68 2.52
CA ARG D 296 -19.05 -14.04 2.06
C ARG D 296 -18.98 -15.08 3.18
N PRO D 297 -17.91 -15.14 3.98
CA PRO D 297 -17.90 -16.17 5.04
C PRO D 297 -18.92 -15.91 6.14
N LYS D 298 -19.16 -14.63 6.48
CA LYS D 298 -20.13 -14.30 7.51
C LYS D 298 -21.49 -14.92 7.23
N ARG D 299 -21.95 -14.80 5.97
CA ARG D 299 -23.22 -15.42 5.59
C ARG D 299 -23.26 -16.89 5.96
N PHE D 300 -22.16 -17.60 5.70
CA PHE D 300 -22.05 -18.99 6.16
C PHE D 300 -22.37 -19.08 7.65
N PHE D 301 -21.60 -18.35 8.47
CA PHE D 301 -21.87 -18.34 9.90
C PHE D 301 -23.25 -17.75 10.19
N GLY D 302 -23.73 -16.86 9.33
CA GLY D 302 -25.06 -16.31 9.51
C GLY D 302 -26.18 -17.28 9.19
N ALA D 303 -25.88 -18.41 8.54
CA ALA D 303 -26.93 -19.35 8.21
C ALA D 303 -27.43 -20.08 9.44
N ALA D 304 -26.58 -20.28 10.45
CA ALA D 304 -26.97 -21.00 11.64
C ALA D 304 -28.05 -20.23 12.40
N ARG D 305 -29.16 -20.91 12.68
CA ARG D 305 -30.30 -20.27 13.32
C ARG D 305 -31.31 -21.35 13.70
N ASN D 306 -32.18 -21.00 14.64
CA ASN D 306 -33.35 -21.81 14.91
C ASN D 306 -34.47 -21.38 13.97
N VAL D 307 -35.31 -22.34 13.60
CA VAL D 307 -36.39 -22.10 12.65
C VAL D 307 -37.72 -22.31 13.36
N GLU D 308 -38.63 -21.36 13.19
CA GLU D 308 -39.94 -21.45 13.83
C GLU D 308 -40.78 -22.55 13.22
N GLU D 309 -40.65 -22.77 11.91
CA GLU D 309 -41.45 -23.79 11.24
C GLU D 309 -41.03 -25.19 11.67
N GLY D 310 -39.78 -25.57 11.39
CA GLY D 310 -39.30 -26.87 11.82
C GLY D 310 -37.79 -26.92 11.80
N GLY D 311 -37.26 -28.07 12.19
CA GLY D 311 -35.83 -28.32 12.24
C GLY D 311 -34.94 -27.21 12.77
N SER D 312 -33.63 -27.43 12.73
CA SER D 312 -32.67 -26.44 13.18
C SER D 312 -31.42 -26.51 12.29
N LEU D 313 -30.60 -25.46 12.36
CA LEU D 313 -29.32 -25.41 11.66
C LEU D 313 -28.27 -24.93 12.66
N THR D 314 -27.47 -25.87 13.17
CA THR D 314 -26.44 -25.57 14.15
C THR D 314 -25.08 -25.52 13.47
N ILE D 315 -24.30 -24.49 13.80
CA ILE D 315 -22.95 -24.33 13.27
C ILE D 315 -22.04 -23.97 14.44
N ILE D 316 -21.00 -24.77 14.64
CA ILE D 316 -19.98 -24.51 15.66
C ILE D 316 -18.65 -24.40 14.94
N ALA D 317 -18.14 -23.17 14.82
CA ALA D 317 -16.91 -22.91 14.08
C ALA D 317 -15.79 -22.56 15.06
N THR D 318 -14.58 -22.99 14.73
CA THR D 318 -13.40 -22.72 15.53
C THR D 318 -12.67 -21.50 14.96
N ALA D 319 -12.45 -20.49 15.80
CA ALA D 319 -11.76 -19.28 15.40
C ALA D 319 -10.31 -19.36 15.89
N LEU D 320 -9.37 -19.33 14.95
CA LEU D 320 -7.96 -19.39 15.31
C LEU D 320 -7.46 -18.04 15.78
N ILE D 321 -6.68 -18.05 16.87
CA ILE D 321 -6.15 -16.84 17.46
C ILE D 321 -4.74 -17.13 17.95
N ASP D 322 -3.97 -16.05 18.17
CA ASP D 322 -2.58 -16.15 18.61
C ASP D 322 -1.73 -16.93 17.60
N THR D 323 -1.97 -16.68 16.31
CA THR D 323 -1.22 -17.32 15.24
C THR D 323 -0.01 -16.53 14.80
N GLY D 324 0.12 -15.27 15.25
CA GLY D 324 1.19 -14.40 14.81
C GLY D 324 0.91 -13.65 13.54
N SER D 325 -0.20 -13.93 12.86
CA SER D 325 -0.59 -13.23 11.65
C SER D 325 -1.71 -12.24 11.95
N LYS D 326 -1.54 -10.98 11.55
CA LYS D 326 -2.56 -9.97 11.77
C LYS D 326 -3.83 -10.27 10.97
N MET D 327 -3.73 -11.10 9.93
CA MET D 327 -4.92 -11.47 9.16
C MET D 327 -5.93 -12.23 10.02
N ASP D 328 -5.46 -13.25 10.72
CA ASP D 328 -6.34 -13.99 11.62
C ASP D 328 -6.87 -13.10 12.74
N GLU D 329 -6.05 -12.15 13.20
CA GLU D 329 -6.50 -11.21 14.22
C GLU D 329 -7.65 -10.35 13.72
N VAL D 330 -7.53 -9.83 12.49
CA VAL D 330 -8.59 -9.02 11.92
C VAL D 330 -9.85 -9.86 11.70
N ILE D 331 -9.68 -11.11 11.27
CA ILE D 331 -10.84 -11.99 11.06
C ILE D 331 -11.57 -12.22 12.39
N TYR D 332 -10.81 -12.55 13.44
CA TYR D 332 -11.43 -12.79 14.74
C TYR D 332 -12.07 -11.52 15.29
N GLU D 333 -11.46 -10.36 15.03
CA GLU D 333 -12.04 -9.10 15.49
C GLU D 333 -13.35 -8.80 14.77
N GLU D 334 -13.42 -9.14 13.47
CA GLU D 334 -14.65 -8.95 12.73
C GLU D 334 -15.71 -9.97 13.12
N PHE D 335 -15.31 -11.13 13.65
CA PHE D 335 -16.24 -12.13 14.16
C PHE D 335 -16.41 -12.06 15.67
N LYS D 336 -16.24 -10.86 16.26
CA LYS D 336 -16.24 -10.75 17.71
C LYS D 336 -17.63 -10.95 18.28
N GLY D 337 -18.57 -10.07 17.92
CA GLY D 337 -19.91 -10.14 18.49
C GLY D 337 -20.92 -10.77 17.56
N THR D 338 -20.49 -11.75 16.77
CA THR D 338 -21.37 -12.39 15.79
C THR D 338 -22.10 -13.60 16.35
N GLY D 339 -21.41 -14.46 17.09
CA GLY D 339 -22.02 -15.66 17.61
C GLY D 339 -22.71 -15.46 18.95
N ASN D 340 -23.72 -16.29 19.19
CA ASN D 340 -24.44 -16.29 20.46
C ASN D 340 -23.94 -17.38 21.41
N MET D 341 -22.85 -18.05 21.07
CA MET D 341 -22.23 -19.04 21.93
C MET D 341 -20.73 -18.97 21.74
N GLU D 342 -19.99 -18.85 22.84
CA GLU D 342 -18.53 -18.73 22.77
C GLU D 342 -17.90 -19.70 23.76
N LEU D 343 -16.93 -20.47 23.28
CA LEU D 343 -16.17 -21.41 24.09
C LEU D 343 -14.70 -21.10 23.90
N HIS D 344 -14.06 -20.58 24.94
CA HIS D 344 -12.67 -20.14 24.86
C HIS D 344 -11.74 -21.18 25.45
N LEU D 345 -10.63 -21.44 24.78
CA LEU D 345 -9.58 -22.32 25.27
C LEU D 345 -8.36 -21.51 25.64
N SER D 346 -7.65 -21.98 26.67
CA SER D 346 -6.44 -21.33 27.15
C SER D 346 -5.26 -22.26 26.92
N ARG D 347 -4.20 -21.74 26.29
CA ARG D 347 -3.02 -22.57 26.06
C ARG D 347 -2.26 -22.81 27.35
N LYS D 348 -2.35 -21.88 28.31
CA LYS D 348 -1.64 -22.05 29.56
C LYS D 348 -2.24 -23.16 30.40
N ILE D 349 -3.56 -23.34 30.35
CA ILE D 349 -4.17 -24.47 31.03
C ILE D 349 -3.84 -25.77 30.30
N ALA D 350 -3.76 -25.71 28.98
CA ALA D 350 -3.39 -26.89 28.20
C ALA D 350 -1.91 -27.22 28.34
N GLU D 351 -1.08 -26.20 28.57
CA GLU D 351 0.36 -26.41 28.69
C GLU D 351 0.69 -27.29 29.89
N LYS D 352 -0.12 -27.23 30.96
CA LYS D 352 0.08 -28.03 32.15
C LYS D 352 -0.52 -29.42 32.03
N ARG D 353 -0.82 -29.88 30.81
CA ARG D 353 -1.39 -31.18 30.50
C ARG D 353 -2.82 -31.34 31.00
N VAL D 354 -3.40 -30.34 31.68
CA VAL D 354 -4.82 -30.38 31.97
C VAL D 354 -5.51 -29.87 30.71
N PHE D 355 -5.83 -30.81 29.83
CA PHE D 355 -6.16 -30.56 28.43
C PHE D 355 -7.56 -30.06 28.09
N PRO D 356 -8.62 -30.35 28.86
CA PRO D 356 -9.89 -29.65 28.58
C PRO D 356 -9.69 -28.14 28.46
N ALA D 357 -8.89 -27.56 29.35
CA ALA D 357 -8.43 -26.16 29.28
C ALA D 357 -9.49 -25.19 28.76
N ILE D 358 -10.65 -25.20 29.41
CA ILE D 358 -11.73 -24.28 29.07
C ILE D 358 -11.61 -23.04 29.94
N ASP D 359 -11.66 -21.87 29.31
CA ASP D 359 -11.67 -20.59 30.04
C ASP D 359 -13.10 -20.39 30.54
N TYR D 360 -13.37 -20.88 31.75
CA TYR D 360 -14.73 -20.88 32.27
C TYR D 360 -15.27 -19.47 32.46
N ASN D 361 -14.43 -18.54 32.91
CA ASN D 361 -14.89 -17.19 33.18
C ASN D 361 -15.26 -16.44 31.91
N ARG D 362 -14.70 -16.82 30.76
CA ARG D 362 -15.01 -16.16 29.50
C ARG D 362 -15.75 -17.06 28.52
N SER D 363 -16.45 -18.08 29.04
CA SER D 363 -17.23 -18.99 28.21
C SER D 363 -18.66 -19.03 28.72
N GLY D 364 -19.60 -19.13 27.79
CA GLY D 364 -21.00 -19.16 28.15
C GLY D 364 -21.87 -18.94 26.92
N THR D 365 -23.16 -19.11 27.12
CA THR D 365 -24.15 -18.93 26.06
C THR D 365 -25.19 -17.92 26.50
N ARG D 366 -25.62 -17.07 25.56
CA ARG D 366 -26.68 -16.12 25.84
C ARG D 366 -28.04 -16.82 25.77
N LYS D 367 -28.98 -16.30 26.55
CA LYS D 367 -30.33 -16.85 26.63
C LYS D 367 -30.32 -18.33 27.01
N GLU D 368 -29.42 -18.69 27.92
CA GLU D 368 -29.33 -20.05 28.44
C GLU D 368 -30.47 -20.39 29.39
N GLU D 369 -31.37 -19.44 29.66
CA GLU D 369 -32.47 -19.69 30.58
C GLU D 369 -33.41 -20.76 30.05
N LEU D 370 -33.61 -20.83 28.74
CA LEU D 370 -34.55 -21.77 28.14
C LEU D 370 -33.89 -23.07 27.72
N LEU D 371 -32.57 -23.19 27.87
CA LEU D 371 -31.86 -24.43 27.56
C LEU D 371 -31.80 -25.39 28.73
N THR D 372 -32.11 -24.94 29.94
CA THR D 372 -32.00 -25.75 31.15
C THR D 372 -33.32 -25.68 31.93
N THR D 373 -33.44 -26.60 32.90
CA THR D 373 -34.62 -26.61 33.75
C THR D 373 -34.61 -25.39 34.68
N GLN D 374 -35.76 -25.16 35.32
CA GLN D 374 -35.88 -24.02 36.22
C GLN D 374 -34.89 -24.10 37.37
N GLU D 375 -34.63 -25.30 37.87
CA GLU D 375 -33.66 -25.48 38.95
C GLU D 375 -32.24 -25.70 38.44
N GLU D 376 -32.07 -25.98 37.15
CA GLU D 376 -30.72 -26.17 36.62
C GLU D 376 -29.99 -24.83 36.48
N LEU D 377 -30.71 -23.75 36.25
CA LEU D 377 -30.08 -22.43 36.17
C LEU D 377 -29.47 -22.06 37.51
N GLN D 378 -30.16 -22.37 38.60
CA GLN D 378 -29.69 -22.04 39.93
C GLN D 378 -28.37 -22.74 40.23
N LYS D 379 -28.30 -24.03 39.92
CA LYS D 379 -27.10 -24.80 40.19
C LYS D 379 -25.92 -24.30 39.37
N MET D 380 -26.16 -23.98 38.10
CA MET D 380 -25.10 -23.47 37.25
C MET D 380 -24.62 -22.11 37.73
N TRP D 381 -25.53 -21.25 38.18
CA TRP D 381 -25.14 -19.94 38.68
C TRP D 381 -24.34 -20.07 39.97
N ILE D 382 -24.74 -21.00 40.85
CA ILE D 382 -23.98 -21.23 42.08
C ILE D 382 -22.59 -21.75 41.76
N LEU D 383 -22.49 -22.67 40.79
CA LEU D 383 -21.18 -23.21 40.42
C LEU D 383 -20.29 -22.15 39.78
N ARG D 384 -20.89 -21.27 38.97
CA ARG D 384 -20.10 -20.22 38.32
C ARG D 384 -19.69 -19.13 39.30
N LYS D 385 -20.48 -18.90 40.36
CA LYS D 385 -20.15 -17.86 41.31
C LYS D 385 -18.91 -18.21 42.12
N ILE D 386 -18.62 -19.50 42.31
CA ILE D 386 -17.43 -19.90 43.05
C ILE D 386 -16.22 -20.09 42.14
N ILE D 387 -16.43 -20.25 40.84
CA ILE D 387 -15.31 -20.33 39.91
C ILE D 387 -14.84 -18.93 39.53
N HIS D 388 -15.72 -17.94 39.60
CA HIS D 388 -15.39 -16.57 39.20
C HIS D 388 -14.16 -16.00 39.91
N PRO D 389 -14.01 -16.08 41.24
CA PRO D 389 -12.81 -15.51 41.85
C PRO D 389 -11.55 -16.33 41.64
N MET D 390 -11.69 -17.56 41.16
CA MET D 390 -10.53 -18.40 40.92
C MET D 390 -9.82 -17.97 39.64
N GLY D 391 -8.60 -18.47 39.46
CA GLY D 391 -7.83 -18.18 38.27
C GLY D 391 -8.34 -19.01 37.09
N GLU D 392 -7.52 -19.04 36.05
CA GLU D 392 -7.84 -19.90 34.91
C GLU D 392 -7.29 -21.30 35.11
N ILE D 393 -6.03 -21.40 35.52
CA ILE D 393 -5.40 -22.71 35.69
C ILE D 393 -5.95 -23.43 36.93
N ASP D 394 -6.36 -22.68 37.95
CA ASP D 394 -6.85 -23.29 39.17
C ASP D 394 -8.33 -23.63 39.10
N ALA D 395 -9.08 -23.03 38.17
CA ALA D 395 -10.50 -23.34 38.04
C ALA D 395 -10.70 -24.72 37.43
N MET D 396 -9.90 -25.07 36.42
CA MET D 396 -10.04 -26.37 35.78
C MET D 396 -9.63 -27.49 36.72
N GLU D 397 -8.63 -27.26 37.57
CA GLU D 397 -8.27 -28.25 38.58
C GLU D 397 -9.45 -28.50 39.52
N PHE D 398 -10.05 -27.42 40.03
CA PHE D 398 -11.19 -27.56 40.93
C PHE D 398 -12.38 -28.23 40.25
N LEU D 399 -12.53 -28.02 38.94
CA LEU D 399 -13.63 -28.67 38.22
C LEU D 399 -13.36 -30.15 38.03
N ILE D 400 -12.21 -30.50 37.47
CA ILE D 400 -11.92 -31.89 37.14
C ILE D 400 -11.81 -32.74 38.40
N ASN D 401 -11.15 -32.22 39.43
CA ASN D 401 -10.99 -32.99 40.66
C ASN D 401 -12.32 -33.26 41.36
N LYS D 402 -13.35 -32.46 41.07
CA LYS D 402 -14.68 -32.68 41.61
C LYS D 402 -15.62 -33.37 40.61
N LEU D 403 -15.34 -33.26 39.31
CA LEU D 403 -16.25 -33.81 38.31
C LEU D 403 -16.04 -35.30 38.10
N ALA D 404 -14.84 -35.81 38.34
CA ALA D 404 -14.56 -37.23 38.11
C ALA D 404 -15.24 -38.14 39.13
N MET D 405 -16.00 -37.58 40.06
CA MET D 405 -16.74 -38.34 41.07
C MET D 405 -18.19 -38.60 40.66
N THR D 406 -18.85 -37.62 40.06
CA THR D 406 -20.25 -37.67 39.67
C THR D 406 -20.37 -37.51 38.16
N LYS D 407 -21.61 -37.38 37.67
CA LYS D 407 -21.88 -37.46 36.24
C LYS D 407 -22.68 -36.28 35.73
N THR D 408 -22.51 -35.10 36.35
CA THR D 408 -23.20 -33.85 36.01
C THR D 408 -24.71 -33.95 36.07
N ASN D 409 -25.25 -35.08 36.52
CA ASN D 409 -26.64 -35.18 36.92
C ASN D 409 -26.80 -35.29 38.42
N ASP D 410 -25.77 -35.72 39.13
CA ASP D 410 -25.71 -35.72 40.57
C ASP D 410 -24.70 -34.73 41.11
N ASP D 411 -24.02 -33.98 40.23
CA ASP D 411 -22.98 -33.05 40.65
C ASP D 411 -23.53 -31.91 41.49
N PHE D 412 -24.83 -31.65 41.42
CA PHE D 412 -25.47 -30.55 42.13
C PHE D 412 -26.22 -31.03 43.36
N PHE D 413 -25.66 -32.01 44.08
CA PHE D 413 -26.27 -32.52 45.30
C PHE D 413 -25.49 -32.16 46.56
N GLU D 414 -24.25 -31.68 46.43
CA GLU D 414 -23.44 -31.26 47.55
C GLU D 414 -23.24 -29.74 47.52
N MET D 415 -22.93 -29.18 48.69
CA MET D 415 -22.76 -27.74 48.85
C MET D 415 -24.00 -26.98 48.39
N MET D 416 -25.16 -27.42 48.88
CA MET D 416 -26.44 -26.86 48.46
C MET D 416 -26.78 -25.61 49.27
N LYS D 417 -27.41 -24.65 48.61
CA LYS D 417 -27.84 -23.41 49.24
C LYS D 417 -29.20 -22.98 48.73
N MET E 1 -56.45 -5.00 -3.52
CA MET E 1 -55.08 -5.43 -3.78
C MET E 1 -54.08 -4.36 -3.34
N ASN E 2 -53.68 -4.41 -2.08
CA ASN E 2 -52.70 -3.49 -1.52
C ASN E 2 -51.37 -4.20 -1.37
N LEU E 3 -50.32 -3.61 -1.96
CA LEU E 3 -48.99 -4.22 -1.92
C LEU E 3 -48.53 -4.46 -0.49
N THR E 4 -48.58 -3.43 0.35
CA THR E 4 -48.14 -3.55 1.74
C THR E 4 -48.86 -4.68 2.45
N GLU E 5 -50.17 -4.84 2.19
CA GLU E 5 -50.93 -5.92 2.80
C GLU E 5 -50.35 -7.28 2.43
N LEU E 6 -49.90 -7.44 1.18
CA LEU E 6 -49.27 -8.69 0.78
C LEU E 6 -47.96 -8.90 1.52
N LYS E 7 -47.13 -7.86 1.58
CA LYS E 7 -45.82 -7.95 2.21
C LYS E 7 -45.89 -8.25 3.70
N ASN E 8 -47.02 -7.98 4.35
CA ASN E 8 -47.18 -8.27 5.77
C ASN E 8 -47.83 -9.63 6.03
N THR E 9 -48.31 -10.31 5.00
CA THR E 9 -48.89 -11.63 5.18
C THR E 9 -47.82 -12.72 5.11
N PRO E 10 -47.98 -13.79 5.87
CA PRO E 10 -46.95 -14.85 5.90
C PRO E 10 -46.79 -15.51 4.54
N VAL E 11 -45.58 -16.02 4.30
CA VAL E 11 -45.27 -16.67 3.03
C VAL E 11 -46.13 -17.90 2.81
N SER E 12 -46.50 -18.61 3.88
CA SER E 12 -47.35 -19.78 3.75
C SER E 12 -48.70 -19.41 3.14
N GLU E 13 -49.24 -18.24 3.51
CA GLU E 13 -50.50 -17.78 2.94
C GLU E 13 -50.33 -17.22 1.54
N LEU E 14 -49.14 -16.70 1.22
CA LEU E 14 -48.88 -16.20 -0.13
C LEU E 14 -49.00 -17.29 -1.17
N ILE E 15 -48.65 -18.53 -0.81
CA ILE E 15 -48.70 -19.62 -1.77
C ILE E 15 -50.15 -19.93 -2.15
N THR E 16 -51.05 -19.95 -1.16
CA THR E 16 -52.44 -20.28 -1.42
C THR E 16 -53.11 -19.19 -2.26
N LEU E 17 -52.80 -17.93 -1.99
CA LEU E 17 -53.40 -16.84 -2.75
C LEU E 17 -52.80 -16.69 -4.13
N GLY E 18 -51.54 -17.10 -4.32
CA GLY E 18 -50.92 -16.99 -5.62
C GLY E 18 -51.19 -18.19 -6.52
N GLU E 19 -51.31 -19.37 -5.91
CA GLU E 19 -51.59 -20.57 -6.68
C GLU E 19 -53.02 -20.58 -7.19
N ASN E 20 -53.94 -19.94 -6.48
CA ASN E 20 -55.33 -19.86 -6.92
C ASN E 20 -55.52 -18.97 -8.14
N MET E 21 -54.46 -18.31 -8.63
CA MET E 21 -54.55 -17.48 -9.82
C MET E 21 -53.98 -18.14 -11.07
N GLY E 22 -53.37 -19.33 -10.95
CA GLY E 22 -52.84 -19.97 -12.14
C GLY E 22 -51.32 -19.94 -12.24
N LEU E 23 -50.63 -19.85 -11.10
CA LEU E 23 -49.18 -19.78 -11.08
C LEU E 23 -48.60 -21.05 -10.49
N GLU E 24 -47.56 -21.57 -11.15
CA GLU E 24 -46.99 -22.86 -10.81
C GLU E 24 -45.54 -22.81 -10.35
N ASN E 25 -44.73 -21.86 -10.83
CA ASN E 25 -43.33 -21.78 -10.47
C ASN E 25 -43.09 -21.07 -9.14
N LEU E 26 -44.13 -20.95 -8.33
CA LEU E 26 -44.04 -20.37 -6.99
C LEU E 26 -43.70 -21.41 -5.93
N ALA E 27 -43.32 -22.62 -6.34
CA ALA E 27 -43.11 -23.70 -5.39
C ALA E 27 -42.01 -23.38 -4.39
N ARG E 28 -40.85 -22.89 -4.88
CA ARG E 28 -39.74 -22.53 -3.98
C ARG E 28 -39.11 -21.23 -4.50
N MET E 29 -39.67 -20.10 -4.09
CA MET E 29 -39.13 -18.80 -4.45
C MET E 29 -39.18 -17.87 -3.24
N ARG E 30 -38.45 -16.77 -3.33
CA ARG E 30 -38.38 -15.77 -2.27
C ARG E 30 -39.68 -14.98 -2.19
N LYS E 31 -39.93 -14.40 -1.02
CA LYS E 31 -41.17 -13.64 -0.82
C LYS E 31 -41.28 -12.48 -1.80
N GLN E 32 -40.16 -11.81 -2.09
CA GLN E 32 -40.18 -10.70 -3.04
C GLN E 32 -40.59 -11.18 -4.43
N ASP E 33 -40.01 -12.29 -4.88
CA ASP E 33 -40.37 -12.85 -6.18
C ASP E 33 -41.81 -13.31 -6.21
N ILE E 34 -42.28 -13.91 -5.11
CA ILE E 34 -43.66 -14.36 -5.05
C ILE E 34 -44.61 -13.18 -5.16
N ILE E 35 -44.33 -12.10 -4.44
CA ILE E 35 -45.19 -10.92 -4.49
C ILE E 35 -45.16 -10.29 -5.87
N PHE E 36 -43.97 -10.22 -6.49
CA PHE E 36 -43.87 -9.67 -7.84
C PHE E 36 -44.70 -10.50 -8.82
N ALA E 37 -44.62 -11.82 -8.73
CA ALA E 37 -45.38 -12.68 -9.64
C ALA E 37 -46.87 -12.55 -9.40
N ILE E 38 -47.29 -12.49 -8.13
CA ILE E 38 -48.70 -12.36 -7.81
C ILE E 38 -49.25 -11.04 -8.36
N LEU E 39 -48.49 -9.95 -8.21
CA LEU E 39 -48.95 -8.67 -8.75
C LEU E 39 -48.99 -8.70 -10.27
N LYS E 40 -47.96 -9.24 -10.92
CA LYS E 40 -47.94 -9.26 -12.37
C LYS E 40 -49.06 -10.14 -12.93
N GLN E 41 -49.47 -11.17 -12.17
CA GLN E 41 -50.61 -11.97 -12.60
C GLN E 41 -51.93 -11.26 -12.31
N HIS E 42 -51.99 -10.46 -11.25
CA HIS E 42 -53.21 -9.70 -10.97
C HIS E 42 -53.24 -8.39 -11.73
N ALA E 43 -52.12 -7.94 -12.27
CA ALA E 43 -52.11 -6.71 -13.05
C ALA E 43 -52.78 -6.94 -14.40
N LYS E 44 -52.76 -8.19 -14.87
CA LYS E 44 -53.43 -8.55 -16.11
C LYS E 44 -54.95 -8.42 -15.98
N SER E 45 -55.46 -8.34 -14.75
CA SER E 45 -56.89 -8.18 -14.50
C SER E 45 -57.35 -6.73 -14.62
N GLY E 46 -56.45 -5.80 -14.90
CA GLY E 46 -56.83 -4.40 -15.08
C GLY E 46 -57.40 -3.72 -13.87
N GLU E 47 -57.25 -4.30 -12.67
CA GLU E 47 -57.82 -3.72 -11.47
C GLU E 47 -56.83 -2.77 -10.80
N ASP E 48 -57.37 -1.78 -10.08
CA ASP E 48 -56.54 -0.83 -9.37
C ASP E 48 -55.75 -1.52 -8.27
N ILE E 49 -54.43 -1.40 -8.33
CA ILE E 49 -53.53 -1.96 -7.31
C ILE E 49 -52.85 -0.80 -6.60
N PHE E 50 -52.89 -0.83 -5.27
CA PHE E 50 -52.35 0.25 -4.46
C PHE E 50 -51.04 -0.17 -3.82
N GLY E 51 -50.12 0.79 -3.71
CA GLY E 51 -48.82 0.54 -3.11
C GLY E 51 -48.30 1.77 -2.41
N ASP E 52 -47.22 1.59 -1.65
CA ASP E 52 -46.59 2.68 -0.93
C ASP E 52 -45.18 2.26 -0.53
N GLY E 53 -44.36 3.25 -0.21
CA GLY E 53 -43.00 2.98 0.22
C GLY E 53 -42.23 4.26 0.44
N VAL E 54 -41.06 4.11 1.03
CA VAL E 54 -40.18 5.24 1.32
C VAL E 54 -39.26 5.45 0.13
N LEU E 55 -39.19 6.69 -0.34
CA LEU E 55 -38.43 6.98 -1.56
C LEU E 55 -36.93 6.92 -1.30
N GLU E 56 -36.19 6.40 -2.28
CA GLU E 56 -34.74 6.43 -2.27
C GLU E 56 -34.27 6.73 -3.69
N ILE E 57 -33.68 7.90 -3.89
CA ILE E 57 -33.23 8.32 -5.21
C ILE E 57 -31.81 7.83 -5.44
N LEU E 58 -31.58 7.21 -6.59
CA LEU E 58 -30.28 6.70 -6.97
C LEU E 58 -29.47 7.79 -7.67
N GLN E 59 -28.26 7.42 -8.12
CA GLN E 59 -27.40 8.39 -8.78
C GLN E 59 -27.97 8.85 -10.11
N ASP E 60 -28.67 7.98 -10.82
CA ASP E 60 -29.17 8.34 -12.15
C ASP E 60 -30.31 9.35 -12.10
N GLY E 61 -31.04 9.43 -10.99
CA GLY E 61 -32.06 10.45 -10.82
C GLY E 61 -33.48 9.95 -10.67
N PHE E 62 -33.77 8.67 -10.88
CA PHE E 62 -35.14 8.18 -10.76
C PHE E 62 -35.46 7.55 -9.42
N GLY E 63 -34.58 6.71 -8.88
CA GLY E 63 -34.82 6.09 -7.59
C GLY E 63 -35.97 5.08 -7.60
N PHE E 64 -36.20 4.52 -6.42
CA PHE E 64 -37.23 3.51 -6.20
C PHE E 64 -37.97 3.80 -4.89
N LEU E 65 -38.96 2.97 -4.59
CA LEU E 65 -39.73 3.05 -3.35
C LEU E 65 -39.45 1.78 -2.54
N ARG E 66 -38.55 1.90 -1.57
CA ARG E 66 -38.20 0.77 -0.72
C ARG E 66 -39.28 0.50 0.31
N SER E 67 -39.34 -0.75 0.77
CA SER E 67 -40.36 -1.20 1.71
C SER E 67 -39.81 -1.22 3.13
N ALA E 68 -40.59 -0.70 4.07
CA ALA E 68 -40.19 -0.75 5.48
C ALA E 68 -40.28 -2.17 6.02
N ASP E 69 -41.15 -3.01 5.44
CA ASP E 69 -41.26 -4.39 5.90
C ASP E 69 -40.00 -5.18 5.61
N SER E 70 -39.41 -5.00 4.42
CA SER E 70 -38.17 -5.66 4.04
C SER E 70 -36.94 -4.90 4.53
N SER E 71 -37.10 -3.98 5.48
CA SER E 71 -36.01 -3.15 5.98
C SER E 71 -35.33 -2.38 4.85
N TYR E 72 -36.14 -1.90 3.90
CA TYR E 72 -35.65 -1.12 2.76
C TYR E 72 -34.62 -1.89 1.95
N LEU E 73 -34.99 -3.12 1.57
CA LEU E 73 -34.14 -3.98 0.78
C LEU E 73 -34.55 -3.93 -0.68
N ALA E 74 -33.55 -3.85 -1.57
CA ALA E 74 -33.82 -3.83 -3.00
C ALA E 74 -34.37 -5.18 -3.45
N GLY E 75 -35.54 -5.15 -4.10
CA GLY E 75 -36.17 -6.36 -4.56
C GLY E 75 -37.06 -6.13 -5.77
N PRO E 76 -37.60 -7.21 -6.34
CA PRO E 76 -38.51 -7.06 -7.48
C PRO E 76 -39.83 -6.40 -7.12
N ASP E 77 -40.24 -6.45 -5.85
CA ASP E 77 -41.50 -5.85 -5.41
C ASP E 77 -41.40 -4.35 -5.15
N ASP E 78 -40.38 -3.69 -5.67
CA ASP E 78 -40.21 -2.26 -5.48
C ASP E 78 -40.89 -1.49 -6.62
N ILE E 79 -41.09 -0.20 -6.38
CA ILE E 79 -41.85 0.68 -7.28
C ILE E 79 -40.90 1.70 -7.90
N TYR E 80 -40.88 1.76 -9.22
CA TYR E 80 -40.06 2.72 -9.94
C TYR E 80 -40.70 4.11 -9.89
N VAL E 81 -39.87 5.13 -9.70
CA VAL E 81 -40.31 6.51 -9.63
C VAL E 81 -39.68 7.25 -10.80
N SER E 82 -40.51 7.86 -11.64
CA SER E 82 -40.01 8.57 -12.81
C SER E 82 -39.32 9.87 -12.38
N PRO E 83 -38.25 10.27 -13.08
CA PRO E 83 -37.61 11.55 -12.74
C PRO E 83 -38.53 12.74 -12.94
N SER E 84 -39.37 12.71 -13.98
CA SER E 84 -40.32 13.79 -14.20
C SER E 84 -41.22 14.00 -12.99
N GLN E 85 -41.65 12.90 -12.36
CA GLN E 85 -42.40 13.01 -11.11
C GLN E 85 -41.59 13.74 -10.06
N ILE E 86 -40.30 13.39 -9.93
CA ILE E 86 -39.42 14.09 -9.01
C ILE E 86 -39.26 15.55 -9.41
N ARG E 87 -39.49 15.87 -10.69
CA ARG E 87 -39.51 17.27 -11.09
C ARG E 87 -40.86 17.92 -10.82
N ARG E 88 -41.95 17.14 -10.88
CA ARG E 88 -43.26 17.69 -10.57
C ARG E 88 -43.45 17.88 -9.07
N PHE E 89 -43.04 16.90 -8.28
CA PHE E 89 -43.09 16.97 -6.83
C PHE E 89 -41.67 17.07 -6.29
N ASN E 90 -41.41 18.08 -5.46
CA ASN E 90 -40.08 18.26 -4.89
C ASN E 90 -39.71 17.10 -3.98
N LEU E 91 -39.48 15.92 -4.55
CA LEU E 91 -39.24 14.73 -3.76
C LEU E 91 -37.74 14.54 -3.52
N ARG E 92 -37.37 14.27 -2.28
CA ARG E 92 -36.00 13.95 -1.91
C ARG E 92 -35.93 12.50 -1.43
N THR E 93 -34.70 12.06 -1.15
CA THR E 93 -34.47 10.69 -0.71
C THR E 93 -34.98 10.50 0.72
N GLY E 94 -36.21 10.02 0.87
CA GLY E 94 -36.75 9.78 2.19
C GLY E 94 -38.25 10.02 2.31
N ASP E 95 -38.86 10.55 1.25
CA ASP E 95 -40.27 10.90 1.27
C ASP E 95 -41.12 9.64 1.16
N THR E 96 -41.99 9.42 2.15
CA THR E 96 -42.93 8.31 2.10
C THR E 96 -44.04 8.63 1.10
N ILE E 97 -44.16 7.81 0.06
CA ILE E 97 -45.11 8.05 -1.03
C ILE E 97 -46.12 6.91 -1.05
N SER E 98 -47.39 7.26 -1.20
CA SER E 98 -48.48 6.31 -1.30
C SER E 98 -49.35 6.70 -2.49
N GLY E 99 -49.85 5.70 -3.21
CA GLY E 99 -50.69 5.97 -4.36
C GLY E 99 -50.85 4.74 -5.22
N LYS E 100 -51.54 4.93 -6.34
CA LYS E 100 -51.79 3.86 -7.28
C LYS E 100 -50.56 3.61 -8.15
N ILE E 101 -50.27 2.33 -8.38
CA ILE E 101 -49.13 1.93 -9.19
C ILE E 101 -49.64 1.25 -10.45
N ARG E 102 -48.81 1.29 -11.50
CA ARG E 102 -49.20 0.73 -12.78
C ARG E 102 -48.44 -0.54 -13.09
N PRO E 103 -49.01 -1.44 -13.90
CA PRO E 103 -48.30 -2.68 -14.23
C PRO E 103 -47.10 -2.39 -15.11
N PRO E 104 -46.05 -3.22 -15.04
CA PRO E 104 -44.90 -3.03 -15.91
C PRO E 104 -45.20 -3.44 -17.34
N LYS E 105 -44.71 -2.64 -18.28
CA LYS E 105 -44.82 -2.96 -19.70
C LYS E 105 -43.71 -3.93 -20.09
N GLU E 106 -43.53 -4.13 -21.39
CA GLU E 106 -42.49 -5.04 -21.87
C GLU E 106 -41.11 -4.39 -21.71
N GLY E 107 -40.26 -5.00 -20.88
CA GLY E 107 -38.90 -4.53 -20.73
C GLY E 107 -38.68 -3.48 -19.68
N GLU E 108 -39.48 -3.46 -18.61
CA GLU E 108 -39.31 -2.51 -17.52
C GLU E 108 -38.79 -3.14 -16.24
N ARG E 109 -39.24 -4.36 -15.92
CA ARG E 109 -38.70 -5.18 -14.84
C ARG E 109 -39.08 -4.63 -13.46
N TYR E 110 -39.72 -3.46 -13.42
CA TYR E 110 -40.19 -2.89 -12.17
C TYR E 110 -41.54 -2.22 -12.38
N PHE E 111 -42.35 -2.23 -11.32
CA PHE E 111 -43.61 -1.50 -11.33
C PHE E 111 -43.33 0.00 -11.22
N ALA E 112 -44.25 0.79 -11.76
CA ALA E 112 -44.13 2.24 -11.73
C ALA E 112 -45.32 2.86 -11.01
N LEU E 113 -45.17 4.12 -10.64
CA LEU E 113 -46.20 4.84 -9.89
C LEU E 113 -47.09 5.63 -10.83
N LEU E 114 -48.40 5.43 -10.71
CA LEU E 114 -49.38 6.14 -11.54
C LEU E 114 -49.76 7.49 -10.94
N LYS E 115 -50.31 7.48 -9.73
CA LYS E 115 -50.76 8.70 -9.07
C LYS E 115 -50.10 8.80 -7.69
N VAL E 116 -49.85 10.04 -7.28
CA VAL E 116 -49.25 10.34 -5.98
C VAL E 116 -50.40 10.79 -5.08
N ASN E 117 -50.86 9.89 -4.21
CA ASN E 117 -51.98 10.20 -3.34
C ASN E 117 -51.55 11.02 -2.13
N GLU E 118 -50.50 10.59 -1.44
CA GLU E 118 -50.01 11.27 -0.26
C GLU E 118 -48.48 11.27 -0.25
N VAL E 119 -47.91 12.31 0.31
CA VAL E 119 -46.47 12.45 0.49
C VAL E 119 -46.22 12.69 1.97
N ASN E 120 -45.62 11.71 2.64
CA ASN E 120 -45.34 11.78 4.08
C ASN E 120 -46.63 11.98 4.86
N PHE E 121 -47.59 11.09 4.63
CA PHE E 121 -48.88 11.07 5.33
C PHE E 121 -49.66 12.35 5.13
N ASP E 122 -49.45 13.04 4.01
CA ASP E 122 -50.14 14.28 3.72
C ASP E 122 -50.28 14.42 2.21
N LYS E 123 -51.34 15.13 1.80
CA LYS E 123 -51.54 15.41 0.38
C LYS E 123 -50.36 16.20 -0.17
N PRO E 124 -50.16 16.17 -1.49
CA PRO E 124 -48.96 16.80 -2.06
C PRO E 124 -48.97 18.31 -1.95
N GLU E 125 -48.65 18.81 -0.75
CA GLU E 125 -48.58 20.24 -0.48
C GLU E 125 -47.15 20.65 -0.19
N ASN E 126 -46.81 21.88 -0.58
CA ASN E 126 -45.50 22.45 -0.32
C ASN E 126 -45.51 23.43 0.86
N ALA E 127 -46.52 23.34 1.72
CA ALA E 127 -46.59 24.22 2.89
C ALA E 127 -45.48 23.90 3.88
N ARG E 128 -45.32 22.63 4.23
CA ARG E 128 -44.24 22.19 5.11
C ARG E 128 -42.95 22.17 4.31
N ASN E 129 -42.33 23.35 4.21
CA ASN E 129 -41.22 23.58 3.30
C ASN E 129 -39.86 23.64 3.97
N LYS E 130 -39.81 23.82 5.28
CA LYS E 130 -38.55 24.06 5.98
C LYS E 130 -37.80 22.74 6.14
N ILE E 131 -36.75 22.56 5.33
CA ILE E 131 -35.93 21.36 5.44
C ILE E 131 -35.15 21.37 6.76
N LEU E 132 -34.77 20.18 7.21
CA LEU E 132 -34.14 20.06 8.53
C LEU E 132 -32.84 20.84 8.62
N PHE E 133 -32.11 20.97 7.52
CA PHE E 133 -30.85 21.71 7.55
C PHE E 133 -31.05 23.21 7.73
N GLU E 134 -32.27 23.72 7.52
CA GLU E 134 -32.54 25.14 7.67
C GLU E 134 -33.28 25.47 8.97
N ASN E 135 -33.75 24.48 9.69
CA ASN E 135 -34.43 24.73 10.96
C ASN E 135 -33.41 25.14 12.01
N LEU E 136 -33.81 26.07 12.87
CA LEU E 136 -32.94 26.49 13.96
C LEU E 136 -32.85 25.37 15.00
N THR E 137 -31.74 25.38 15.75
CA THR E 137 -31.42 24.30 16.69
C THR E 137 -31.34 24.87 18.10
N PRO E 138 -32.46 24.94 18.81
CA PRO E 138 -32.42 25.27 20.24
C PRO E 138 -31.95 24.06 21.04
N LEU E 139 -31.86 24.25 22.36
CA LEU E 139 -31.43 23.18 23.23
C LEU E 139 -32.55 22.17 23.43
N HIS E 140 -32.16 20.91 23.63
CA HIS E 140 -33.09 19.80 23.79
C HIS E 140 -34.09 20.00 24.92
N ALA E 141 -33.88 20.99 25.78
CA ALA E 141 -34.53 21.05 27.07
C ALA E 141 -35.98 21.49 27.02
N ASN E 142 -36.56 21.76 25.84
CA ASN E 142 -37.95 22.23 25.82
C ASN E 142 -38.95 21.09 25.66
N SER E 143 -38.75 19.97 26.38
CA SER E 143 -39.77 19.01 26.77
C SER E 143 -39.08 17.85 27.47
N ARG E 144 -39.79 17.09 28.31
CA ARG E 144 -39.23 15.91 28.94
C ARG E 144 -39.97 14.66 28.47
N LEU E 145 -39.21 13.63 28.09
CA LEU E 145 -39.74 12.31 27.74
C LEU E 145 -39.62 11.41 28.97
N ARG E 146 -40.68 11.38 29.77
CA ARG E 146 -40.70 10.53 30.96
C ARG E 146 -41.01 9.10 30.55
N MET E 147 -40.18 8.16 31.00
CA MET E 147 -40.31 6.74 30.68
C MET E 147 -41.02 5.98 31.79
N GLU E 148 -42.01 6.59 32.42
CA GLU E 148 -42.71 5.99 33.55
C GLU E 148 -44.04 5.45 33.04
N ARG E 149 -44.06 4.15 32.74
CA ARG E 149 -45.24 3.51 32.19
C ARG E 149 -46.19 2.98 33.25
N GLY E 150 -45.69 2.69 34.46
CA GLY E 150 -46.54 2.14 35.50
C GLY E 150 -46.11 2.57 36.90
N ASN E 151 -46.61 1.88 37.91
CA ASN E 151 -46.26 2.18 39.30
C ASN E 151 -45.60 1.01 40.00
N GLY E 152 -46.15 -0.21 39.81
CA GLY E 152 -45.70 -1.39 40.50
C GLY E 152 -45.17 -2.51 39.63
N SER E 153 -44.38 -2.17 38.61
CA SER E 153 -43.82 -3.20 37.74
C SER E 153 -42.29 -3.22 37.80
N THR E 154 -41.74 -4.42 37.63
CA THR E 154 -40.29 -4.60 37.58
C THR E 154 -39.67 -3.93 36.36
N GLU E 155 -40.42 -3.83 35.25
CA GLU E 155 -39.91 -3.18 34.06
C GLU E 155 -39.63 -1.70 34.32
N ASP E 156 -40.57 -1.00 34.96
CA ASP E 156 -40.41 0.43 35.20
C ASP E 156 -39.25 0.75 36.12
N LEU E 157 -38.73 -0.24 36.86
CA LEU E 157 -37.61 0.02 37.76
C LEU E 157 -36.40 0.55 36.99
N THR E 158 -35.99 -0.13 35.92
CA THR E 158 -34.89 0.36 35.09
C THR E 158 -35.23 1.71 34.49
N ALA E 159 -36.48 1.88 34.02
CA ALA E 159 -36.89 3.15 33.45
C ALA E 159 -36.95 4.25 34.51
N ARG E 160 -37.30 3.90 35.74
CA ARG E 160 -37.30 4.89 36.82
C ARG E 160 -35.88 5.33 37.15
N VAL E 161 -34.94 4.38 37.21
CA VAL E 161 -33.54 4.74 37.41
C VAL E 161 -33.03 5.60 36.27
N LEU E 162 -33.48 5.31 35.04
CA LEU E 162 -33.10 6.12 33.89
C LEU E 162 -33.64 7.54 34.01
N ASP E 163 -34.90 7.68 34.43
CA ASP E 163 -35.50 9.01 34.58
C ASP E 163 -34.80 9.79 35.70
N LEU E 164 -34.38 9.10 36.76
CA LEU E 164 -33.71 9.80 37.85
C LEU E 164 -32.29 10.20 37.48
N ALA E 165 -31.60 9.35 36.71
CA ALA E 165 -30.20 9.61 36.39
C ALA E 165 -30.06 10.56 35.21
N SER E 166 -30.74 10.27 34.11
CA SER E 166 -30.60 11.04 32.87
C SER E 166 -31.97 11.23 32.23
N PRO E 167 -32.58 12.39 32.41
CA PRO E 167 -33.88 12.64 31.76
C PRO E 167 -33.74 12.73 30.25
N ILE E 168 -34.79 12.32 29.55
CA ILE E 168 -34.84 12.32 28.10
C ILE E 168 -35.76 13.43 27.64
N GLY E 169 -35.30 14.23 26.66
CA GLY E 169 -36.08 15.32 26.11
C GLY E 169 -36.32 15.15 24.62
N ARG E 170 -37.20 16.00 24.09
CA ARG E 170 -37.50 15.98 22.67
C ARG E 170 -36.32 16.52 21.89
N GLY E 171 -35.77 15.70 21.00
CA GLY E 171 -34.65 16.12 20.18
C GLY E 171 -33.30 16.03 20.86
N GLN E 172 -33.06 14.96 21.63
CA GLN E 172 -31.84 14.80 22.40
C GLN E 172 -30.92 13.80 21.74
N ARG E 173 -29.61 14.02 21.89
CA ARG E 173 -28.59 13.10 21.41
C ARG E 173 -28.24 12.16 22.57
N GLY E 174 -28.83 10.97 22.56
CA GLY E 174 -28.56 9.99 23.61
C GLY E 174 -27.42 9.08 23.24
N LEU E 175 -26.56 8.80 24.21
CA LEU E 175 -25.41 7.93 24.04
C LEU E 175 -25.35 6.95 25.20
N ILE E 176 -25.62 5.68 24.93
CA ILE E 176 -25.61 4.63 25.94
C ILE E 176 -24.28 3.89 25.81
N VAL E 177 -23.37 4.18 26.72
CA VAL E 177 -22.10 3.46 26.79
C VAL E 177 -22.33 2.15 27.53
N ALA E 178 -21.97 1.04 26.89
CA ALA E 178 -22.29 -0.26 27.47
C ALA E 178 -21.22 -1.29 27.15
N PRO E 179 -20.63 -1.91 28.17
CA PRO E 179 -19.74 -3.06 27.93
C PRO E 179 -20.55 -4.29 27.58
N PRO E 180 -19.91 -5.35 27.07
CA PRO E 180 -20.64 -6.58 26.79
C PRO E 180 -21.16 -7.23 28.06
N LYS E 181 -22.32 -7.86 27.94
CA LYS E 181 -23.00 -8.53 29.06
C LYS E 181 -23.24 -7.55 30.21
N ALA E 182 -23.95 -6.46 29.89
CA ALA E 182 -24.24 -5.45 30.90
C ALA E 182 -25.68 -4.96 30.83
N GLY E 183 -26.56 -5.66 30.14
CA GLY E 183 -27.95 -5.27 30.10
C GLY E 183 -28.30 -4.23 29.06
N LYS E 184 -27.59 -4.20 27.93
CA LYS E 184 -27.82 -3.16 26.94
C LYS E 184 -28.91 -3.52 25.93
N THR E 185 -29.14 -4.81 25.68
CA THR E 185 -30.13 -5.18 24.68
C THR E 185 -31.54 -5.00 25.21
N MET E 186 -31.77 -5.38 26.48
CA MET E 186 -33.09 -5.21 27.07
C MET E 186 -33.36 -3.77 27.48
N LEU E 187 -32.31 -2.98 27.74
CA LEU E 187 -32.51 -1.57 28.05
C LEU E 187 -33.14 -0.81 26.89
N LEU E 188 -32.78 -1.17 25.66
CA LEU E 188 -33.34 -0.47 24.50
C LEU E 188 -34.81 -0.80 24.32
N GLN E 189 -35.18 -2.09 24.37
CA GLN E 189 -36.57 -2.47 24.21
C GLN E 189 -37.42 -1.99 25.38
N ASN E 190 -36.82 -1.87 26.57
CA ASN E 190 -37.54 -1.31 27.70
C ASN E 190 -37.89 0.16 27.46
N ILE E 191 -36.96 0.92 26.88
CA ILE E 191 -37.25 2.30 26.51
C ILE E 191 -38.28 2.35 25.39
N ALA E 192 -38.13 1.49 24.38
CA ALA E 192 -39.04 1.50 23.24
C ALA E 192 -40.46 1.18 23.65
N GLN E 193 -40.64 0.19 24.55
CA GLN E 193 -41.98 -0.14 25.02
C GLN E 193 -42.58 1.02 25.80
N SER E 194 -41.77 1.69 26.62
CA SER E 194 -42.27 2.81 27.41
C SER E 194 -42.56 4.04 26.55
N ILE E 195 -41.89 4.14 25.39
CA ILE E 195 -42.14 5.26 24.49
C ILE E 195 -43.53 5.14 23.88
N ALA E 196 -43.87 3.95 23.37
CA ALA E 196 -45.15 3.77 22.69
C ALA E 196 -46.33 3.92 23.64
N TYR E 197 -46.17 3.54 24.92
CA TYR E 197 -47.28 3.65 25.86
C TYR E 197 -47.44 5.06 26.41
N ASN E 198 -46.33 5.79 26.58
CA ASN E 198 -46.39 7.13 27.16
C ASN E 198 -46.51 8.22 26.11
N HIS E 199 -45.79 8.11 25.00
CA HIS E 199 -45.78 9.10 23.93
C HIS E 199 -46.18 8.43 22.62
N PRO E 200 -47.47 8.16 22.42
CA PRO E 200 -47.90 7.56 21.15
C PRO E 200 -47.78 8.51 19.97
N ASP E 201 -47.78 9.82 20.20
CA ASP E 201 -47.67 10.77 19.10
C ASP E 201 -46.29 10.74 18.45
N CYS E 202 -45.28 10.24 19.14
CA CYS E 202 -43.93 10.19 18.60
C CYS E 202 -43.75 8.97 17.71
N VAL E 203 -43.12 9.19 16.56
CA VAL E 203 -42.82 8.10 15.63
C VAL E 203 -41.54 7.41 16.10
N LEU E 204 -41.68 6.18 16.59
CA LEU E 204 -40.57 5.44 17.17
C LEU E 204 -39.98 4.49 16.13
N MET E 205 -38.67 4.59 15.91
CA MET E 205 -37.96 3.74 14.97
C MET E 205 -36.74 3.14 15.68
N VAL E 206 -36.67 1.82 15.72
CA VAL E 206 -35.58 1.10 16.35
C VAL E 206 -34.68 0.57 15.23
N LEU E 207 -33.49 1.14 15.12
CA LEU E 207 -32.52 0.76 14.09
C LEU E 207 -31.48 -0.17 14.71
N LEU E 208 -31.30 -1.34 14.09
CA LEU E 208 -30.34 -2.33 14.56
C LEU E 208 -29.30 -2.54 13.46
N ILE E 209 -28.07 -2.10 13.72
CA ILE E 209 -26.98 -2.21 12.75
C ILE E 209 -26.05 -3.34 13.21
N ASP E 210 -25.78 -4.27 12.30
CA ASP E 210 -24.85 -5.38 12.54
C ASP E 210 -25.30 -6.22 13.73
N GLU E 211 -26.53 -6.71 13.63
CA GLU E 211 -27.18 -7.45 14.71
C GLU E 211 -27.46 -8.89 14.27
N ARG E 212 -27.51 -9.79 15.25
CA ARG E 212 -27.84 -11.18 14.95
C ARG E 212 -29.30 -11.31 14.53
N PRO E 213 -29.60 -12.22 13.59
CA PRO E 213 -30.98 -12.29 13.07
C PRO E 213 -32.02 -12.68 14.09
N GLU E 214 -31.72 -13.63 14.99
CA GLU E 214 -32.70 -14.05 15.98
C GLU E 214 -33.08 -12.89 16.90
N GLU E 215 -32.10 -12.05 17.28
CA GLU E 215 -32.42 -10.89 18.09
C GLU E 215 -33.19 -9.85 17.28
N VAL E 216 -32.96 -9.78 15.97
CA VAL E 216 -33.76 -8.91 15.11
C VAL E 216 -35.22 -9.34 15.14
N THR E 217 -35.47 -10.64 14.98
CA THR E 217 -36.84 -11.14 15.03
C THR E 217 -37.45 -10.98 16.41
N GLU E 218 -36.64 -11.10 17.46
CA GLU E 218 -37.13 -10.86 18.82
C GLU E 218 -37.55 -9.40 18.98
N MET E 219 -36.75 -8.47 18.46
CA MET E 219 -37.04 -7.05 18.63
C MET E 219 -38.26 -6.62 17.81
N GLN E 220 -38.30 -7.02 16.54
CA GLN E 220 -39.39 -6.56 15.67
C GLN E 220 -40.73 -7.19 16.02
N ARG E 221 -40.75 -8.24 16.84
CA ARG E 221 -41.98 -8.87 17.29
C ARG E 221 -42.35 -8.50 18.71
N LEU E 222 -41.57 -7.62 19.35
CA LEU E 222 -41.80 -7.23 20.73
C LEU E 222 -41.97 -5.73 20.93
N VAL E 223 -41.59 -4.91 19.96
CA VAL E 223 -41.69 -3.45 20.04
C VAL E 223 -42.80 -2.98 19.12
N LYS E 224 -43.69 -2.12 19.64
CA LYS E 224 -44.78 -1.57 18.85
C LYS E 224 -44.34 -0.25 18.22
N GLY E 225 -43.41 -0.37 17.30
CA GLY E 225 -42.95 0.76 16.51
C GLY E 225 -42.46 0.25 15.18
N GLU E 226 -41.57 1.01 14.55
CA GLU E 226 -40.97 0.61 13.29
C GLU E 226 -39.56 0.08 13.57
N VAL E 227 -39.40 -1.24 13.49
CA VAL E 227 -38.13 -1.89 13.78
C VAL E 227 -37.47 -2.21 12.45
N VAL E 228 -36.32 -1.59 12.18
CA VAL E 228 -35.54 -1.83 10.97
C VAL E 228 -34.17 -2.34 11.40
N ALA E 229 -33.63 -3.29 10.64
CA ALA E 229 -32.38 -3.91 11.03
C ALA E 229 -31.64 -4.41 9.79
N SER E 230 -30.35 -4.70 9.99
CA SER E 230 -29.51 -5.30 8.95
C SER E 230 -28.57 -6.29 9.62
N THR E 231 -28.72 -7.57 9.29
CA THR E 231 -27.99 -8.61 9.97
C THR E 231 -26.51 -8.60 9.56
N PHE E 232 -25.70 -9.31 10.34
CA PHE E 232 -24.25 -9.32 10.11
C PHE E 232 -23.85 -10.14 8.89
N ASP E 233 -24.77 -10.91 8.31
CA ASP E 233 -24.51 -11.62 7.07
C ASP E 233 -24.83 -10.78 5.84
N GLU E 234 -24.87 -9.46 5.99
CA GLU E 234 -25.09 -8.52 4.90
C GLU E 234 -23.91 -7.56 4.80
N PRO E 235 -23.60 -7.06 3.60
CA PRO E 235 -22.44 -6.17 3.44
C PRO E 235 -22.63 -4.86 4.17
N ALA E 236 -21.51 -4.16 4.39
CA ALA E 236 -21.55 -2.87 5.08
C ALA E 236 -22.33 -1.85 4.28
N SER E 237 -22.37 -1.98 2.95
CA SER E 237 -23.19 -1.10 2.13
C SER E 237 -24.66 -1.20 2.53
N ARG E 238 -25.10 -2.41 2.91
CA ARG E 238 -26.47 -2.57 3.37
C ARG E 238 -26.73 -1.80 4.65
N HIS E 239 -25.80 -1.88 5.61
CA HIS E 239 -25.92 -1.12 6.85
C HIS E 239 -25.99 0.37 6.56
N VAL E 240 -25.10 0.86 5.70
CA VAL E 240 -25.08 2.28 5.37
C VAL E 240 -26.40 2.69 4.72
N GLN E 241 -26.91 1.90 3.79
CA GLN E 241 -28.16 2.21 3.12
C GLN E 241 -29.31 2.28 4.12
N VAL E 242 -29.40 1.28 5.00
CA VAL E 242 -30.49 1.25 5.99
C VAL E 242 -30.41 2.47 6.90
N ALA E 243 -29.20 2.78 7.38
CA ALA E 243 -29.04 3.92 8.29
C ALA E 243 -29.42 5.22 7.61
N GLU E 244 -28.98 5.43 6.36
CA GLU E 244 -29.29 6.68 5.68
C GLU E 244 -30.78 6.77 5.35
N MET E 245 -31.40 5.65 4.99
CA MET E 245 -32.85 5.65 4.75
C MET E 245 -33.61 6.04 6.01
N VAL E 246 -33.22 5.45 7.15
CA VAL E 246 -33.91 5.75 8.41
C VAL E 246 -33.73 7.21 8.78
N ILE E 247 -32.49 7.72 8.67
CA ILE E 247 -32.26 9.11 9.09
C ILE E 247 -32.95 10.08 8.14
N GLU E 248 -33.03 9.76 6.85
CA GLU E 248 -33.70 10.65 5.92
C GLU E 248 -35.21 10.64 6.13
N LYS E 249 -35.79 9.47 6.38
CA LYS E 249 -37.22 9.42 6.71
C LYS E 249 -37.50 10.19 7.99
N ALA E 250 -36.62 10.08 8.99
CA ALA E 250 -36.79 10.84 10.21
C ALA E 250 -36.73 12.34 9.94
N LYS E 251 -35.76 12.78 9.13
CA LYS E 251 -35.66 14.20 8.79
C LYS E 251 -36.92 14.69 8.08
N ARG E 252 -37.43 13.91 7.12
CA ARG E 252 -38.61 14.33 6.39
C ARG E 252 -39.83 14.39 7.30
N LEU E 253 -39.94 13.46 8.25
CA LEU E 253 -41.06 13.50 9.19
C LEU E 253 -40.94 14.67 10.16
N VAL E 254 -39.72 15.00 10.57
CA VAL E 254 -39.51 16.16 11.43
C VAL E 254 -39.83 17.46 10.68
N GLU E 255 -39.58 17.49 9.38
CA GLU E 255 -39.97 18.65 8.57
C GLU E 255 -41.46 18.91 8.64
N HIS E 256 -42.27 17.90 8.98
CA HIS E 256 -43.69 18.08 9.22
C HIS E 256 -44.00 18.35 10.69
N LYS E 257 -43.01 18.82 11.45
CA LYS E 257 -43.18 19.21 12.86
C LYS E 257 -43.64 18.04 13.72
N LYS E 258 -43.19 16.83 13.38
CA LYS E 258 -43.49 15.63 14.14
C LYS E 258 -42.32 15.30 15.07
N ASP E 259 -42.64 14.62 16.16
CA ASP E 259 -41.62 14.18 17.12
C ASP E 259 -41.21 12.76 16.78
N VAL E 260 -39.99 12.60 16.27
CA VAL E 260 -39.47 11.31 15.85
C VAL E 260 -38.36 10.89 16.80
N ILE E 261 -38.36 9.62 17.19
CA ILE E 261 -37.36 9.06 18.09
C ILE E 261 -36.68 7.90 17.38
N ILE E 262 -35.35 7.85 17.46
CA ILE E 262 -34.54 6.81 16.84
C ILE E 262 -33.73 6.13 17.93
N LEU E 263 -33.90 4.83 18.08
CA LEU E 263 -33.10 4.01 18.99
C LEU E 263 -32.10 3.23 18.15
N LEU E 264 -30.88 3.74 18.04
CA LEU E 264 -29.84 3.11 17.24
C LEU E 264 -29.02 2.16 18.12
N ASP E 265 -28.79 0.96 17.61
CA ASP E 265 -28.00 -0.05 18.32
C ASP E 265 -26.65 -0.19 17.65
N SER E 266 -25.59 -0.18 18.46
CA SER E 266 -24.22 -0.38 18.01
C SER E 266 -23.82 0.66 16.96
N ILE E 267 -23.78 1.92 17.41
CA ILE E 267 -23.29 2.99 16.55
C ILE E 267 -21.82 2.77 16.20
N THR E 268 -21.08 2.07 17.06
CA THR E 268 -19.70 1.73 16.74
C THR E 268 -19.62 0.84 15.52
N ARG E 269 -20.51 -0.16 15.42
CA ARG E 269 -20.52 -1.02 14.24
C ARG E 269 -21.01 -0.27 13.01
N LEU E 270 -21.89 0.71 13.18
CA LEU E 270 -22.28 1.56 12.05
C LEU E 270 -21.09 2.38 11.55
N ALA E 271 -20.29 2.91 12.48
CA ALA E 271 -19.09 3.64 12.07
C ALA E 271 -18.08 2.70 11.40
N ARG E 272 -18.00 1.45 11.86
CA ARG E 272 -17.15 0.47 11.20
C ARG E 272 -17.63 0.19 9.78
N ALA E 273 -18.95 0.04 9.60
CA ALA E 273 -19.50 -0.15 8.27
C ALA E 273 -19.21 1.05 7.38
N TYR E 274 -19.29 2.26 7.92
CA TYR E 274 -18.96 3.45 7.14
C TYR E 274 -17.49 3.44 6.73
N ASN E 275 -16.60 3.13 7.68
CA ASN E 275 -15.18 3.02 7.35
C ASN E 275 -14.93 1.98 6.29
N THR E 276 -15.71 0.90 6.29
CA THR E 276 -15.59 -0.11 5.24
C THR E 276 -16.07 0.41 3.89
N VAL E 277 -17.18 1.15 3.87
CA VAL E 277 -17.80 1.55 2.61
C VAL E 277 -17.12 2.78 2.02
N VAL E 278 -16.73 3.73 2.85
CA VAL E 278 -16.19 5.00 2.34
C VAL E 278 -14.96 4.74 1.50
N PRO E 279 -14.88 5.24 0.27
CA PRO E 279 -13.66 5.05 -0.54
C PRO E 279 -12.51 5.86 0.02
N ALA E 280 -11.61 5.19 0.75
CA ALA E 280 -10.46 5.81 1.39
C ALA E 280 -9.88 6.97 0.59
N SER E 281 -9.83 8.15 1.20
CA SER E 281 -9.35 9.37 0.55
C SER E 281 -7.99 9.80 1.06
N GLY E 282 -7.84 9.97 2.36
CA GLY E 282 -6.57 10.29 2.98
C GLY E 282 -6.02 9.08 3.71
N LYS E 283 -4.71 8.91 3.65
CA LYS E 283 -4.05 7.77 4.29
C LYS E 283 -3.86 7.95 5.79
N VAL E 284 -4.47 8.95 6.40
CA VAL E 284 -4.25 9.22 7.83
C VAL E 284 -5.28 8.38 8.59
N LEU E 285 -4.93 7.11 8.78
CA LEU E 285 -5.73 6.19 9.60
C LEU E 285 -5.08 6.02 10.97
N THR E 286 -5.89 6.06 12.01
CA THR E 286 -5.42 5.90 13.38
C THR E 286 -6.17 4.74 14.03
N GLY E 287 -5.44 3.72 14.46
CA GLY E 287 -6.07 2.57 15.08
C GLY E 287 -6.79 1.65 14.14
N GLY E 288 -6.69 1.86 12.82
CA GLY E 288 -7.33 1.02 11.84
C GLY E 288 -8.45 1.69 11.08
N VAL E 289 -9.04 2.76 11.62
CA VAL E 289 -10.15 3.46 10.98
C VAL E 289 -9.63 4.68 10.25
N ASP E 290 -10.19 4.94 9.08
CA ASP E 290 -9.90 6.18 8.37
C ASP E 290 -10.60 7.34 9.08
N ALA E 291 -9.90 8.47 9.20
CA ALA E 291 -10.47 9.61 9.91
C ALA E 291 -11.66 10.19 9.16
N ASN E 292 -11.48 10.50 7.88
CA ASN E 292 -12.55 11.10 7.09
C ASN E 292 -13.80 10.24 7.09
N ALA E 293 -13.65 8.92 7.13
CA ALA E 293 -14.79 8.03 7.19
C ALA E 293 -15.68 8.35 8.38
N LEU E 294 -15.07 8.60 9.55
CA LEU E 294 -15.85 8.92 10.74
C LEU E 294 -16.68 10.20 10.58
N HIS E 295 -16.42 10.99 9.54
CA HIS E 295 -17.25 12.16 9.28
C HIS E 295 -18.68 11.77 8.92
N ARG E 296 -18.87 10.61 8.30
CA ARG E 296 -20.21 10.26 7.82
C ARG E 296 -21.15 9.82 8.94
N PRO E 297 -20.76 8.90 9.84
CA PRO E 297 -21.70 8.52 10.91
C PRO E 297 -21.98 9.66 11.88
N LYS E 298 -20.99 10.50 12.16
CA LYS E 298 -21.21 11.64 13.06
C LYS E 298 -22.38 12.48 12.58
N ARG E 299 -22.43 12.78 11.28
CA ARG E 299 -23.55 13.53 10.72
C ARG E 299 -24.87 12.87 11.08
N PHE E 300 -24.94 11.54 10.96
CA PHE E 300 -26.10 10.80 11.44
C PHE E 300 -26.43 11.20 12.87
N PHE E 301 -25.46 11.00 13.78
CA PHE E 301 -25.65 11.40 15.16
C PHE E 301 -25.88 12.90 15.28
N GLY E 302 -25.33 13.68 14.34
CA GLY E 302 -25.55 15.11 14.36
C GLY E 302 -26.94 15.53 13.94
N ALA E 303 -27.73 14.63 13.37
CA ALA E 303 -29.08 15.00 12.94
C ALA E 303 -30.00 15.23 14.12
N ALA E 304 -29.78 14.53 15.23
CA ALA E 304 -30.64 14.66 16.40
C ALA E 304 -30.53 16.07 16.97
N ARG E 305 -31.67 16.72 17.15
CA ARG E 305 -31.71 18.10 17.63
C ARG E 305 -33.16 18.48 17.90
N ASN E 306 -33.34 19.50 18.71
CA ASN E 306 -34.63 20.14 18.88
C ASN E 306 -34.79 21.21 17.81
N VAL E 307 -36.03 21.42 17.38
CA VAL E 307 -36.34 22.35 16.29
C VAL E 307 -37.18 23.49 16.85
N GLU E 308 -36.80 24.72 16.52
CA GLU E 308 -37.52 25.88 17.01
C GLU E 308 -38.89 26.00 16.36
N GLU E 309 -39.00 25.63 15.09
CA GLU E 309 -40.28 25.75 14.40
C GLU E 309 -41.30 24.76 14.96
N GLY E 310 -41.03 23.47 14.85
CA GLY E 310 -41.91 22.46 15.40
C GLY E 310 -41.20 21.12 15.52
N GLY E 311 -41.94 20.15 16.04
CA GLY E 311 -41.44 18.80 16.26
C GLY E 311 -40.04 18.65 16.82
N SER E 312 -39.58 17.40 16.94
CA SER E 312 -38.25 17.11 17.43
C SER E 312 -37.69 15.88 16.72
N LEU E 313 -36.37 15.69 16.85
CA LEU E 313 -35.69 14.53 16.29
C LEU E 313 -34.77 13.95 17.38
N THR E 314 -35.20 12.87 18.01
CA THR E 314 -34.46 12.24 19.09
C THR E 314 -33.72 11.02 18.57
N ILE E 315 -32.45 10.89 18.95
CA ILE E 315 -31.61 9.75 18.57
C ILE E 315 -30.87 9.29 19.81
N ILE E 316 -31.04 8.02 20.17
CA ILE E 316 -30.35 7.42 21.30
C ILE E 316 -29.56 6.23 20.76
N ALA E 317 -28.25 6.39 20.66
CA ALA E 317 -27.37 5.36 20.10
C ALA E 317 -26.55 4.73 21.21
N THR E 318 -26.30 3.43 21.08
CA THR E 318 -25.50 2.68 22.06
C THR E 318 -24.06 2.59 21.57
N ALA E 319 -23.12 3.02 22.41
CA ALA E 319 -21.71 2.97 22.10
C ALA E 319 -21.08 1.76 22.79
N LEU E 320 -20.54 0.84 22.00
CA LEU E 320 -19.92 -0.35 22.56
C LEU E 320 -18.53 -0.05 23.09
N ILE E 321 -18.22 -0.61 24.26
CA ILE E 321 -16.94 -0.40 24.92
C ILE E 321 -16.52 -1.72 25.57
N ASP E 322 -15.22 -1.82 25.86
CA ASP E 322 -14.63 -3.02 26.45
C ASP E 322 -14.84 -4.24 25.55
N THR E 323 -14.69 -4.04 24.25
CA THR E 323 -14.84 -5.11 23.27
C THR E 323 -13.51 -5.79 22.96
N GLY E 324 -12.39 -5.21 23.39
CA GLY E 324 -11.09 -5.74 23.05
C GLY E 324 -10.52 -5.25 21.74
N SER E 325 -11.30 -4.50 20.96
CA SER E 325 -10.85 -3.97 19.68
C SER E 325 -10.54 -2.48 19.82
N LYS E 326 -9.34 -2.09 19.39
CA LYS E 326 -8.98 -0.68 19.42
C LYS E 326 -9.82 0.15 18.45
N MET E 327 -10.44 -0.51 17.46
CA MET E 327 -11.30 0.21 16.53
C MET E 327 -12.51 0.81 17.25
N ASP E 328 -13.22 0.00 18.02
CA ASP E 328 -14.34 0.52 18.80
C ASP E 328 -13.90 1.54 19.83
N GLU E 329 -12.71 1.36 20.40
CA GLU E 329 -12.19 2.33 21.37
C GLU E 329 -11.96 3.68 20.71
N VAL E 330 -11.34 3.69 19.52
CA VAL E 330 -11.11 4.93 18.80
C VAL E 330 -12.45 5.56 18.39
N ILE E 331 -13.41 4.75 17.98
CA ILE E 331 -14.72 5.28 17.61
C ILE E 331 -15.38 5.96 18.80
N TYR E 332 -15.36 5.29 19.96
CA TYR E 332 -15.96 5.87 21.15
C TYR E 332 -15.22 7.13 21.60
N GLU E 333 -13.89 7.15 21.43
CA GLU E 333 -13.12 8.34 21.79
C GLU E 333 -13.45 9.50 20.87
N GLU E 334 -13.69 9.23 19.58
CA GLU E 334 -14.08 10.27 18.65
C GLU E 334 -15.52 10.72 18.86
N PHE E 335 -16.36 9.87 19.44
CA PHE E 335 -17.74 10.22 19.77
C PHE E 335 -17.88 10.64 21.24
N LYS E 336 -16.83 11.19 21.84
CA LYS E 336 -16.84 11.46 23.27
C LYS E 336 -17.74 12.65 23.60
N GLY E 337 -17.41 13.83 23.06
CA GLY E 337 -18.15 15.03 23.42
C GLY E 337 -19.18 15.44 22.40
N THR E 338 -19.82 14.47 21.75
CA THR E 338 -20.81 14.76 20.73
C THR E 338 -22.22 14.84 21.29
N GLY E 339 -22.58 13.90 22.16
CA GLY E 339 -23.93 13.87 22.71
C GLY E 339 -24.07 14.72 23.97
N ASN E 340 -25.30 15.18 24.19
CA ASN E 340 -25.65 15.94 25.40
C ASN E 340 -26.30 15.07 26.46
N MET E 341 -26.32 13.75 26.25
CA MET E 341 -26.87 12.81 27.24
C MET E 341 -26.05 11.54 27.19
N GLU E 342 -25.58 11.09 28.35
CA GLU E 342 -24.75 9.90 28.44
C GLU E 342 -25.29 8.99 29.52
N LEU E 343 -25.45 7.71 29.19
CA LEU E 343 -25.94 6.69 30.12
C LEU E 343 -24.91 5.57 30.12
N HIS E 344 -24.19 5.41 31.24
CA HIS E 344 -23.11 4.45 31.33
C HIS E 344 -23.56 3.19 32.06
N LEU E 345 -23.15 2.04 31.55
CA LEU E 345 -23.40 0.76 32.19
C LEU E 345 -22.10 0.19 32.75
N SER E 346 -22.22 -0.52 33.87
CA SER E 346 -21.07 -1.12 34.55
C SER E 346 -21.16 -2.64 34.47
N ARG E 347 -20.08 -3.27 34.03
CA ARG E 347 -20.05 -4.72 33.93
C ARG E 347 -19.95 -5.39 35.31
N LYS E 348 -19.31 -4.72 36.28
CA LYS E 348 -19.18 -5.31 37.61
C LYS E 348 -20.51 -5.38 38.33
N ILE E 349 -21.41 -4.41 38.10
CA ILE E 349 -22.73 -4.47 38.71
C ILE E 349 -23.55 -5.60 38.11
N ALA E 350 -23.35 -5.89 36.82
CA ALA E 350 -24.06 -6.98 36.17
C ALA E 350 -23.59 -8.36 36.64
N GLU E 351 -22.43 -8.43 37.32
CA GLU E 351 -21.95 -9.72 37.82
C GLU E 351 -22.79 -10.20 38.99
N LYS E 352 -23.23 -9.27 39.85
CA LYS E 352 -24.02 -9.61 41.02
C LYS E 352 -25.53 -9.54 40.75
N ARG E 353 -25.93 -9.52 39.48
CA ARG E 353 -27.34 -9.65 39.08
C ARG E 353 -28.19 -8.49 39.62
N VAL E 354 -27.62 -7.29 39.63
CA VAL E 354 -28.36 -6.06 39.84
C VAL E 354 -28.66 -5.50 38.45
N PHE E 355 -29.90 -5.67 37.99
CA PHE E 355 -30.17 -5.52 36.57
C PHE E 355 -30.17 -4.06 36.14
N PRO E 356 -30.63 -3.11 36.98
CA PRO E 356 -30.27 -1.71 36.69
C PRO E 356 -28.79 -1.56 36.96
N ALA E 357 -28.00 -1.50 35.88
CA ALA E 357 -26.55 -1.38 36.02
C ALA E 357 -26.07 -0.05 35.46
N ILE E 358 -26.71 1.03 35.89
CA ILE E 358 -26.34 2.38 35.45
C ILE E 358 -25.31 2.94 36.41
N ASP E 359 -24.21 3.45 35.85
CA ASP E 359 -23.19 4.15 36.63
C ASP E 359 -23.73 5.55 36.89
N TYR E 360 -24.39 5.71 38.04
CA TYR E 360 -25.11 6.95 38.32
C TYR E 360 -24.15 8.14 38.37
N ASN E 361 -22.95 7.93 38.92
CA ASN E 361 -21.98 9.00 39.01
C ASN E 361 -21.45 9.40 37.65
N ARG E 362 -21.53 8.51 36.65
CA ARG E 362 -21.06 8.78 35.30
C ARG E 362 -22.21 8.91 34.31
N SER E 363 -23.43 9.19 34.79
CA SER E 363 -24.60 9.36 33.95
C SER E 363 -25.25 10.70 34.25
N GLY E 364 -25.78 11.33 33.21
CA GLY E 364 -26.43 12.62 33.38
C GLY E 364 -26.64 13.28 32.04
N THR E 365 -27.40 14.38 32.07
CA THR E 365 -27.72 15.16 30.89
C THR E 365 -27.29 16.60 31.11
N ARG E 366 -26.77 17.22 30.07
CA ARG E 366 -26.42 18.64 30.12
C ARG E 366 -27.68 19.48 29.94
N LYS E 367 -27.66 20.67 30.55
CA LYS E 367 -28.79 21.60 30.51
C LYS E 367 -30.07 20.94 31.01
N GLU E 368 -29.94 20.12 32.05
CA GLU E 368 -31.09 19.46 32.66
C GLU E 368 -31.94 20.42 33.48
N GLU E 369 -31.55 21.69 33.59
CA GLU E 369 -32.33 22.64 34.38
C GLU E 369 -33.70 22.87 33.79
N LEU E 370 -33.79 22.90 32.46
CA LEU E 370 -35.05 23.16 31.77
C LEU E 370 -35.78 21.88 31.39
N LEU E 371 -35.18 20.72 31.65
CA LEU E 371 -35.82 19.43 31.40
C LEU E 371 -36.67 18.97 32.56
N THR E 372 -36.54 19.60 33.72
CA THR E 372 -37.23 19.22 34.94
C THR E 372 -37.89 20.45 35.54
N THR E 373 -38.79 20.22 36.50
CA THR E 373 -39.43 21.32 37.19
C THR E 373 -38.41 22.05 38.06
N GLN E 374 -38.78 23.26 38.51
CA GLN E 374 -37.88 24.04 39.35
C GLN E 374 -37.57 23.30 40.65
N GLU E 375 -38.55 22.58 41.19
CA GLU E 375 -38.35 21.79 42.39
C GLU E 375 -37.82 20.40 42.09
N GLU E 376 -37.90 19.96 40.84
CA GLU E 376 -37.37 18.65 40.48
C GLU E 376 -35.85 18.66 40.41
N LEU E 377 -35.24 19.82 40.10
CA LEU E 377 -33.78 19.91 40.08
C LEU E 377 -33.21 19.69 41.48
N GLN E 378 -33.86 20.24 42.50
CA GLN E 378 -33.36 20.15 43.86
C GLN E 378 -33.31 18.71 44.34
N LYS E 379 -34.39 17.96 44.12
CA LYS E 379 -34.42 16.57 44.60
C LYS E 379 -33.40 15.71 43.87
N MET E 380 -33.24 15.88 42.56
CA MET E 380 -32.26 15.08 41.83
C MET E 380 -30.84 15.44 42.25
N TRP E 381 -30.55 16.72 42.45
CA TRP E 381 -29.21 17.09 42.88
C TRP E 381 -28.92 16.62 44.30
N ILE E 382 -29.92 16.67 45.19
CA ILE E 382 -29.73 16.16 46.55
C ILE E 382 -29.48 14.66 46.51
N LEU E 383 -30.19 13.94 45.64
CA LEU E 383 -29.95 12.51 45.51
C LEU E 383 -28.57 12.23 44.95
N ARG E 384 -28.09 13.07 44.02
CA ARG E 384 -26.77 12.87 43.45
C ARG E 384 -25.67 13.23 44.44
N LYS E 385 -25.94 14.15 45.37
CA LYS E 385 -24.91 14.54 46.32
C LYS E 385 -24.60 13.43 47.32
N ILE E 386 -25.57 12.56 47.59
CA ILE E 386 -25.34 11.43 48.50
C ILE E 386 -24.88 10.18 47.78
N ILE E 387 -25.09 10.09 46.46
CA ILE E 387 -24.60 8.95 45.71
C ILE E 387 -23.13 9.12 45.34
N HIS E 388 -22.66 10.37 45.24
CA HIS E 388 -21.26 10.64 44.88
C HIS E 388 -20.26 9.93 45.78
N PRO E 389 -20.35 9.99 47.11
CA PRO E 389 -19.38 9.25 47.94
C PRO E 389 -19.60 7.75 47.98
N MET E 390 -20.72 7.26 47.47
CA MET E 390 -21.04 5.85 47.51
C MET E 390 -20.20 5.08 46.48
N GLY E 391 -20.23 3.76 46.60
CA GLY E 391 -19.52 2.90 45.68
C GLY E 391 -20.20 2.81 44.34
N GLU E 392 -19.55 2.10 43.41
CA GLU E 392 -20.12 1.96 42.08
C GLU E 392 -21.33 1.03 42.10
N ILE E 393 -21.25 -0.08 42.81
CA ILE E 393 -22.37 -1.01 42.88
C ILE E 393 -23.25 -0.76 44.11
N ASP E 394 -22.66 -0.29 45.21
CA ASP E 394 -23.44 -0.01 46.41
C ASP E 394 -24.45 1.12 46.20
N ALA E 395 -24.27 1.93 45.16
CA ALA E 395 -25.20 3.02 44.90
C ALA E 395 -26.51 2.49 44.34
N MET E 396 -26.45 1.48 43.47
CA MET E 396 -27.66 0.94 42.87
C MET E 396 -28.54 0.24 43.89
N GLU E 397 -27.93 -0.41 44.88
CA GLU E 397 -28.71 -0.97 45.98
C GLU E 397 -29.44 0.12 46.75
N PHE E 398 -28.72 1.21 47.07
CA PHE E 398 -29.34 2.33 47.77
C PHE E 398 -30.47 2.94 46.94
N LEU E 399 -30.36 2.89 45.62
CA LEU E 399 -31.42 3.41 44.77
C LEU E 399 -32.63 2.48 44.77
N ILE E 400 -32.42 1.19 44.51
CA ILE E 400 -33.53 0.27 44.35
C ILE E 400 -34.29 0.07 45.66
N ASN E 401 -33.57 -0.01 46.79
CA ASN E 401 -34.26 -0.25 48.05
C ASN E 401 -35.17 0.91 48.44
N LYS E 402 -34.93 2.10 47.88
CA LYS E 402 -35.80 3.25 48.09
C LYS E 402 -36.75 3.49 46.94
N LEU E 403 -36.40 3.03 45.73
CA LEU E 403 -37.24 3.27 44.56
C LEU E 403 -38.35 2.24 44.45
N ALA E 404 -38.12 1.02 44.93
CA ALA E 404 -39.14 -0.03 44.83
C ALA E 404 -40.28 0.17 45.81
N MET E 405 -40.26 1.20 46.63
CA MET E 405 -41.32 1.48 47.60
C MET E 405 -42.34 2.48 47.09
N THR E 406 -41.88 3.56 46.47
CA THR E 406 -42.72 4.64 45.99
C THR E 406 -42.51 4.80 44.48
N LYS E 407 -43.20 5.77 43.90
CA LYS E 407 -43.08 6.08 42.48
C LYS E 407 -42.32 7.39 42.31
N THR E 408 -41.88 7.62 41.07
CA THR E 408 -41.34 8.93 40.70
C THR E 408 -42.46 9.94 40.44
N ASN E 409 -43.73 9.49 40.48
CA ASN E 409 -44.85 10.38 40.25
C ASN E 409 -44.90 11.48 41.30
N ASP E 410 -45.11 11.11 42.56
CA ASP E 410 -45.14 12.04 43.69
C ASP E 410 -44.07 11.61 44.68
N ASP E 411 -42.84 12.10 44.47
CA ASP E 411 -41.73 11.74 45.33
C ASP E 411 -41.89 12.40 46.70
N PHE E 412 -42.03 11.59 47.74
CA PHE E 412 -42.20 12.07 49.11
C PHE E 412 -43.38 13.02 49.24
N MET F 1 -31.57 45.50 -3.60
CA MET F 1 -31.62 44.69 -2.39
C MET F 1 -30.22 44.60 -1.78
N ASN F 2 -30.14 44.35 -0.48
CA ASN F 2 -28.86 44.12 0.19
C ASN F 2 -28.79 42.63 0.51
N LEU F 3 -27.74 41.97 0.03
CA LEU F 3 -27.61 40.52 0.19
C LEU F 3 -27.68 40.10 1.65
N THR F 4 -26.91 40.76 2.51
CA THR F 4 -26.86 40.39 3.93
C THR F 4 -28.25 40.36 4.56
N GLU F 5 -29.13 41.30 4.19
CA GLU F 5 -30.49 41.28 4.72
C GLU F 5 -31.21 39.99 4.36
N LEU F 6 -31.03 39.52 3.11
CA LEU F 6 -31.65 38.26 2.72
C LEU F 6 -31.08 37.10 3.52
N LYS F 7 -29.74 37.03 3.63
CA LYS F 7 -29.10 35.94 4.33
C LYS F 7 -29.43 35.93 5.82
N ASN F 8 -29.76 37.10 6.39
CA ASN F 8 -30.08 37.21 7.80
C ASN F 8 -31.58 37.14 8.10
N THR F 9 -32.42 37.18 7.08
CA THR F 9 -33.85 37.06 7.33
C THR F 9 -34.25 35.58 7.33
N PRO F 10 -35.26 35.22 8.14
CA PRO F 10 -35.63 33.80 8.24
C PRO F 10 -36.11 33.24 6.92
N VAL F 11 -35.93 31.92 6.77
CA VAL F 11 -36.31 31.24 5.53
C VAL F 11 -37.80 31.37 5.27
N SER F 12 -38.62 31.46 6.32
CA SER F 12 -40.05 31.61 6.14
C SER F 12 -40.38 32.88 5.35
N GLU F 13 -39.61 33.96 5.60
CA GLU F 13 -39.82 35.19 4.85
C GLU F 13 -39.19 35.13 3.47
N LEU F 14 -38.12 34.35 3.31
CA LEU F 14 -37.48 34.21 1.99
C LEU F 14 -38.42 33.56 0.98
N ILE F 15 -39.19 32.56 1.43
CA ILE F 15 -40.10 31.86 0.53
C ILE F 15 -41.26 32.76 0.14
N THR F 16 -41.83 33.49 1.11
CA THR F 16 -42.97 34.34 0.82
C THR F 16 -42.59 35.50 -0.08
N LEU F 17 -41.39 36.06 0.11
CA LEU F 17 -40.93 37.14 -0.74
C LEU F 17 -40.47 36.64 -2.10
N GLY F 18 -40.05 35.38 -2.19
CA GLY F 18 -39.62 34.80 -3.44
C GLY F 18 -40.76 34.21 -4.25
N GLU F 19 -41.80 33.74 -3.57
CA GLU F 19 -42.95 33.16 -4.26
C GLU F 19 -43.76 34.21 -5.00
N ASN F 20 -43.77 35.45 -4.51
CA ASN F 20 -44.46 36.53 -5.22
C ASN F 20 -43.77 36.93 -6.51
N MET F 21 -42.62 36.34 -6.83
CA MET F 21 -41.91 36.64 -8.07
C MET F 21 -42.11 35.58 -9.14
N GLY F 22 -42.81 34.50 -8.84
CA GLY F 22 -43.04 33.43 -9.78
C GLY F 22 -42.26 32.15 -9.55
N LEU F 23 -41.80 31.90 -8.32
CA LEU F 23 -41.03 30.72 -7.99
C LEU F 23 -41.85 29.85 -7.04
N GLU F 24 -42.05 28.58 -7.41
CA GLU F 24 -42.98 27.72 -6.70
C GLU F 24 -42.32 26.50 -6.08
N ASN F 25 -41.52 25.75 -6.84
CA ASN F 25 -40.96 24.49 -6.36
C ASN F 25 -39.61 24.65 -5.68
N LEU F 26 -39.27 25.87 -5.26
CA LEU F 26 -38.03 26.12 -4.54
C LEU F 26 -38.18 25.95 -3.03
N ALA F 27 -39.32 25.45 -2.57
CA ALA F 27 -39.61 25.33 -1.16
C ALA F 27 -38.65 24.37 -0.45
N ARG F 28 -38.72 23.08 -0.81
CA ARG F 28 -37.86 22.08 -0.19
C ARG F 28 -36.44 22.19 -0.72
N MET F 29 -35.78 23.32 -0.47
CA MET F 29 -34.40 23.51 -0.90
C MET F 29 -33.61 24.22 0.20
N ARG F 30 -32.30 24.21 0.05
CA ARG F 30 -31.42 24.86 1.01
C ARG F 30 -31.51 26.37 0.90
N LYS F 31 -31.16 27.05 2.00
CA LYS F 31 -31.21 28.52 2.02
C LYS F 31 -30.29 29.13 0.98
N GLN F 32 -29.11 28.52 0.77
CA GLN F 32 -28.17 29.05 -0.21
C GLN F 32 -28.77 29.02 -1.61
N ASP F 33 -29.37 27.89 -1.99
CA ASP F 33 -30.00 27.79 -3.30
C ASP F 33 -31.18 28.74 -3.43
N ILE F 34 -31.96 28.90 -2.36
CA ILE F 34 -33.09 29.81 -2.39
C ILE F 34 -32.62 31.25 -2.61
N ILE F 35 -31.57 31.66 -1.90
CA ILE F 35 -31.04 33.01 -2.07
C ILE F 35 -30.47 33.20 -3.46
N PHE F 36 -29.76 32.19 -3.98
CA PHE F 36 -29.21 32.28 -5.33
C PHE F 36 -30.32 32.44 -6.37
N ALA F 37 -31.39 31.65 -6.24
CA ALA F 37 -32.49 31.74 -7.19
C ALA F 37 -33.24 33.06 -7.07
N ILE F 38 -33.46 33.54 -5.84
CA ILE F 38 -34.14 34.82 -5.64
C ILE F 38 -33.32 35.95 -6.25
N LEU F 39 -31.99 35.90 -6.09
CA LEU F 39 -31.14 36.92 -6.69
C LEU F 39 -31.19 36.85 -8.21
N LYS F 40 -31.09 35.64 -8.76
CA LYS F 40 -31.11 35.50 -10.22
C LYS F 40 -32.45 35.93 -10.81
N GLN F 41 -33.54 35.75 -10.07
CA GLN F 41 -34.84 36.23 -10.55
C GLN F 41 -35.00 37.73 -10.37
N HIS F 42 -34.39 38.30 -9.34
CA HIS F 42 -34.45 39.75 -9.13
C HIS F 42 -33.39 40.50 -9.92
N ALA F 43 -32.34 39.82 -10.37
CA ALA F 43 -31.28 40.47 -11.13
C ALA F 43 -31.67 40.73 -12.58
N LYS F 44 -32.58 39.92 -13.14
CA LYS F 44 -33.00 40.12 -14.53
C LYS F 44 -33.77 41.42 -14.72
N SER F 45 -34.24 42.05 -13.65
CA SER F 45 -34.94 43.32 -13.74
C SER F 45 -33.98 44.51 -13.84
N GLY F 46 -32.68 44.26 -13.89
CA GLY F 46 -31.72 45.34 -13.99
C GLY F 46 -31.65 46.25 -12.78
N GLU F 47 -31.97 45.72 -11.60
CA GLU F 47 -31.91 46.46 -10.36
C GLU F 47 -30.60 46.16 -9.64
N ASP F 48 -29.84 47.20 -9.32
CA ASP F 48 -28.55 47.00 -8.67
C ASP F 48 -28.75 46.52 -7.24
N ILE F 49 -28.17 45.37 -6.93
CA ILE F 49 -28.25 44.75 -5.61
C ILE F 49 -26.86 44.74 -4.99
N PHE F 50 -26.77 45.10 -3.71
CA PHE F 50 -25.49 45.18 -3.03
C PHE F 50 -25.24 43.91 -2.23
N GLY F 51 -23.97 43.52 -2.15
CA GLY F 51 -23.56 42.34 -1.42
C GLY F 51 -22.22 42.54 -0.78
N ASP F 52 -21.84 41.60 0.07
CA ASP F 52 -20.58 41.67 0.78
C ASP F 52 -20.19 40.29 1.30
N GLY F 53 -18.92 40.16 1.65
CA GLY F 53 -18.43 38.90 2.17
C GLY F 53 -16.94 38.96 2.44
N VAL F 54 -16.46 37.95 3.17
CA VAL F 54 -15.06 37.85 3.54
C VAL F 54 -14.31 37.05 2.47
N LEU F 55 -13.19 37.58 2.00
CA LEU F 55 -12.48 36.95 0.90
C LEU F 55 -11.81 35.66 1.33
N GLU F 56 -11.83 34.66 0.43
CA GLU F 56 -11.11 33.41 0.61
C GLU F 56 -10.53 33.01 -0.74
N ILE F 57 -9.21 33.06 -0.87
CA ILE F 57 -8.52 32.72 -2.12
C ILE F 57 -8.17 31.24 -2.13
N LEU F 58 -8.44 30.57 -3.25
CA LEU F 58 -8.11 29.16 -3.41
C LEU F 58 -6.69 29.01 -3.95
N GLN F 59 -6.27 27.77 -4.18
CA GLN F 59 -4.92 27.50 -4.64
C GLN F 59 -4.71 28.00 -6.07
N ASP F 60 -5.73 27.92 -6.92
CA ASP F 60 -5.56 28.29 -8.33
C ASP F 60 -5.40 29.79 -8.52
N GLY F 61 -5.84 30.60 -7.55
CA GLY F 61 -5.63 32.04 -7.57
C GLY F 61 -6.91 32.86 -7.61
N PHE F 62 -8.07 32.25 -7.85
CA PHE F 62 -9.34 32.95 -7.81
C PHE F 62 -10.01 32.68 -6.47
N GLY F 63 -10.54 33.73 -5.85
CA GLY F 63 -11.19 33.63 -4.57
C GLY F 63 -12.70 33.79 -4.64
N PHE F 64 -13.31 33.70 -3.46
CA PHE F 64 -14.74 33.86 -3.30
C PHE F 64 -15.00 34.75 -2.09
N LEU F 65 -16.29 35.06 -1.87
CA LEU F 65 -16.72 35.87 -0.74
C LEU F 65 -17.60 35.00 0.15
N ARG F 66 -17.01 34.46 1.22
CA ARG F 66 -17.74 33.64 2.16
C ARG F 66 -18.63 34.51 3.05
N SER F 67 -19.71 33.90 3.53
CA SER F 67 -20.71 34.57 4.33
C SER F 67 -20.50 34.29 5.82
N ALA F 68 -20.61 35.34 6.63
CA ALA F 68 -20.54 35.17 8.08
C ALA F 68 -21.79 34.48 8.61
N ASP F 69 -22.92 34.58 7.90
CA ASP F 69 -24.14 33.90 8.32
C ASP F 69 -23.98 32.40 8.25
N SER F 70 -23.37 31.89 7.18
CA SER F 70 -23.11 30.47 7.02
C SER F 70 -21.81 30.03 7.71
N SER F 71 -21.26 30.86 8.60
CA SER F 71 -20.00 30.57 9.28
C SER F 71 -18.88 30.31 8.26
N TYR F 72 -18.89 31.09 7.18
CA TYR F 72 -17.89 30.99 6.11
C TYR F 72 -17.87 29.60 5.50
N LEU F 73 -19.04 29.12 5.11
CA LEU F 73 -19.20 27.82 4.47
C LEU F 73 -19.32 28.00 2.96
N ALA F 74 -18.64 27.14 2.21
CA ALA F 74 -18.70 27.19 0.76
C ALA F 74 -20.10 26.80 0.30
N GLY F 75 -20.73 27.66 -0.49
CA GLY F 75 -22.06 27.42 -0.97
C GLY F 75 -22.35 28.12 -2.28
N PRO F 76 -23.52 27.83 -2.86
CA PRO F 76 -23.89 28.49 -4.13
C PRO F 76 -24.16 29.99 -3.97
N ASP F 77 -24.51 30.46 -2.77
CA ASP F 77 -24.81 31.87 -2.55
C ASP F 77 -23.56 32.73 -2.36
N ASP F 78 -22.40 32.22 -2.73
CA ASP F 78 -21.15 32.96 -2.60
C ASP F 78 -20.87 33.76 -3.86
N ILE F 79 -19.94 34.71 -3.75
CA ILE F 79 -19.62 35.66 -4.81
C ILE F 79 -18.23 35.34 -5.31
N TYR F 80 -18.11 35.12 -6.62
CA TYR F 80 -16.82 34.81 -7.23
C TYR F 80 -15.98 36.08 -7.36
N VAL F 81 -14.69 35.95 -7.07
CA VAL F 81 -13.74 37.05 -7.14
C VAL F 81 -12.71 36.72 -8.21
N SER F 82 -12.60 37.58 -9.21
CA SER F 82 -11.65 37.36 -10.30
C SER F 82 -10.22 37.56 -9.81
N PRO F 83 -9.27 36.79 -10.33
CA PRO F 83 -7.86 37.00 -9.94
C PRO F 83 -7.35 38.39 -10.29
N SER F 84 -7.77 38.94 -11.43
CA SER F 84 -7.36 40.29 -11.80
C SER F 84 -7.75 41.30 -10.72
N GLN F 85 -8.94 41.15 -10.14
CA GLN F 85 -9.31 41.98 -9.01
C GLN F 85 -8.32 41.82 -7.86
N ILE F 86 -7.95 40.56 -7.55
CA ILE F 86 -6.93 40.30 -6.54
C ILE F 86 -5.59 40.89 -6.95
N ARG F 87 -5.38 41.11 -8.25
CA ARG F 87 -4.19 41.80 -8.71
C ARG F 87 -4.33 43.31 -8.62
N ARG F 88 -5.57 43.82 -8.68
CA ARG F 88 -5.79 45.26 -8.57
C ARG F 88 -5.56 45.74 -7.13
N PHE F 89 -6.10 45.00 -6.17
CA PHE F 89 -5.93 45.30 -4.75
C PHE F 89 -5.06 44.22 -4.12
N ASN F 90 -3.93 44.62 -3.55
CA ASN F 90 -3.06 43.62 -2.92
C ASN F 90 -3.77 42.98 -1.73
N LEU F 91 -4.80 42.17 -2.01
CA LEU F 91 -5.66 41.59 -0.98
C LEU F 91 -5.17 40.21 -0.55
N ARG F 92 -5.23 39.97 0.75
CA ARG F 92 -4.94 38.67 1.33
C ARG F 92 -6.24 38.04 1.83
N THR F 93 -6.15 36.82 2.34
CA THR F 93 -7.34 36.12 2.80
C THR F 93 -7.88 36.80 4.06
N GLY F 94 -9.20 36.92 4.13
CA GLY F 94 -9.85 37.53 5.28
C GLY F 94 -10.37 38.94 5.06
N ASP F 95 -10.11 39.53 3.90
CA ASP F 95 -10.50 40.91 3.65
C ASP F 95 -12.00 40.97 3.38
N THR F 96 -12.72 41.74 4.20
CA THR F 96 -14.13 41.97 4.01
C THR F 96 -14.35 42.95 2.86
N ILE F 97 -15.05 42.49 1.81
CA ILE F 97 -15.29 43.29 0.62
C ILE F 97 -16.79 43.52 0.49
N SER F 98 -17.17 44.76 0.18
CA SER F 98 -18.56 45.14 -0.02
C SER F 98 -18.68 45.93 -1.32
N GLY F 99 -19.78 45.71 -2.04
CA GLY F 99 -20.01 46.42 -3.28
C GLY F 99 -21.12 45.79 -4.08
N LYS F 100 -21.34 46.35 -5.27
CA LYS F 100 -22.37 45.87 -6.16
C LYS F 100 -21.92 44.60 -6.89
N ILE F 101 -22.83 43.65 -7.04
CA ILE F 101 -22.53 42.38 -7.67
C ILE F 101 -23.32 42.27 -8.98
N ARG F 102 -22.77 41.48 -9.92
CA ARG F 102 -23.37 41.31 -11.23
C ARG F 102 -23.92 39.90 -11.41
N PRO F 103 -24.96 39.73 -12.23
CA PRO F 103 -25.50 38.39 -12.47
C PRO F 103 -24.56 37.58 -13.34
N PRO F 104 -24.56 36.26 -13.19
CA PRO F 104 -23.73 35.43 -14.08
C PRO F 104 -24.35 35.36 -15.47
N LYS F 105 -23.50 35.51 -16.48
CA LYS F 105 -24.00 35.53 -17.86
C LYS F 105 -24.06 34.14 -18.47
N GLU F 106 -22.93 33.44 -18.53
CA GLU F 106 -22.90 32.10 -19.10
C GLU F 106 -21.64 31.39 -18.62
N GLY F 107 -21.76 30.07 -18.44
CA GLY F 107 -20.65 29.27 -17.98
C GLY F 107 -20.18 29.55 -16.59
N GLU F 108 -20.95 30.29 -15.79
CA GLU F 108 -20.57 30.65 -14.43
C GLU F 108 -21.75 30.41 -13.51
N ARG F 109 -21.52 29.67 -12.43
CA ARG F 109 -22.57 29.30 -11.49
C ARG F 109 -22.60 30.18 -10.25
N TYR F 110 -21.70 31.15 -10.14
CA TYR F 110 -21.62 32.02 -8.98
C TYR F 110 -21.74 33.48 -9.43
N PHE F 111 -22.27 34.31 -8.55
CA PHE F 111 -22.30 35.75 -8.80
C PHE F 111 -20.89 36.33 -8.70
N ALA F 112 -20.66 37.42 -9.42
CA ALA F 112 -19.39 38.10 -9.42
C ALA F 112 -19.55 39.53 -8.93
N LEU F 113 -18.42 40.15 -8.58
CA LEU F 113 -18.41 41.50 -8.03
C LEU F 113 -18.17 42.51 -9.14
N LEU F 114 -19.03 43.52 -9.21
CA LEU F 114 -18.91 44.57 -10.21
C LEU F 114 -17.96 45.68 -9.76
N LYS F 115 -18.27 46.32 -8.63
CA LYS F 115 -17.46 47.41 -8.11
C LYS F 115 -17.05 47.09 -6.67
N VAL F 116 -15.86 47.55 -6.32
CA VAL F 116 -15.32 47.38 -4.97
C VAL F 116 -15.47 48.72 -4.26
N ASN F 117 -16.49 48.83 -3.40
CA ASN F 117 -16.77 50.09 -2.73
C ASN F 117 -15.85 50.31 -1.53
N GLU F 118 -15.73 49.31 -0.67
CA GLU F 118 -14.92 49.41 0.53
C GLU F 118 -14.17 48.11 0.77
N VAL F 119 -12.97 48.22 1.33
CA VAL F 119 -12.15 47.07 1.70
C VAL F 119 -11.80 47.22 3.17
N ASN F 120 -12.36 46.35 4.02
CA ASN F 120 -12.11 46.37 5.46
C ASN F 120 -12.46 47.73 6.07
N PHE F 121 -13.71 48.16 5.83
CA PHE F 121 -14.24 49.42 6.37
C PHE F 121 -13.44 50.62 5.88
N ASP F 122 -12.83 50.51 4.70
CA ASP F 122 -12.05 51.58 4.13
C ASP F 122 -12.10 51.46 2.61
N LYS F 123 -12.14 52.61 1.93
CA LYS F 123 -12.07 52.60 0.48
C LYS F 123 -10.74 52.01 0.03
N PRO F 124 -10.68 51.40 -1.17
CA PRO F 124 -9.46 50.69 -1.58
C PRO F 124 -8.21 51.57 -1.56
N GLU F 125 -7.29 51.24 -0.65
CA GLU F 125 -6.02 51.95 -0.52
C GLU F 125 -4.89 50.97 -0.23
N ASN F 126 -5.00 49.74 -0.76
CA ASN F 126 -4.05 48.68 -0.47
C ASN F 126 -2.92 48.61 -1.50
N ALA F 127 -2.57 49.73 -2.13
CA ALA F 127 -1.41 49.73 -3.02
C ALA F 127 -0.13 49.44 -2.25
N ARG F 128 0.05 50.06 -1.09
CA ARG F 128 1.17 49.78 -0.21
C ARG F 128 0.72 49.94 1.23
N ASN F 129 0.72 48.85 1.98
CA ASN F 129 0.34 48.86 3.39
C ASN F 129 1.31 47.98 4.17
N LYS F 130 1.14 48.00 5.49
CA LYS F 130 2.02 47.26 6.39
C LYS F 130 1.41 45.89 6.68
N ILE F 131 1.99 44.85 6.07
CA ILE F 131 1.51 43.49 6.31
C ILE F 131 1.81 43.08 7.75
N LEU F 132 1.00 42.13 8.24
CA LEU F 132 1.12 41.72 9.63
C LEU F 132 2.51 41.17 9.96
N PHE F 133 3.18 40.58 8.96
CA PHE F 133 4.51 40.01 9.19
C PHE F 133 5.57 41.06 9.46
N GLU F 134 5.30 42.33 9.14
CA GLU F 134 6.27 43.39 9.31
C GLU F 134 6.00 44.31 10.49
N ASN F 135 4.86 44.17 11.16
CA ASN F 135 4.55 45.05 12.28
C ASN F 135 5.44 44.75 13.47
N LEU F 136 5.85 45.80 14.17
CA LEU F 136 6.69 45.64 15.36
C LEU F 136 5.87 45.07 16.51
N THR F 137 6.56 44.39 17.43
CA THR F 137 5.93 43.67 18.54
C THR F 137 6.43 44.22 19.86
N PRO F 138 5.78 45.24 20.40
CA PRO F 138 6.06 45.67 21.77
C PRO F 138 5.40 44.72 22.76
N LEU F 139 5.62 44.99 24.05
CA LEU F 139 5.05 44.14 25.07
C LEU F 139 3.57 44.45 25.25
N HIS F 140 2.84 43.47 25.79
CA HIS F 140 1.39 43.56 25.95
C HIS F 140 0.98 44.38 27.16
N ALA F 141 1.88 45.18 27.71
CA ALA F 141 1.60 45.99 28.90
C ALA F 141 1.00 47.35 28.56
N ASN F 142 0.49 47.53 27.34
CA ASN F 142 -0.06 48.82 26.95
C ASN F 142 -1.33 49.15 27.74
N SER F 143 -2.24 48.19 27.83
CA SER F 143 -3.51 48.40 28.51
C SER F 143 -4.02 47.08 29.06
N ARG F 144 -4.90 47.17 30.05
CA ARG F 144 -5.50 46.00 30.68
C ARG F 144 -6.96 45.94 30.29
N LEU F 145 -7.42 44.75 29.89
CA LEU F 145 -8.83 44.54 29.57
C LEU F 145 -9.51 43.96 30.81
N ARG F 146 -9.89 44.84 31.73
CA ARG F 146 -10.60 44.41 32.92
C ARG F 146 -12.10 44.41 32.69
N MET F 147 -12.73 43.27 32.94
CA MET F 147 -14.17 43.08 32.80
C MET F 147 -14.88 43.22 34.14
N GLU F 148 -14.56 44.26 34.90
CA GLU F 148 -15.09 44.38 36.26
C GLU F 148 -16.23 45.39 36.40
N ARG F 149 -16.38 46.33 35.46
CA ARG F 149 -17.37 47.39 35.59
C ARG F 149 -18.78 46.80 35.74
N GLY F 150 -19.37 46.96 36.93
CA GLY F 150 -20.68 46.41 37.23
C GLY F 150 -21.13 46.73 38.65
N ASN F 151 -22.44 46.77 38.88
CA ASN F 151 -22.99 47.16 40.16
C ASN F 151 -23.35 45.93 40.99
N GLY F 152 -22.31 45.19 41.36
CA GLY F 152 -22.46 44.03 42.24
C GLY F 152 -23.49 43.02 41.78
N SER F 153 -23.19 42.31 40.70
CA SER F 153 -24.07 41.28 40.17
C SER F 153 -23.34 39.93 40.22
N THR F 154 -24.13 38.86 40.30
CA THR F 154 -23.54 37.52 40.32
C THR F 154 -22.76 37.22 39.05
N GLU F 155 -23.15 37.81 37.92
CA GLU F 155 -22.36 37.65 36.69
C GLU F 155 -20.99 38.31 36.84
N ASP F 156 -20.96 39.55 37.33
CA ASP F 156 -19.69 40.25 37.49
C ASP F 156 -18.80 39.62 38.54
N LEU F 157 -19.37 38.79 39.42
CA LEU F 157 -18.57 38.12 40.44
C LEU F 157 -17.51 37.23 39.81
N THR F 158 -17.92 36.39 38.84
CA THR F 158 -16.95 35.56 38.13
C THR F 158 -15.92 36.41 37.41
N ALA F 159 -16.36 37.52 36.79
CA ALA F 159 -15.43 38.41 36.13
C ALA F 159 -14.52 39.11 37.12
N ARG F 160 -15.01 39.39 38.32
CA ARG F 160 -14.17 39.98 39.35
C ARG F 160 -13.09 39.01 39.80
N VAL F 161 -13.45 37.75 40.01
CA VAL F 161 -12.46 36.74 40.37
C VAL F 161 -11.45 36.55 39.24
N LEU F 162 -11.92 36.62 37.99
CA LEU F 162 -11.01 36.50 36.86
C LEU F 162 -10.02 37.67 36.80
N ASP F 163 -10.51 38.88 37.02
CA ASP F 163 -9.62 40.05 37.01
C ASP F 163 -8.63 39.99 38.17
N LEU F 164 -9.06 39.46 39.32
CA LEU F 164 -8.16 39.39 40.47
C LEU F 164 -7.10 38.29 40.28
N ALA F 165 -7.49 37.18 39.65
CA ALA F 165 -6.58 36.05 39.52
C ALA F 165 -5.64 36.21 38.33
N SER F 166 -6.19 36.52 37.15
CA SER F 166 -5.40 36.59 35.93
C SER F 166 -5.85 37.80 35.10
N PRO F 167 -5.12 38.91 35.17
CA PRO F 167 -5.49 40.08 34.37
C PRO F 167 -5.32 39.83 32.88
N ILE F 168 -6.16 40.49 32.09
CA ILE F 168 -6.16 40.39 30.63
C ILE F 168 -5.58 41.67 30.07
N GLY F 169 -4.63 41.53 29.14
CA GLY F 169 -4.02 42.67 28.50
C GLY F 169 -4.21 42.62 26.98
N ARG F 170 -3.90 43.75 26.34
CA ARG F 170 -4.02 43.85 24.89
C ARG F 170 -2.90 43.06 24.22
N GLY F 171 -3.27 42.04 23.45
CA GLY F 171 -2.30 41.24 22.73
C GLY F 171 -1.59 40.18 23.55
N GLN F 172 -2.30 39.54 24.47
CA GLN F 172 -1.72 38.55 25.35
C GLN F 172 -2.20 37.16 24.95
N ARG F 173 -1.37 36.16 25.21
CA ARG F 173 -1.71 34.76 24.93
C ARG F 173 -2.40 34.16 26.15
N GLY F 174 -3.73 34.10 26.09
CA GLY F 174 -4.51 33.53 27.18
C GLY F 174 -4.79 32.05 26.97
N LEU F 175 -4.72 31.30 28.07
CA LEU F 175 -4.94 29.85 28.04
C LEU F 175 -5.87 29.46 29.18
N ILE F 176 -7.09 29.05 28.84
CA ILE F 176 -8.09 28.64 29.81
C ILE F 176 -8.11 27.12 29.85
N VAL F 177 -7.50 26.55 30.88
CA VAL F 177 -7.55 25.10 31.10
C VAL F 177 -8.86 24.76 31.79
N ALA F 178 -9.61 23.82 31.22
CA ALA F 178 -10.93 23.51 31.74
C ALA F 178 -11.27 22.03 31.58
N PRO F 179 -11.58 21.35 32.68
CA PRO F 179 -12.08 19.97 32.58
C PRO F 179 -13.51 19.94 32.09
N PRO F 180 -14.01 18.77 31.70
CA PRO F 180 -15.42 18.68 31.28
C PRO F 180 -16.36 18.94 32.44
N LYS F 181 -17.49 19.56 32.13
CA LYS F 181 -18.52 19.91 33.11
C LYS F 181 -17.94 20.77 34.24
N ALA F 182 -17.33 21.89 33.84
CA ALA F 182 -16.72 22.80 34.79
C ALA F 182 -17.02 24.27 34.46
N GLY F 183 -18.01 24.54 33.62
CA GLY F 183 -18.35 25.91 33.28
C GLY F 183 -17.55 26.50 32.14
N LYS F 184 -17.00 25.67 31.26
CA LYS F 184 -16.14 26.18 30.19
C LYS F 184 -16.93 27.02 29.19
N THR F 185 -18.15 26.62 28.87
CA THR F 185 -18.90 27.31 27.83
C THR F 185 -19.50 28.62 28.33
N MET F 186 -20.05 28.63 29.54
CA MET F 186 -20.65 29.85 30.07
C MET F 186 -19.62 30.86 30.55
N LEU F 187 -18.42 30.41 30.93
CA LEU F 187 -17.37 31.35 31.29
C LEU F 187 -16.97 32.20 30.09
N LEU F 188 -16.97 31.62 28.89
CA LEU F 188 -16.58 32.37 27.70
C LEU F 188 -17.60 33.43 27.35
N GLN F 189 -18.89 33.08 27.36
CA GLN F 189 -19.91 34.07 27.02
C GLN F 189 -20.00 35.17 28.07
N ASN F 190 -19.68 34.86 29.33
CA ASN F 190 -19.59 35.91 30.34
C ASN F 190 -18.45 36.87 30.03
N ILE F 191 -17.31 36.33 29.58
CA ILE F 191 -16.21 37.18 29.14
C ILE F 191 -16.61 37.96 27.90
N ALA F 192 -17.25 37.29 26.94
CA ALA F 192 -17.65 37.96 25.70
C ALA F 192 -18.66 39.07 25.97
N GLN F 193 -19.62 38.81 26.87
CA GLN F 193 -20.61 39.83 27.18
C GLN F 193 -19.97 41.04 27.85
N SER F 194 -19.04 40.81 28.77
CA SER F 194 -18.42 41.92 29.48
C SER F 194 -17.43 42.70 28.60
N ILE F 195 -16.89 42.07 27.55
CA ILE F 195 -16.00 42.79 26.64
C ILE F 195 -16.76 43.87 25.90
N ALA F 196 -17.94 43.51 25.36
CA ALA F 196 -18.72 44.47 24.59
C ALA F 196 -19.22 45.61 25.48
N TYR F 197 -19.45 45.33 26.77
CA TYR F 197 -19.93 46.36 27.68
C TYR F 197 -18.81 47.26 28.15
N ASN F 198 -17.59 46.73 28.31
CA ASN F 198 -16.48 47.53 28.79
C ASN F 198 -15.66 48.13 27.67
N HIS F 199 -15.37 47.36 26.62
CA HIS F 199 -14.56 47.80 25.49
C HIS F 199 -15.34 47.60 24.19
N PRO F 200 -16.27 48.50 23.88
CA PRO F 200 -17.03 48.36 22.62
C PRO F 200 -16.20 48.61 21.38
N ASP F 201 -15.08 49.34 21.49
CA ASP F 201 -14.25 49.62 20.32
C ASP F 201 -13.55 48.37 19.79
N CYS F 202 -13.41 47.34 20.61
CA CYS F 202 -12.70 46.13 20.17
C CYS F 202 -13.63 45.21 19.39
N VAL F 203 -13.12 44.68 18.29
CA VAL F 203 -13.85 43.71 17.46
C VAL F 203 -13.67 42.33 18.08
N LEU F 204 -14.74 41.79 18.64
CA LEU F 204 -14.71 40.51 19.34
C LEU F 204 -15.21 39.40 18.42
N MET F 205 -14.43 38.33 18.31
CA MET F 205 -14.79 37.18 17.50
C MET F 205 -14.69 35.93 18.36
N VAL F 206 -15.79 35.20 18.47
CA VAL F 206 -15.87 33.98 19.25
C VAL F 206 -15.84 32.80 18.29
N LEU F 207 -14.74 32.05 18.30
CA LEU F 207 -14.55 30.90 17.44
C LEU F 207 -14.83 29.62 18.22
N LEU F 208 -15.73 28.80 17.69
CA LEU F 208 -16.12 27.52 18.30
C LEU F 208 -15.76 26.40 17.33
N ILE F 209 -14.78 25.58 17.71
CA ILE F 209 -14.31 24.49 16.88
C ILE F 209 -14.86 23.18 17.43
N ASP F 210 -15.50 22.39 16.57
CA ASP F 210 -16.02 21.07 16.92
C ASP F 210 -17.04 21.17 18.06
N GLU F 211 -18.08 21.98 17.81
CA GLU F 211 -19.09 22.29 18.81
C GLU F 211 -20.45 21.72 18.41
N ARG F 212 -21.26 21.45 19.43
CA ARG F 212 -22.61 20.95 19.18
C ARG F 212 -23.48 22.06 18.58
N PRO F 213 -24.40 21.73 17.68
CA PRO F 213 -25.17 22.77 16.99
C PRO F 213 -26.05 23.60 17.91
N GLU F 214 -26.72 22.97 18.87
CA GLU F 214 -27.59 23.72 19.78
C GLU F 214 -26.78 24.71 20.62
N GLU F 215 -25.59 24.31 21.03
CA GLU F 215 -24.72 25.23 21.77
C GLU F 215 -24.20 26.34 20.87
N VAL F 216 -23.99 26.05 19.59
CA VAL F 216 -23.62 27.09 18.63
C VAL F 216 -24.72 28.13 18.52
N THR F 217 -25.97 27.68 18.38
CA THR F 217 -27.08 28.61 18.30
C THR F 217 -27.28 29.38 19.60
N GLU F 218 -27.01 28.73 20.74
CA GLU F 218 -27.06 29.42 22.02
C GLU F 218 -26.00 30.52 22.10
N MET F 219 -24.79 30.23 21.64
CA MET F 219 -23.70 31.20 21.74
C MET F 219 -23.91 32.37 20.78
N GLN F 220 -24.23 32.08 19.52
CA GLN F 220 -24.37 33.14 18.53
C GLN F 220 -25.58 34.04 18.77
N ARG F 221 -26.49 33.65 19.66
CA ARG F 221 -27.65 34.44 20.00
C ARG F 221 -27.49 35.19 21.32
N LEU F 222 -26.33 35.07 21.97
CA LEU F 222 -26.08 35.71 23.25
C LEU F 222 -24.86 36.62 23.25
N VAL F 223 -24.00 36.55 22.24
CA VAL F 223 -22.78 37.34 22.18
C VAL F 223 -22.98 38.46 21.16
N LYS F 224 -22.60 39.68 21.55
CA LYS F 224 -22.76 40.85 20.69
C LYS F 224 -21.63 40.99 19.67
N GLY F 225 -20.77 39.99 19.53
CA GLY F 225 -19.67 40.02 18.58
C GLY F 225 -19.95 39.16 17.37
N GLU F 226 -18.87 38.71 16.73
CA GLU F 226 -18.95 37.84 15.56
C GLU F 226 -18.69 36.41 16.02
N VAL F 227 -19.75 35.59 16.04
CA VAL F 227 -19.66 34.21 16.50
C VAL F 227 -19.57 33.29 15.27
N VAL F 228 -18.44 32.62 15.13
CA VAL F 228 -18.23 31.66 14.04
C VAL F 228 -17.99 30.29 14.65
N ALA F 229 -18.52 29.26 14.01
CA ALA F 229 -18.45 27.91 14.57
C ALA F 229 -18.47 26.89 13.44
N SER F 230 -18.10 25.66 13.80
CA SER F 230 -18.15 24.52 12.89
C SER F 230 -18.58 23.30 13.68
N THR F 231 -19.73 22.76 13.34
CA THR F 231 -20.32 21.66 14.11
C THR F 231 -19.55 20.36 13.88
N PHE F 232 -19.79 19.40 14.78
CA PHE F 232 -19.06 18.13 14.73
C PHE F 232 -19.50 17.23 13.59
N ASP F 233 -20.60 17.55 12.89
CA ASP F 233 -21.01 16.80 11.72
C ASP F 233 -20.36 17.32 10.44
N GLU F 234 -19.24 18.02 10.57
CA GLU F 234 -18.47 18.53 9.44
C GLU F 234 -17.05 17.98 9.48
N PRO F 235 -16.40 17.81 8.33
CA PRO F 235 -15.04 17.25 8.31
C PRO F 235 -14.05 18.19 8.97
N ALA F 236 -12.88 17.63 9.30
CA ALA F 236 -11.83 18.43 9.94
C ALA F 236 -11.34 19.53 9.02
N SER F 237 -11.44 19.33 7.70
CA SER F 237 -11.10 20.39 6.75
C SER F 237 -11.97 21.61 6.97
N ARG F 238 -13.24 21.42 7.35
CA ARG F 238 -14.12 22.54 7.66
C ARG F 238 -13.62 23.32 8.87
N HIS F 239 -13.23 22.61 9.93
CA HIS F 239 -12.68 23.26 11.12
C HIS F 239 -11.42 24.05 10.77
N VAL F 240 -10.52 23.44 9.99
CA VAL F 240 -9.29 24.12 9.58
C VAL F 240 -9.62 25.37 8.78
N GLN F 241 -10.56 25.26 7.84
CA GLN F 241 -10.94 26.40 7.02
C GLN F 241 -11.48 27.53 7.87
N VAL F 242 -12.38 27.22 8.81
CA VAL F 242 -12.96 28.24 9.67
C VAL F 242 -11.88 28.92 10.51
N ALA F 243 -10.98 28.12 11.09
CA ALA F 243 -9.92 28.69 11.92
C ALA F 243 -9.02 29.60 11.11
N GLU F 244 -8.63 29.17 9.90
CA GLU F 244 -7.74 29.99 9.08
C GLU F 244 -8.44 31.26 8.61
N MET F 245 -9.73 31.17 8.28
CA MET F 245 -10.48 32.36 7.89
C MET F 245 -10.53 33.36 9.04
N VAL F 246 -10.80 32.88 10.25
CA VAL F 246 -10.88 33.78 11.41
C VAL F 246 -9.53 34.42 11.68
N ILE F 247 -8.45 33.63 11.65
CA ILE F 247 -7.14 34.19 11.97
C ILE F 247 -6.68 35.16 10.88
N GLU F 248 -7.01 34.89 9.62
CA GLU F 248 -6.62 35.81 8.56
C GLU F 248 -7.41 37.11 8.62
N LYS F 249 -8.71 37.02 8.92
CA LYS F 249 -9.49 38.24 9.10
C LYS F 249 -8.96 39.06 10.27
N ALA F 250 -8.58 38.39 11.36
CA ALA F 250 -8.00 39.10 12.50
C ALA F 250 -6.69 39.77 12.12
N LYS F 251 -5.84 39.06 11.38
CA LYS F 251 -4.56 39.65 10.95
C LYS F 251 -4.79 40.88 10.09
N ARG F 252 -5.72 40.81 9.13
CA ARG F 252 -5.97 41.94 8.25
C ARG F 252 -6.57 43.12 9.01
N LEU F 253 -7.46 42.84 9.98
CA LEU F 253 -8.05 43.92 10.76
C LEU F 253 -6.99 44.57 11.65
N VAL F 254 -6.04 43.79 12.17
CA VAL F 254 -4.94 44.38 12.91
C VAL F 254 -4.05 45.20 11.98
N GLU F 255 -3.87 44.74 10.74
CA GLU F 255 -3.17 45.53 9.74
C GLU F 255 -3.88 46.85 9.47
N HIS F 256 -5.19 46.90 9.73
CA HIS F 256 -5.93 48.16 9.65
C HIS F 256 -6.00 48.89 10.99
N LYS F 257 -5.06 48.62 11.90
CA LYS F 257 -4.94 49.31 13.18
C LYS F 257 -6.16 49.15 14.07
N LYS F 258 -6.83 48.00 13.99
CA LYS F 258 -7.97 47.71 14.84
C LYS F 258 -7.57 46.82 16.01
N ASP F 259 -8.35 46.91 17.09
CA ASP F 259 -8.16 46.07 18.27
C ASP F 259 -9.05 44.85 18.11
N VAL F 260 -8.44 43.70 17.87
CA VAL F 260 -9.18 42.46 17.63
C VAL F 260 -8.96 41.50 18.79
N ILE F 261 -10.05 40.87 19.23
CA ILE F 261 -10.03 39.88 20.31
C ILE F 261 -10.61 38.59 19.77
N ILE F 262 -9.94 37.47 20.05
CA ILE F 262 -10.38 36.15 19.60
C ILE F 262 -10.58 35.27 20.82
N LEU F 263 -11.79 34.75 20.99
CA LEU F 263 -12.11 33.78 22.02
C LEU F 263 -12.23 32.42 21.36
N LEU F 264 -11.16 31.63 21.40
CA LEU F 264 -11.12 30.32 20.75
C LEU F 264 -11.56 29.26 21.74
N ASP F 265 -12.45 28.36 21.30
CA ASP F 265 -12.94 27.26 22.13
C ASP F 265 -12.32 25.96 21.63
N SER F 266 -11.81 25.17 22.58
CA SER F 266 -11.27 23.84 22.30
C SER F 266 -10.12 23.89 21.29
N ILE F 267 -9.03 24.55 21.69
CA ILE F 267 -7.82 24.54 20.88
C ILE F 267 -7.28 23.13 20.73
N THR F 268 -7.55 22.27 21.71
CA THR F 268 -7.18 20.86 21.59
C THR F 268 -7.90 20.20 20.42
N ARG F 269 -9.19 20.50 20.26
CA ARG F 269 -9.93 19.93 19.13
C ARG F 269 -9.46 20.52 17.80
N LEU F 270 -9.01 21.77 17.81
CA LEU F 270 -8.41 22.34 16.61
C LEU F 270 -7.12 21.63 16.25
N ALA F 271 -6.29 21.33 17.25
CA ALA F 271 -5.06 20.57 17.00
C ALA F 271 -5.37 19.16 16.51
N ARG F 272 -6.43 18.55 17.03
CA ARG F 272 -6.84 17.23 16.54
C ARG F 272 -7.28 17.31 15.08
N ALA F 273 -8.06 18.33 14.73
CA ALA F 273 -8.48 18.50 13.34
C ALA F 273 -7.26 18.72 12.44
N TYR F 274 -6.28 19.49 12.91
CA TYR F 274 -5.06 19.70 12.12
C TYR F 274 -4.31 18.39 11.93
N ASN F 275 -4.16 17.61 13.00
CA ASN F 275 -3.53 16.30 12.88
C ASN F 275 -4.26 15.40 11.91
N THR F 276 -5.59 15.52 11.86
CA THR F 276 -6.37 14.74 10.88
C THR F 276 -6.10 15.21 9.46
N VAL F 277 -6.01 16.52 9.25
CA VAL F 277 -5.90 17.06 7.89
C VAL F 277 -4.47 16.99 7.37
N VAL F 278 -3.49 17.26 8.24
CA VAL F 278 -2.09 17.34 7.80
C VAL F 278 -1.65 16.01 7.21
N PRO F 279 -1.05 15.98 6.03
CA PRO F 279 -0.61 14.72 5.43
C PRO F 279 0.52 14.09 6.23
N ALA F 280 0.73 12.80 5.97
CA ALA F 280 1.78 12.05 6.66
C ALA F 280 3.15 12.57 6.28
N SER F 281 3.95 12.90 7.28
CA SER F 281 5.30 13.42 7.08
C SER F 281 6.37 12.38 7.42
N GLY F 282 5.97 11.14 7.73
CA GLY F 282 6.91 10.11 8.09
C GLY F 282 7.53 10.24 9.45
N LYS F 283 7.17 11.28 10.22
CA LYS F 283 7.75 11.48 11.54
C LYS F 283 7.30 10.39 12.50
N VAL F 284 8.04 10.26 13.60
CA VAL F 284 7.69 9.32 14.65
C VAL F 284 6.59 9.93 15.50
N LEU F 285 5.34 9.67 15.10
CA LEU F 285 4.16 10.14 15.83
C LEU F 285 4.33 9.97 17.34
N THR F 286 3.93 10.99 18.09
CA THR F 286 4.03 11.00 19.54
C THR F 286 2.65 11.21 20.13
N GLY F 287 2.19 10.23 20.90
CA GLY F 287 0.88 10.30 21.53
C GLY F 287 -0.30 10.16 20.60
N GLY F 288 -0.05 9.87 19.31
CA GLY F 288 -1.09 9.73 18.32
C GLY F 288 -1.14 10.86 17.31
N VAL F 289 -0.61 12.03 17.67
CA VAL F 289 -0.62 13.21 16.81
C VAL F 289 0.73 13.33 16.11
N ASP F 290 0.70 13.76 14.85
CA ASP F 290 1.92 14.07 14.13
C ASP F 290 2.52 15.36 14.67
N ALA F 291 3.85 15.38 14.78
CA ALA F 291 4.54 16.54 15.34
C ALA F 291 4.36 17.76 14.43
N ASN F 292 4.62 17.59 13.13
CA ASN F 292 4.50 18.70 12.19
C ASN F 292 3.11 19.32 12.23
N ALA F 293 2.08 18.51 12.47
CA ALA F 293 0.73 19.06 12.59
C ALA F 293 0.64 20.12 13.67
N LEU F 294 1.27 19.86 14.83
CA LEU F 294 1.25 20.83 15.93
C LEU F 294 1.90 22.15 15.56
N HIS F 295 2.63 22.21 14.44
CA HIS F 295 3.18 23.48 13.98
C HIS F 295 2.09 24.46 13.58
N ARG F 296 0.95 23.97 13.10
CA ARG F 296 -0.09 24.86 12.58
C ARG F 296 -0.89 25.57 13.67
N PRO F 297 -1.43 24.86 14.67
CA PRO F 297 -2.20 25.59 15.70
C PRO F 297 -1.35 26.50 16.56
N LYS F 298 -0.12 26.09 16.89
CA LYS F 298 0.76 26.92 17.71
C LYS F 298 0.93 28.30 17.09
N ARG F 299 1.23 28.34 15.78
CA ARG F 299 1.35 29.62 15.08
C ARG F 299 0.07 30.45 15.25
N PHE F 300 -1.09 29.79 15.16
CA PHE F 300 -2.35 30.44 15.48
C PHE F 300 -2.27 31.13 16.83
N PHE F 301 -1.97 30.35 17.88
CA PHE F 301 -1.80 30.92 19.20
C PHE F 301 -0.66 31.93 19.24
N GLY F 302 0.34 31.74 18.37
CA GLY F 302 1.44 32.68 18.26
C GLY F 302 1.08 33.98 17.57
N ALA F 303 -0.09 34.07 16.95
CA ALA F 303 -0.48 35.28 16.24
C ALA F 303 -0.74 36.44 17.18
N ALA F 304 -1.18 36.16 18.41
CA ALA F 304 -1.49 37.22 19.36
C ALA F 304 -0.24 38.01 19.71
N ARG F 305 -0.33 39.33 19.57
CA ARG F 305 0.80 40.22 19.80
C ARG F 305 0.30 41.66 19.79
N ASN F 306 1.09 42.54 20.40
CA ASN F 306 0.86 43.97 20.31
C ASN F 306 1.57 44.54 19.08
N VAL F 307 0.98 45.59 18.51
CA VAL F 307 1.50 46.22 17.30
C VAL F 307 1.88 47.66 17.64
N GLU F 308 3.08 48.06 17.23
CA GLU F 308 3.53 49.42 17.50
C GLU F 308 2.79 50.45 16.66
N GLU F 309 2.42 50.11 15.42
CA GLU F 309 1.73 51.06 14.55
C GLU F 309 0.34 51.38 15.08
N GLY F 310 -0.52 50.37 15.16
CA GLY F 310 -1.85 50.58 15.71
C GLY F 310 -2.51 49.28 16.09
N GLY F 311 -3.50 49.38 16.97
CA GLY F 311 -4.25 48.23 17.44
C GLY F 311 -3.48 47.12 18.13
N SER F 312 -4.22 46.07 18.50
CA SER F 312 -3.66 44.90 19.16
C SER F 312 -4.43 43.67 18.69
N LEU F 313 -3.87 42.49 18.97
CA LEU F 313 -4.50 41.21 18.62
C LEU F 313 -4.45 40.29 19.84
N THR F 314 -5.58 40.16 20.52
CA THR F 314 -5.70 39.33 21.71
C THR F 314 -6.34 37.99 21.34
N ILE F 315 -5.77 36.90 21.83
CA ILE F 315 -6.30 35.56 21.60
C ILE F 315 -6.34 34.82 22.94
N ILE F 316 -7.52 34.36 23.31
CA ILE F 316 -7.73 33.59 24.53
C ILE F 316 -8.34 32.25 24.13
N ALA F 317 -7.55 31.19 24.19
CA ALA F 317 -7.98 29.85 23.78
C ALA F 317 -8.18 28.97 25.00
N THR F 318 -9.19 28.10 24.92
CA THR F 318 -9.51 27.16 25.98
C THR F 318 -8.88 25.81 25.68
N ALA F 319 -8.09 25.30 26.62
CA ALA F 319 -7.42 24.01 26.48
C ALA F 319 -8.20 22.95 27.25
N LEU F 320 -8.69 21.93 26.54
CA LEU F 320 -9.44 20.86 27.16
C LEU F 320 -8.52 19.87 27.85
N ILE F 321 -8.90 19.45 29.05
CA ILE F 321 -8.12 18.51 29.85
C ILE F 321 -9.08 17.56 30.57
N ASP F 322 -8.53 16.44 31.03
CA ASP F 322 -9.29 15.41 31.73
C ASP F 322 -10.40 14.84 30.85
N THR F 323 -10.10 14.63 29.57
CA THR F 323 -11.05 14.06 28.63
C THR F 323 -10.98 12.55 28.55
N GLY F 324 -9.95 11.93 29.14
CA GLY F 324 -9.75 10.51 29.04
C GLY F 324 -8.97 10.05 27.83
N SER F 325 -8.67 10.96 26.89
CA SER F 325 -7.90 10.63 25.71
C SER F 325 -6.49 11.18 25.86
N LYS F 326 -5.49 10.33 25.66
CA LYS F 326 -4.10 10.77 25.76
C LYS F 326 -3.72 11.75 24.66
N MET F 327 -4.49 11.81 23.57
CA MET F 327 -4.23 12.80 22.53
C MET F 327 -4.38 14.21 23.08
N ASP F 328 -5.49 14.48 23.77
CA ASP F 328 -5.68 15.77 24.41
C ASP F 328 -4.63 16.03 25.48
N GLU F 329 -4.19 14.97 26.16
CA GLU F 329 -3.13 15.12 27.16
C GLU F 329 -1.83 15.59 26.51
N VAL F 330 -1.46 14.99 25.38
CA VAL F 330 -0.25 15.40 24.68
C VAL F 330 -0.39 16.83 24.16
N ILE F 331 -1.59 17.17 23.67
CA ILE F 331 -1.82 18.54 23.18
C ILE F 331 -1.64 19.54 24.31
N TYR F 332 -2.24 19.26 25.47
CA TYR F 332 -2.11 20.16 26.61
C TYR F 332 -0.68 20.23 27.11
N GLU F 333 0.06 19.12 27.04
CA GLU F 333 1.45 19.13 27.46
C GLU F 333 2.30 19.97 26.53
N GLU F 334 2.00 19.92 25.22
CA GLU F 334 2.74 20.75 24.28
C GLU F 334 2.33 22.22 24.38
N PHE F 335 1.11 22.49 24.84
CA PHE F 335 0.64 23.85 25.06
C PHE F 335 0.71 24.25 26.53
N LYS F 336 1.63 23.65 27.30
CA LYS F 336 1.65 23.89 28.74
C LYS F 336 2.20 25.27 29.06
N GLY F 337 3.46 25.53 28.70
CA GLY F 337 4.12 26.78 29.02
C GLY F 337 4.18 27.74 27.86
N THR F 338 3.15 27.74 27.03
CA THR F 338 3.13 28.59 25.83
C THR F 338 2.54 29.96 26.09
N GLY F 339 1.43 30.03 26.83
CA GLY F 339 0.76 31.30 27.08
C GLY F 339 1.31 32.03 28.29
N ASN F 340 1.16 33.35 28.26
CA ASN F 340 1.56 34.20 29.38
C ASN F 340 0.39 34.51 30.31
N MET F 341 -0.74 33.84 30.11
CA MET F 341 -1.91 33.96 30.97
C MET F 341 -2.57 32.60 31.04
N GLU F 342 -2.79 32.11 32.27
CA GLU F 342 -3.38 30.79 32.47
C GLU F 342 -4.50 30.89 33.49
N LEU F 343 -5.67 30.33 33.14
CA LEU F 343 -6.83 30.30 34.02
C LEU F 343 -7.30 28.86 34.12
N HIS F 344 -7.13 28.25 35.29
CA HIS F 344 -7.44 26.85 35.49
C HIS F 344 -8.80 26.71 36.18
N LEU F 345 -9.60 25.75 35.70
CA LEU F 345 -10.87 25.42 36.32
C LEU F 345 -10.79 24.05 36.99
N SER F 346 -11.53 23.90 38.09
CA SER F 346 -11.58 22.66 38.84
C SER F 346 -12.98 22.07 38.77
N ARG F 347 -13.07 20.79 38.40
CA ARG F 347 -14.37 20.14 38.33
C ARG F 347 -14.94 19.89 39.72
N LYS F 348 -14.08 19.74 40.73
CA LYS F 348 -14.56 19.50 42.08
C LYS F 348 -15.27 20.71 42.67
N ILE F 349 -14.83 21.92 42.29
CA ILE F 349 -15.55 23.11 42.72
C ILE F 349 -16.90 23.21 42.04
N ALA F 350 -16.98 22.76 40.78
CA ALA F 350 -18.26 22.76 40.08
C ALA F 350 -19.19 21.68 40.62
N GLU F 351 -18.62 20.61 41.21
CA GLU F 351 -19.43 19.60 41.87
C GLU F 351 -20.19 20.17 43.06
N LYS F 352 -19.69 21.26 43.64
CA LYS F 352 -20.35 21.93 44.75
C LYS F 352 -21.37 22.98 44.29
N ARG F 353 -21.61 23.07 42.98
CA ARG F 353 -22.50 24.08 42.40
C ARG F 353 -22.07 25.50 42.79
N VAL F 354 -20.78 25.78 42.61
CA VAL F 354 -20.18 27.07 42.85
C VAL F 354 -19.89 27.72 41.51
N PHE F 355 -20.44 28.91 41.28
CA PHE F 355 -20.52 29.42 39.92
C PHE F 355 -19.15 29.92 39.43
N PRO F 356 -18.32 30.54 40.29
CA PRO F 356 -16.90 30.76 39.89
C PRO F 356 -16.01 29.60 40.31
N ALA F 357 -16.12 28.48 39.59
CA ALA F 357 -15.28 27.32 39.88
C ALA F 357 -13.87 27.48 39.32
N ILE F 358 -13.19 28.57 39.67
CA ILE F 358 -11.82 28.82 39.22
C ILE F 358 -10.83 28.32 40.26
N ASP F 359 -9.82 27.57 39.81
CA ASP F 359 -8.72 27.11 40.66
C ASP F 359 -7.72 28.27 40.82
N TYR F 360 -7.89 29.04 41.89
CA TYR F 360 -7.10 30.26 42.07
C TYR F 360 -5.61 29.97 42.23
N ASN F 361 -5.27 28.89 42.95
CA ASN F 361 -3.87 28.60 43.25
C ASN F 361 -3.07 28.20 42.01
N ARG F 362 -3.71 27.72 40.95
CA ARG F 362 -3.02 27.31 39.74
C ARG F 362 -3.29 28.24 38.57
N SER F 363 -3.67 29.49 38.84
CA SER F 363 -3.95 30.47 37.80
C SER F 363 -3.11 31.72 38.03
N GLY F 364 -2.69 32.34 36.94
CA GLY F 364 -1.88 33.54 37.02
C GLY F 364 -1.32 33.89 35.66
N THR F 365 -0.72 35.09 35.61
CA THR F 365 -0.15 35.63 34.38
C THR F 365 1.31 36.00 34.61
N ARG F 366 2.14 35.76 33.60
CA ARG F 366 3.53 36.20 33.65
C ARG F 366 3.62 37.69 33.35
N LYS F 367 4.62 38.34 33.94
CA LYS F 367 4.85 39.77 33.76
C LYS F 367 3.60 40.59 34.15
N GLU F 368 2.93 40.16 35.22
CA GLU F 368 1.75 40.88 35.68
C GLU F 368 2.09 42.20 36.36
N GLU F 369 3.38 42.52 36.53
CA GLU F 369 3.75 43.77 37.18
C GLU F 369 3.37 44.98 36.33
N LEU F 370 3.46 44.85 35.01
CA LEU F 370 3.20 45.95 34.09
C LEU F 370 1.76 45.98 33.57
N LEU F 371 0.95 44.98 33.89
CA LEU F 371 -0.45 44.97 33.50
C LEU F 371 -1.35 45.66 34.51
N THR F 372 -0.85 45.99 35.69
CA THR F 372 -1.62 46.58 36.77
C THR F 372 -0.94 47.85 37.25
N THR F 373 -1.66 48.64 38.01
CA THR F 373 -1.10 49.87 38.57
C THR F 373 -0.04 49.54 39.62
N GLN F 374 0.75 50.55 39.98
CA GLN F 374 1.81 50.37 40.96
C GLN F 374 1.26 49.89 42.30
N GLU F 375 0.08 50.37 42.69
CA GLU F 375 -0.55 49.98 43.93
C GLU F 375 -1.39 48.72 43.82
N GLU F 376 -1.72 48.28 42.61
CA GLU F 376 -2.51 47.07 42.44
C GLU F 376 -1.70 45.81 42.70
N LEU F 377 -0.38 45.85 42.42
CA LEU F 377 0.44 44.67 42.63
C LEU F 377 0.53 44.30 44.11
N GLN F 378 0.68 45.29 44.98
CA GLN F 378 0.84 45.00 46.41
C GLN F 378 -0.40 44.32 46.99
N LYS F 379 -1.58 44.89 46.73
CA LYS F 379 -2.80 44.33 47.29
C LYS F 379 -3.10 42.95 46.70
N MET F 380 -2.87 42.78 45.39
CA MET F 380 -3.10 41.47 44.78
C MET F 380 -2.14 40.43 45.33
N TRP F 381 -0.88 40.81 45.55
CA TRP F 381 0.07 39.86 46.13
C TRP F 381 -0.29 39.51 47.56
N ILE F 382 -0.77 40.49 48.33
CA ILE F 382 -1.20 40.21 49.70
C ILE F 382 -2.40 39.28 49.70
N LEU F 383 -3.33 39.49 48.77
CA LEU F 383 -4.51 38.62 48.68
C LEU F 383 -4.12 37.21 48.25
N ARG F 384 -3.13 37.09 47.35
CA ARG F 384 -2.70 35.77 46.92
C ARG F 384 -1.89 35.06 48.00
N LYS F 385 -1.22 35.83 48.86
CA LYS F 385 -0.40 35.23 49.91
C LYS F 385 -1.24 34.53 50.97
N ILE F 386 -2.49 34.98 51.17
CA ILE F 386 -3.37 34.34 52.14
C ILE F 386 -4.20 33.23 51.53
N ILE F 387 -4.32 33.18 50.20
CA ILE F 387 -5.03 32.09 49.53
C ILE F 387 -4.12 30.87 49.37
N HIS F 388 -2.80 31.09 49.34
CA HIS F 388 -1.85 30.00 49.17
C HIS F 388 -2.03 28.85 50.16
N PRO F 389 -2.16 29.08 51.47
CA PRO F 389 -2.35 27.94 52.39
C PRO F 389 -3.74 27.35 52.33
N MET F 390 -4.70 27.99 51.67
CA MET F 390 -6.06 27.50 51.61
C MET F 390 -6.15 26.31 50.66
N GLY F 391 -7.35 25.72 50.58
CA GLY F 391 -7.58 24.59 49.71
C GLY F 391 -8.07 25.03 48.33
N GLU F 392 -8.38 24.03 47.51
CA GLU F 392 -8.86 24.31 46.16
C GLU F 392 -10.31 24.80 46.16
N ILE F 393 -11.16 24.17 46.97
CA ILE F 393 -12.56 24.55 47.03
C ILE F 393 -12.82 25.64 48.06
N ASP F 394 -12.15 25.56 49.22
CA ASP F 394 -12.42 26.49 50.31
C ASP F 394 -11.98 27.91 50.00
N ALA F 395 -11.10 28.10 49.01
CA ALA F 395 -10.67 29.45 48.67
C ALA F 395 -11.77 30.20 47.93
N MET F 396 -12.46 29.53 47.01
CA MET F 396 -13.53 30.18 46.26
C MET F 396 -14.73 30.50 47.16
N GLU F 397 -15.02 29.64 48.14
CA GLU F 397 -16.07 29.96 49.10
C GLU F 397 -15.73 31.24 49.86
N PHE F 398 -14.50 31.32 50.36
CA PHE F 398 -14.06 32.51 51.08
C PHE F 398 -14.08 33.75 50.19
N LEU F 399 -13.83 33.57 48.90
CA LEU F 399 -13.88 34.71 47.99
C LEU F 399 -15.32 35.16 47.75
N ILE F 400 -16.19 34.24 47.33
CA ILE F 400 -17.55 34.60 46.94
C ILE F 400 -18.34 35.11 48.12
N ASN F 401 -18.23 34.45 49.28
CA ASN F 401 -19.00 34.92 50.43
C ASN F 401 -18.55 36.28 50.90
N LYS F 402 -17.34 36.70 50.56
CA LYS F 402 -16.82 38.02 50.90
C LYS F 402 -16.86 39.00 49.73
N LEU F 403 -16.85 38.53 48.49
CA LEU F 403 -16.79 39.43 47.34
C LEU F 403 -18.17 39.98 46.97
N ALA F 404 -19.24 39.24 47.25
CA ALA F 404 -20.57 39.70 46.87
C ALA F 404 -21.07 40.85 47.75
N MET F 405 -20.27 41.30 48.71
CA MET F 405 -20.64 42.40 49.59
C MET F 405 -20.09 43.73 49.12
N THR F 406 -18.83 43.77 48.70
CA THR F 406 -18.14 45.00 48.33
C THR F 406 -17.66 44.93 46.88
N LYS F 407 -16.94 45.98 46.47
CA LYS F 407 -16.35 46.09 45.15
C LYS F 407 -14.88 45.67 45.20
N THR F 408 -14.14 45.95 44.11
CA THR F 408 -12.74 45.54 44.03
C THR F 408 -11.85 46.40 44.93
N ASN F 409 -11.80 47.71 44.65
CA ASN F 409 -10.88 48.58 45.37
C ASN F 409 -11.24 48.67 46.85
N ASP F 410 -12.51 48.85 47.16
CA ASP F 410 -12.98 48.88 48.55
C ASP F 410 -13.45 47.50 49.00
N ASP F 411 -12.61 46.48 48.79
CA ASP F 411 -12.98 45.12 49.16
C ASP F 411 -12.74 44.86 50.64
N PHE F 412 -11.48 44.96 51.07
CA PHE F 412 -11.10 44.74 52.46
C PHE F 412 -10.59 46.01 53.11
N PHE F 413 -10.70 47.16 52.44
CA PHE F 413 -10.19 48.41 52.99
C PHE F 413 -10.99 48.84 54.20
N GLU F 414 -12.32 48.80 54.12
CA GLU F 414 -13.16 49.20 55.24
C GLU F 414 -13.06 48.21 56.39
N MET F 415 -12.92 46.92 56.09
CA MET F 415 -12.83 45.90 57.13
C MET F 415 -11.52 46.00 57.90
N MET F 416 -10.48 46.57 57.31
CA MET F 416 -9.19 46.74 57.99
C MET F 416 -9.13 48.05 58.76
N LYS F 417 -9.40 49.17 58.08
CA LYS F 417 -9.41 50.50 58.68
C LYS F 417 -8.08 50.82 59.38
PG ATP G . 3.11 29.81 -15.18
O1G ATP G . 4.35 29.02 -15.49
O2G ATP G . 3.32 31.21 -14.68
O3G ATP G . 1.99 29.66 -16.20
PB ATP G . 3.34 28.99 -12.51
O1B ATP G . 4.63 28.24 -12.71
O2B ATP G . 2.30 28.49 -11.56
O3B ATP G . 2.51 29.08 -13.88
PA ATP G . 4.54 30.84 -10.80
O1A ATP G . 5.93 30.32 -11.08
O2A ATP G . 3.81 30.38 -9.56
O3A ATP G . 3.64 30.52 -12.10
O5' ATP G . 4.60 32.45 -10.77
C5' ATP G . 5.57 33.09 -9.94
C4' ATP G . 4.95 33.31 -8.57
O4' ATP G . 5.76 34.15 -7.75
C3' ATP G . 3.58 33.97 -8.68
O3' ATP G . 2.61 33.15 -8.01
C2' ATP G . 3.72 35.28 -7.93
O2' ATP G . 2.55 35.55 -7.17
C1' ATP G . 4.91 35.04 -7.01
N9 ATP G . 5.63 36.30 -6.67
C8 ATP G . 6.96 36.39 -6.50
N7 ATP G . 7.32 37.66 -6.17
C5 ATP G . 6.21 38.40 -6.10
C6 ATP G . 5.89 39.81 -5.80
N6 ATP G . 6.86 40.70 -5.49
N1 ATP G . 4.59 40.18 -5.83
C2 ATP G . 3.61 39.32 -6.13
N3 ATP G . 3.84 38.02 -6.41
C4 ATP G . 5.09 37.50 -6.41
PG ATP H . 26.12 10.00 -5.75
O1G ATP H . 25.51 9.50 -7.03
O2G ATP H . 26.15 11.50 -5.64
O3G ATP H . 25.65 9.30 -4.49
PB ATP H . 28.63 9.84 -4.60
O1B ATP H . 28.35 11.25 -4.14
O2B ATP H . 28.48 8.68 -3.62
O3B ATP H . 27.67 9.56 -5.85
PA ATP H . 31.47 9.89 -4.31
O1A ATP H . 31.55 8.70 -3.40
O2A ATP H . 32.59 10.19 -5.27
O3A ATP H . 30.12 9.76 -5.21
O5' ATP H . 31.27 11.22 -3.43
C5' ATP H . 30.55 11.27 -2.19
C4' ATP H . 30.59 12.69 -1.67
O4' ATP H . 31.12 12.64 -0.35
C3' ATP H . 31.53 13.54 -2.50
O3' ATP H . 31.00 14.86 -2.63
C2' ATP H . 32.84 13.58 -1.72
O2' ATP H . 33.31 14.93 -1.64
C1' ATP H . 32.48 13.07 -0.33
N9 ATP H . 33.32 11.89 0.03
C8 ATP H . 32.97 10.61 -0.14
N7 ATP H . 33.93 9.75 0.29
C5 ATP H . 34.93 10.52 0.77
C6 ATP H . 36.25 10.25 1.38
N6 ATP H . 36.70 8.99 1.57
N1 ATP H . 36.99 11.33 1.75
C2 ATP H . 36.55 12.59 1.57
N3 ATP H . 35.36 12.90 1.01
C4 ATP H . 34.52 11.92 0.60
PG ATP I . 22.46 -17.96 4.61
O1G ATP I . 23.60 -17.87 3.61
O2G ATP I . 21.48 -19.07 4.31
O3G ATP I . 21.82 -16.65 4.96
PB ATP I . 23.61 -19.93 6.28
O1B ATP I . 23.50 -20.73 5.00
O2B ATP I . 22.88 -20.37 7.53
O3B ATP I . 23.20 -18.41 5.97
PA ATP I . 26.00 -20.90 7.45
O1A ATP I . 26.40 -22.02 6.53
O2A ATP I . 25.25 -21.18 8.72
O3A ATP I . 25.17 -19.78 6.64
O5' ATP I . 27.29 -20.04 7.87
C5' ATP I . 27.07 -18.84 8.59
C4' ATP I . 27.77 -18.93 9.94
O4' ATP I . 27.34 -20.11 10.63
C3' ATP I . 29.27 -19.01 9.79
O3' ATP I . 29.86 -17.96 10.56
C2' ATP I . 29.66 -20.35 10.40
O2' ATP I . 30.86 -20.22 11.19
C1' ATP I . 28.48 -20.66 11.29
N9 ATP I . 28.32 -22.10 11.62
C8 ATP I . 27.47 -22.97 11.04
N7 ATP I . 27.58 -24.20 11.61
C5 ATP I . 28.51 -24.12 12.58
C6 ATP I . 29.12 -25.03 13.59
N6 ATP I . 28.75 -26.33 13.67
N1 ATP I . 30.06 -24.53 14.41
C2 ATP I . 30.44 -23.25 14.35
N3 ATP I . 29.93 -22.37 13.48
C4 ATP I . 28.98 -22.73 12.59
PG ATP J . -3.01 -27.16 16.21
O1G ATP J . -2.69 -26.08 17.21
O2G ATP J . -1.85 -27.57 15.33
O3G ATP J . -4.31 -26.97 15.47
PB ATP J . -4.50 -28.56 18.14
O1B ATP J . -4.61 -27.27 18.91
O2B ATP J . -5.71 -29.09 17.40
O3B ATP J . -3.26 -28.46 17.12
PA ATP J . -4.71 -31.09 19.38
O1A ATP J . -4.44 -31.98 18.19
O2A ATP J . -6.13 -30.87 19.83
O3A ATP J . -3.96 -29.68 19.14
O5' ATP J . -3.83 -31.64 20.60
C5' ATP J . -2.96 -32.75 20.39
C4' ATP J . -1.91 -32.78 21.48
O4' ATP J . -2.47 -32.28 22.70
C3' ATP J . -1.47 -34.20 21.73
O3' ATP J . -0.08 -34.22 22.02
C2' ATP J . -2.27 -34.63 22.94
O2' ATP J . -1.44 -35.41 23.82
C1' ATP J . -2.72 -33.35 23.62
N9 ATP J . -4.17 -33.36 23.88
C8 ATP J . -5.07 -32.63 23.21
N7 ATP J . -6.33 -32.83 23.68
C5 ATP J . -6.23 -33.70 24.71
C6 ATP J . -7.18 -34.34 25.64
N6 ATP J . -8.50 -34.07 25.57
N1 ATP J . -6.67 -35.19 26.56
C2 ATP J . -5.35 -35.45 26.63
N3 ATP J . -4.44 -34.91 25.81
C4 ATP J . -4.81 -34.04 24.84
PG ATP K . -24.64 -8.16 24.31
O1G ATP K . -23.69 -8.56 25.40
O2G ATP K . -24.10 -7.13 23.34
O3G ATP K . -25.34 -9.32 23.64
PB ATP K . -26.20 -7.73 26.60
O1B ATP K . -25.54 -6.70 27.47
O2B ATP K . -25.94 -9.20 26.83
O3B ATP K . -25.84 -7.41 25.06
PA ATP K . -28.90 -8.26 27.40
O1A ATP K . -29.69 -9.07 26.41
O2A ATP K . -29.61 -7.29 28.31
O3A ATP K . -27.78 -7.43 26.58
O5' ATP K . -28.10 -9.30 28.34
C5' ATP K . -28.35 -9.34 29.74
C4' ATP K . -29.08 -10.62 30.13
O4' ATP K . -29.54 -10.46 31.48
C3' ATP K . -30.31 -10.86 29.26
O3' ATP K . -30.16 -12.07 28.51
C2' ATP K . -31.49 -10.95 30.21
O2' ATP K . -31.95 -12.30 30.27
C1' ATP K . -30.98 -10.51 31.56
N9 ATP K . -31.48 -9.14 31.85
C8 ATP K . -30.90 -8.00 31.44
N7 ATP K . -31.58 -6.91 31.87
C5 ATP K . -32.63 -7.35 32.58
C6 ATP K . -33.75 -6.73 33.31
N6 ATP K . -33.89 -5.37 33.36
N1 ATP K . -34.64 -7.54 33.92
C2 ATP K . -34.51 -8.88 33.87
N3 ATP K . -33.52 -9.52 33.23
C4 ATP K . -32.56 -8.82 32.57
PG ATP L . -18.37 20.15 28.42
O1G ATP L . -18.30 18.71 28.87
O2G ATP L . -19.62 20.52 27.66
O3G ATP L . -17.08 20.66 27.80
PB ATP L . -18.50 22.60 29.84
O1B ATP L . -18.13 23.10 28.47
O2B ATP L . -17.71 23.05 31.04
O3B ATP L . -18.53 20.98 29.79
PA ATP L . -20.81 22.90 31.48
O1A ATP L . -22.08 22.08 31.33
O2A ATP L . -19.84 22.54 32.58
O3A ATP L . -20.07 22.88 30.04
O5' ATP L . -21.23 24.43 31.72
C5' ATP L . -22.33 24.66 32.60
C4' ATP L . -21.90 24.50 34.05
O4' ATP L . -21.29 25.69 34.53
C3' ATP L . -23.10 24.22 34.94
O3' ATP L . -22.79 23.18 35.87
C2' ATP L . -23.32 25.52 35.68
O2' ATP L . -23.78 25.27 37.01
C1' ATP L . -21.96 26.17 35.70
N9 ATP L . -21.99 27.67 35.65
C8 ATP L . -20.92 28.42 35.35
N7 ATP L . -21.20 29.74 35.39
C5 ATP L . -22.50 29.86 35.74
C6 ATP L . -23.44 30.99 35.95
N6 ATP L . -23.05 32.27 35.80
N1 ATP L . -24.72 30.69 36.28
C2 ATP L . -25.13 29.42 36.44
N3 ATP L . -24.33 28.35 36.25
C4 ATP L . -23.02 28.49 35.91
#